data_4IZ5
#
_entry.id   4IZ5
#
_cell.length_a   80.801
_cell.length_b   149.129
_cell.length_c   98.869
_cell.angle_alpha   90.00
_cell.angle_beta   90.41
_cell.angle_gamma   90.00
#
_symmetry.space_group_name_H-M   'P 1 21 1'
#
loop_
_entity.id
_entity.type
_entity.pdbx_description
1 polymer 'Mitogen-activated protein kinase 1'
2 polymer 'Astrocytic phosphoprotein PEA-15'
3 non-polymer "ADENOSINE-5'-DIPHOSPHATE"
4 non-polymer 'SULFATE ION'
#
loop_
_entity_poly.entity_id
_entity_poly.type
_entity_poly.pdbx_seq_one_letter_code
_entity_poly.pdbx_strand_id
1 'polypeptide(L)'
;GPGGAGPEMVRGQVFDVGPRYTNLSYIGEGAYGMVCSAYDNVNKVRVAIKKISPFEHQTYCQRTLREIKILLRFRHENII
GINDIIRAPTIEQMKDVYIVQDLMETDLYKLLKTQHLSNDHICYFLYQILRGLKYIHSANVLHRDLKPSNLLLNTTCDLK
ICDFGLARVADPDHDHTGFLEEYVATRWYRAPEIMLNSKGYTKSIDIWSVGCILAEMLSNRPIFPGKHYLDQLNHILGIL
GSPSQEDLNCIINLKARNYLLSLPHKNKVPWNRLFPNADSKALDLLDKMLTFNPHKRIEVEQALAHPYLEQYYDPSDEPI
AEAPFKFDMELDDLPKEKLKELIFEETARFQPGYRS
;
A,B,C,D
2 'polypeptide(L)'
;GSHMAEYGTLLQDLTNNITLEDLEQLKSACKEDIPSEKSEEITTGSAWFSFLESHNKLDKDNLSYIEHIFEISRRPDLLT
MVVDYRTRVLKISEEDELDTKLTRIPSAKKYKDIIRQPSEEEIIKLAPPPKKA
;
E,F,G,H
#
loop_
_chem_comp.id
_chem_comp.type
_chem_comp.name
_chem_comp.formula
ADP non-polymer ADENOSINE-5'-DIPHOSPHATE 'C10 H15 N5 O10 P2'
SO4 non-polymer 'SULFATE ION' 'O4 S -2'
#
# COMPACT_ATOMS: atom_id res chain seq x y z
N PRO A 7 2.65 3.82 -23.43
CA PRO A 7 2.68 5.28 -23.27
C PRO A 7 1.31 5.84 -22.86
N GLU A 8 1.17 6.20 -21.59
CA GLU A 8 -0.07 6.75 -21.06
C GLU A 8 -0.58 7.87 -21.96
N MET A 9 -1.82 7.75 -22.42
CA MET A 9 -2.35 8.72 -23.39
C MET A 9 -3.80 9.17 -23.20
N VAL A 10 -4.00 10.48 -23.33
CA VAL A 10 -5.27 11.15 -23.09
C VAL A 10 -5.93 11.65 -24.37
N ARG A 11 -7.18 11.21 -24.57
CA ARG A 11 -8.05 11.67 -25.66
C ARG A 11 -7.39 11.46 -27.03
N GLY A 12 -6.90 10.24 -27.24
CA GLY A 12 -6.34 9.84 -28.53
C GLY A 12 -4.96 10.39 -28.85
N GLN A 13 -4.39 11.15 -27.91
CA GLN A 13 -3.08 11.78 -28.10
C GLN A 13 -2.03 11.20 -27.16
N VAL A 14 -0.78 11.11 -27.62
CA VAL A 14 0.31 10.56 -26.80
C VAL A 14 0.77 11.60 -25.77
N PHE A 15 0.72 11.21 -24.50
CA PHE A 15 1.08 12.08 -23.38
C PHE A 15 2.08 11.37 -22.47
N ASP A 16 3.28 11.13 -23.01
CA ASP A 16 4.30 10.32 -22.36
C ASP A 16 4.99 11.02 -21.19
N VAL A 17 4.30 11.13 -20.06
CA VAL A 17 4.83 11.86 -18.90
C VAL A 17 5.48 10.97 -17.87
N GLY A 18 6.07 9.88 -18.34
CA GLY A 18 6.95 9.03 -17.54
C GLY A 18 6.29 8.35 -16.35
N PRO A 19 7.11 7.69 -15.51
CA PRO A 19 6.60 6.97 -14.35
C PRO A 19 6.27 7.89 -13.17
N ARG A 20 6.78 9.11 -13.21
CA ARG A 20 6.57 10.09 -12.13
C ARG A 20 5.16 10.68 -12.13
N TYR A 21 4.69 11.11 -13.29
CA TYR A 21 3.40 11.75 -13.42
C TYR A 21 2.36 10.78 -13.96
N THR A 22 1.34 10.49 -13.15
CA THR A 22 0.31 9.51 -13.51
C THR A 22 -1.11 10.07 -13.31
N ASN A 23 -2.11 9.22 -13.56
CA ASN A 23 -3.54 9.58 -13.45
C ASN A 23 -3.88 10.90 -14.14
N LEU A 24 -3.71 10.92 -15.47
CA LEU A 24 -3.93 12.10 -16.30
C LEU A 24 -5.40 12.44 -16.45
N SER A 25 -5.69 13.74 -16.49
CA SER A 25 -7.03 14.23 -16.79
C SER A 25 -6.94 15.41 -17.76
N TYR A 26 -7.68 15.30 -18.86
CA TYR A 26 -7.76 16.39 -19.85
C TYR A 26 -8.31 17.67 -19.21
N ILE A 27 -7.50 18.72 -19.21
CA ILE A 27 -7.94 20.02 -18.73
C ILE A 27 -8.55 20.84 -19.87
N GLY A 28 -7.83 20.95 -20.97
CA GLY A 28 -8.28 21.74 -22.13
C GLY A 28 -7.22 21.91 -23.21
N GLU A 29 -7.63 22.46 -24.35
CA GLU A 29 -6.72 22.71 -25.46
C GLU A 29 -6.15 24.11 -25.38
N GLY A 30 -4.82 24.19 -25.43
CA GLY A 30 -4.11 25.43 -25.22
C GLY A 30 -3.44 26.00 -26.45
N ALA A 31 -2.51 26.92 -26.22
CA ALA A 31 -1.80 27.63 -27.28
C ALA A 31 -0.61 26.83 -27.81
N TYR A 32 -0.19 25.83 -27.04
CA TYR A 32 0.94 24.98 -27.42
C TYR A 32 0.44 23.59 -27.80
N GLY A 33 -0.74 23.26 -27.31
CA GLY A 33 -1.34 21.95 -27.54
C GLY A 33 -2.17 21.55 -26.36
N MET A 34 -2.24 20.26 -26.10
CA MET A 34 -3.04 19.70 -25.02
C MET A 34 -2.51 20.09 -23.63
N VAL A 35 -3.44 20.35 -22.71
CA VAL A 35 -3.11 20.59 -21.30
C VAL A 35 -3.79 19.54 -20.43
N CYS A 36 -3.03 18.96 -19.51
CA CYS A 36 -3.56 17.94 -18.60
C CYS A 36 -3.20 18.25 -17.17
N SER A 37 -3.97 17.68 -16.24
CA SER A 37 -3.54 17.61 -14.87
C SER A 37 -2.97 16.22 -14.66
N ALA A 38 -2.02 16.10 -13.75
CA ALA A 38 -1.43 14.81 -13.44
C ALA A 38 -1.04 14.76 -11.97
N TYR A 39 -1.05 13.56 -11.40
CA TYR A 39 -0.54 13.37 -10.05
C TYR A 39 0.99 13.25 -10.05
N ASP A 40 1.65 14.19 -9.38
CA ASP A 40 3.11 14.15 -9.21
C ASP A 40 3.44 13.23 -8.05
N ASN A 41 3.93 12.03 -8.37
CA ASN A 41 4.22 11.00 -7.36
C ASN A 41 5.38 11.32 -6.43
N VAL A 42 6.17 12.34 -6.77
CA VAL A 42 7.29 12.76 -5.94
C VAL A 42 6.83 13.79 -4.91
N ASN A 43 6.05 14.78 -5.36
CA ASN A 43 5.62 15.87 -4.48
C ASN A 43 4.24 15.66 -3.88
N LYS A 44 3.64 14.51 -4.18
CA LYS A 44 2.32 14.11 -3.66
C LYS A 44 1.19 15.16 -3.88
N VAL A 45 1.19 15.77 -5.06
CA VAL A 45 0.14 16.73 -5.46
C VAL A 45 -0.20 16.62 -6.95
N ARG A 46 -1.37 17.13 -7.32
CA ARG A 46 -1.74 17.23 -8.73
C ARG A 46 -1.12 18.47 -9.36
N VAL A 47 -0.47 18.28 -10.52
CA VAL A 47 0.18 19.38 -11.24
C VAL A 47 -0.48 19.57 -12.60
N ALA A 48 -0.13 20.68 -13.27
CA ALA A 48 -0.56 20.93 -14.64
C ALA A 48 0.56 20.62 -15.63
N ILE A 49 0.24 19.89 -16.71
CA ILE A 49 1.23 19.54 -17.74
C ILE A 49 0.81 20.00 -19.16
N LYS A 50 1.65 20.82 -19.77
CA LYS A 50 1.47 21.28 -21.15
C LYS A 50 2.35 20.47 -22.10
N LYS A 51 1.72 19.87 -23.12
CA LYS A 51 2.48 19.22 -24.20
C LYS A 51 2.73 20.21 -25.31
N ILE A 52 4.00 20.38 -25.65
CA ILE A 52 4.40 21.23 -26.77
C ILE A 52 5.04 20.33 -27.82
N SER A 53 4.45 20.31 -29.00
CA SER A 53 4.90 19.36 -30.02
C SER A 53 5.51 20.01 -31.28
N PRO A 54 5.10 19.56 -32.49
CA PRO A 54 6.01 19.57 -33.66
C PRO A 54 7.03 20.72 -33.72
N PHE A 55 8.31 20.33 -33.74
CA PHE A 55 9.41 21.27 -33.91
C PHE A 55 9.84 21.35 -35.36
N GLU A 56 8.83 21.37 -36.23
CA GLU A 56 9.00 21.35 -37.68
C GLU A 56 8.75 22.72 -38.30
N HIS A 57 8.28 23.66 -37.47
CA HIS A 57 8.03 25.03 -37.89
C HIS A 57 8.90 25.94 -37.07
N GLN A 58 9.57 26.89 -37.74
CA GLN A 58 10.56 27.76 -37.09
C GLN A 58 9.98 28.68 -36.00
N THR A 59 8.92 29.41 -36.33
CA THR A 59 8.34 30.36 -35.38
C THR A 59 7.71 29.67 -34.16
N TYR A 60 7.37 28.40 -34.32
CA TYR A 60 6.83 27.62 -33.20
C TYR A 60 7.94 27.20 -32.24
N CYS A 61 9.13 26.93 -32.79
CA CYS A 61 10.30 26.63 -31.98
C CYS A 61 10.74 27.88 -31.23
N GLN A 62 10.65 29.01 -31.93
CA GLN A 62 10.85 30.32 -31.33
C GLN A 62 9.93 30.48 -30.12
N ARG A 63 8.64 30.35 -30.38
CA ARG A 63 7.60 30.45 -29.36
C ARG A 63 7.90 29.58 -28.14
N THR A 64 8.49 28.41 -28.39
CA THR A 64 8.82 27.44 -27.33
C THR A 64 10.05 27.86 -26.52
N LEU A 65 11.09 28.32 -27.21
CA LEU A 65 12.32 28.75 -26.56
C LEU A 65 12.06 29.95 -25.67
N ARG A 66 11.32 30.93 -26.20
CA ARG A 66 10.96 32.10 -25.40
C ARG A 66 10.25 31.63 -24.14
N GLU A 67 9.19 30.87 -24.32
CA GLU A 67 8.36 30.38 -23.22
C GLU A 67 9.20 29.66 -22.15
N ILE A 68 10.14 28.83 -22.59
CA ILE A 68 11.03 28.13 -21.68
C ILE A 68 12.06 29.11 -21.09
N LYS A 69 12.98 29.62 -21.92
CA LYS A 69 14.10 30.44 -21.47
C LYS A 69 13.71 31.51 -20.46
N ILE A 70 12.64 32.24 -20.75
CA ILE A 70 12.18 33.34 -19.91
C ILE A 70 11.57 32.83 -18.60
N LEU A 71 10.66 31.86 -18.71
CA LEU A 71 9.94 31.32 -17.55
C LEU A 71 10.90 30.62 -16.59
N LEU A 72 11.99 30.09 -17.16
CA LEU A 72 12.96 29.29 -16.43
C LEU A 72 13.98 30.13 -15.68
N ARG A 73 14.11 31.42 -16.04
CA ARG A 73 15.01 32.30 -15.30
C ARG A 73 14.27 33.39 -14.52
N PHE A 74 12.96 33.20 -14.36
CA PHE A 74 12.14 34.09 -13.55
C PHE A 74 11.76 33.40 -12.24
N ARG A 75 11.92 34.11 -11.13
CA ARG A 75 11.45 33.64 -9.84
C ARG A 75 10.61 34.73 -9.19
N HIS A 76 9.31 34.64 -9.38
CA HIS A 76 8.39 35.64 -8.83
C HIS A 76 7.10 35.02 -8.40
N GLU A 77 6.56 35.55 -7.30
CA GLU A 77 5.30 35.09 -6.72
C GLU A 77 4.14 35.16 -7.72
N ASN A 78 4.13 36.22 -8.55
CA ASN A 78 3.05 36.46 -9.51
C ASN A 78 3.33 36.04 -10.95
N ILE A 79 4.33 35.18 -11.15
CA ILE A 79 4.59 34.56 -12.44
C ILE A 79 4.61 33.04 -12.25
N ILE A 80 3.86 32.33 -13.07
CA ILE A 80 3.89 30.87 -13.06
C ILE A 80 5.30 30.41 -13.35
N GLY A 81 5.74 29.39 -12.63
CA GLY A 81 7.09 28.84 -12.83
C GLY A 81 7.03 27.47 -13.46
N ILE A 82 8.13 27.04 -14.04
CA ILE A 82 8.25 25.68 -14.56
C ILE A 82 8.87 24.81 -13.47
N ASN A 83 8.15 23.75 -13.09
CA ASN A 83 8.60 22.85 -12.03
C ASN A 83 9.40 21.67 -12.57
N ASP A 84 9.11 21.27 -13.80
CA ASP A 84 9.80 20.18 -14.46
C ASP A 84 9.61 20.29 -15.96
N ILE A 85 10.54 19.72 -16.71
CA ILE A 85 10.39 19.55 -18.15
C ILE A 85 10.77 18.12 -18.51
N ILE A 86 9.87 17.45 -19.23
CA ILE A 86 10.14 16.10 -19.73
C ILE A 86 10.43 16.16 -21.23
N ARG A 87 11.51 15.50 -21.64
CA ARG A 87 11.85 15.34 -23.04
C ARG A 87 12.75 14.11 -23.24
N ALA A 88 12.80 13.62 -24.47
CA ALA A 88 13.65 12.48 -24.82
C ALA A 88 15.13 12.77 -24.52
N PRO A 89 15.88 11.74 -24.07
CA PRO A 89 17.30 11.90 -23.73
C PRO A 89 18.18 12.41 -24.88
N THR A 90 17.95 11.93 -26.10
CA THR A 90 18.72 12.36 -27.27
C THR A 90 17.98 13.42 -28.08
N ILE A 91 18.74 14.29 -28.76
CA ILE A 91 18.17 15.39 -29.55
C ILE A 91 17.35 14.90 -30.77
N GLU A 92 17.80 13.81 -31.39
CA GLU A 92 17.12 13.24 -32.54
C GLU A 92 15.76 12.66 -32.15
N GLN A 93 15.68 12.13 -30.93
CA GLN A 93 14.46 11.54 -30.41
C GLN A 93 13.46 12.56 -29.85
N MET A 94 13.92 13.77 -29.60
CA MET A 94 13.08 14.82 -29.03
C MET A 94 12.16 15.42 -30.08
N LYS A 95 10.96 14.86 -30.20
CA LYS A 95 9.95 15.40 -31.13
C LYS A 95 8.90 16.25 -30.42
N ASP A 96 8.76 16.05 -29.12
CA ASP A 96 7.91 16.92 -28.29
C ASP A 96 8.51 17.18 -26.91
N VAL A 97 7.96 18.18 -26.22
CA VAL A 97 8.46 18.61 -24.92
C VAL A 97 7.28 18.88 -23.98
N TYR A 98 7.34 18.32 -22.77
CA TYR A 98 6.30 18.53 -21.79
C TYR A 98 6.76 19.51 -20.71
N ILE A 99 5.99 20.59 -20.55
CA ILE A 99 6.25 21.57 -19.49
C ILE A 99 5.31 21.27 -18.31
N VAL A 100 5.89 21.22 -17.11
CA VAL A 100 5.12 20.94 -15.89
C VAL A 100 5.08 22.17 -14.97
N GLN A 101 3.88 22.65 -14.67
CA GLN A 101 3.68 23.84 -13.85
C GLN A 101 2.76 23.57 -12.66
N ASP A 102 2.64 24.56 -11.78
CA ASP A 102 1.66 24.54 -10.69
C ASP A 102 0.25 24.44 -11.27
N LEU A 103 -0.55 23.52 -10.73
CA LEU A 103 -1.95 23.41 -11.13
C LEU A 103 -2.74 24.55 -10.52
N MET A 104 -3.32 25.39 -11.38
CA MET A 104 -4.11 26.54 -10.96
C MET A 104 -5.58 26.28 -11.19
N GLU A 105 -6.41 26.72 -10.25
CA GLU A 105 -7.86 26.43 -10.31
C GLU A 105 -8.59 27.05 -11.51
N THR A 106 -8.27 28.30 -11.82
CA THR A 106 -8.95 29.02 -12.91
C THR A 106 -8.07 30.12 -13.53
N ASP A 107 -8.59 30.79 -14.55
CA ASP A 107 -7.98 32.01 -15.07
C ASP A 107 -8.98 33.17 -15.11
N LEU A 108 -8.49 34.40 -15.23
CA LEU A 108 -9.34 35.59 -15.12
C LEU A 108 -10.41 35.68 -16.21
N TYR A 109 -10.17 35.01 -17.33
CA TYR A 109 -11.16 34.94 -18.41
C TYR A 109 -12.36 34.12 -17.96
N LYS A 110 -12.08 32.95 -17.39
CA LYS A 110 -13.11 32.06 -16.87
C LYS A 110 -13.86 32.70 -15.71
N LEU A 111 -13.13 33.54 -14.96
CA LEU A 111 -13.65 34.17 -13.77
C LEU A 111 -14.61 35.31 -14.10
N LEU A 112 -14.21 36.18 -15.03
CA LEU A 112 -15.06 37.29 -15.48
C LEU A 112 -16.26 36.77 -16.27
N LYS A 113 -16.12 35.56 -16.82
CA LYS A 113 -17.17 34.85 -17.53
C LYS A 113 -18.31 34.45 -16.59
N THR A 114 -18.00 34.26 -15.30
CA THR A 114 -18.99 33.80 -14.31
C THR A 114 -19.34 34.85 -13.24
N GLN A 115 -18.35 35.33 -12.50
CA GLN A 115 -18.56 36.32 -11.44
C GLN A 115 -18.65 37.73 -11.99
N HIS A 116 -19.28 38.61 -11.22
CA HIS A 116 -19.05 40.04 -11.34
C HIS A 116 -18.25 40.41 -10.13
N LEU A 117 -17.08 41.01 -10.34
CA LEU A 117 -16.14 41.24 -9.24
C LEU A 117 -16.41 42.49 -8.41
N SER A 118 -16.20 42.36 -7.11
CA SER A 118 -16.27 43.49 -6.18
C SER A 118 -15.05 44.38 -6.39
N ASN A 119 -15.20 45.67 -6.08
CA ASN A 119 -14.10 46.63 -6.18
C ASN A 119 -12.84 46.16 -5.43
N ASP A 120 -13.05 45.57 -4.26
CA ASP A 120 -11.97 45.05 -3.42
C ASP A 120 -11.19 43.95 -4.12
N HIS A 121 -11.90 43.01 -4.76
CA HIS A 121 -11.26 41.92 -5.50
C HIS A 121 -10.46 42.43 -6.66
N ILE A 122 -11.05 43.33 -7.46
CA ILE A 122 -10.38 43.94 -8.60
C ILE A 122 -9.06 44.58 -8.19
N CYS A 123 -9.13 45.40 -7.14
CA CYS A 123 -7.96 46.12 -6.63
C CYS A 123 -6.78 45.20 -6.37
N TYR A 124 -7.01 44.12 -5.62
CA TYR A 124 -5.97 43.15 -5.29
C TYR A 124 -5.41 42.46 -6.52
N PHE A 125 -6.30 42.07 -7.44
CA PHE A 125 -5.88 41.44 -8.69
C PHE A 125 -5.03 42.38 -9.54
N LEU A 126 -5.47 43.63 -9.67
CA LEU A 126 -4.74 44.64 -10.41
C LEU A 126 -3.35 44.81 -9.83
N TYR A 127 -3.27 44.92 -8.50
CA TYR A 127 -2.01 45.06 -7.81
C TYR A 127 -1.06 43.93 -8.17
N GLN A 128 -1.53 42.69 -8.08
CA GLN A 128 -0.72 41.51 -8.38
C GLN A 128 -0.23 41.48 -9.83
N ILE A 129 -1.12 41.83 -10.76
CA ILE A 129 -0.76 41.97 -12.18
C ILE A 129 0.43 42.95 -12.30
N LEU A 130 0.25 44.14 -11.71
CA LEU A 130 1.29 45.17 -11.75
C LEU A 130 2.54 44.79 -10.97
N ARG A 131 2.35 44.10 -9.85
CA ARG A 131 3.48 43.63 -9.04
C ARG A 131 4.31 42.64 -9.84
N GLY A 132 3.65 41.72 -10.52
CA GLY A 132 4.33 40.75 -11.38
C GLY A 132 4.95 41.43 -12.58
N LEU A 133 4.27 42.44 -13.10
CA LEU A 133 4.75 43.17 -14.27
C LEU A 133 6.01 43.99 -13.97
N LYS A 134 6.03 44.68 -12.84
CA LYS A 134 7.21 45.45 -12.41
C LYS A 134 8.44 44.57 -12.51
N TYR A 135 8.27 43.31 -12.15
CA TYR A 135 9.35 42.34 -12.20
C TYR A 135 9.70 41.99 -13.66
N ILE A 136 8.69 41.69 -14.46
CA ILE A 136 8.90 41.36 -15.86
C ILE A 136 9.67 42.47 -16.57
N HIS A 137 9.28 43.71 -16.30
CA HIS A 137 9.88 44.86 -16.95
C HIS A 137 11.28 45.14 -16.49
N SER A 138 11.55 44.92 -15.20
CA SER A 138 12.88 45.16 -14.65
C SER A 138 13.87 44.14 -15.18
N ALA A 139 13.35 43.07 -15.77
CA ALA A 139 14.17 42.06 -16.45
C ALA A 139 14.43 42.49 -17.90
N ASN A 140 13.91 43.65 -18.27
CA ASN A 140 14.02 44.20 -19.63
C ASN A 140 13.18 43.40 -20.64
N VAL A 141 12.05 42.89 -20.19
CA VAL A 141 11.23 41.96 -20.98
C VAL A 141 9.84 42.52 -21.28
N LEU A 142 9.39 42.30 -22.51
CA LEU A 142 8.05 42.67 -22.92
C LEU A 142 7.20 41.41 -23.06
N HIS A 143 6.09 41.33 -22.34
CA HIS A 143 5.19 40.18 -22.39
C HIS A 143 4.47 40.11 -23.70
N ARG A 144 3.80 41.20 -24.06
CA ARG A 144 3.14 41.37 -25.36
C ARG A 144 1.82 40.61 -25.52
N ASP A 145 1.47 39.78 -24.54
CA ASP A 145 0.25 38.98 -24.60
C ASP A 145 -0.55 38.99 -23.31
N LEU A 146 -0.57 40.13 -22.63
CA LEU A 146 -1.32 40.26 -21.38
C LEU A 146 -2.81 40.31 -21.65
N LYS A 147 -3.50 39.28 -21.17
CA LYS A 147 -4.96 39.16 -21.31
C LYS A 147 -5.54 38.34 -20.15
N PRO A 148 -6.86 38.37 -19.94
CA PRO A 148 -7.49 37.65 -18.82
C PRO A 148 -7.13 36.16 -18.79
N SER A 149 -7.15 35.53 -19.96
CA SER A 149 -6.85 34.11 -20.11
C SER A 149 -5.39 33.76 -19.81
N ASN A 150 -4.53 34.78 -19.74
CA ASN A 150 -3.13 34.59 -19.39
C ASN A 150 -2.83 34.93 -17.94
N LEU A 151 -3.89 35.09 -17.14
CA LEU A 151 -3.74 35.41 -15.71
C LEU A 151 -4.41 34.33 -14.87
N LEU A 152 -3.59 33.44 -14.31
CA LEU A 152 -4.08 32.27 -13.62
C LEU A 152 -4.32 32.54 -12.14
N LEU A 153 -5.48 32.12 -11.63
CA LEU A 153 -5.79 32.21 -10.20
C LEU A 153 -6.05 30.87 -9.56
N ASN A 154 -6.05 30.85 -8.22
CA ASN A 154 -6.85 29.91 -7.43
C ASN A 154 -7.64 30.70 -6.39
N THR A 155 -8.64 30.07 -5.78
CA THR A 155 -9.65 30.79 -4.98
C THR A 155 -9.12 31.53 -3.74
N THR A 156 -7.83 31.34 -3.44
CA THR A 156 -7.15 32.11 -2.41
C THR A 156 -6.85 33.54 -2.87
N CYS A 157 -7.13 33.81 -4.14
CA CYS A 157 -6.89 35.10 -4.83
C CYS A 157 -5.44 35.34 -5.28
N ASP A 158 -4.62 34.28 -5.25
CA ASP A 158 -3.26 34.38 -5.77
C ASP A 158 -3.28 34.36 -7.29
N LEU A 159 -2.64 35.38 -7.88
CA LEU A 159 -2.61 35.55 -9.33
C LEU A 159 -1.21 35.27 -9.87
N LYS A 160 -1.14 34.58 -11.00
CA LYS A 160 0.12 34.26 -11.65
C LYS A 160 0.03 34.54 -13.15
N ILE A 161 0.91 35.42 -13.64
CA ILE A 161 1.01 35.76 -15.06
C ILE A 161 1.67 34.60 -15.79
N CYS A 162 1.11 34.20 -16.93
CA CYS A 162 1.61 33.02 -17.63
C CYS A 162 1.81 33.22 -19.14
N ASP A 163 2.44 32.24 -19.76
CA ASP A 163 2.70 32.21 -21.20
C ASP A 163 3.59 33.35 -21.72
N PHE A 164 4.88 33.06 -21.85
CA PHE A 164 5.86 34.04 -22.27
C PHE A 164 6.43 33.69 -23.65
N GLY A 165 5.59 33.03 -24.45
CA GLY A 165 5.99 32.57 -25.78
C GLY A 165 6.08 33.68 -26.82
N LEU A 166 5.48 34.83 -26.51
CA LEU A 166 5.50 35.97 -27.40
C LEU A 166 6.34 37.10 -26.85
N ALA A 167 6.91 36.86 -25.68
CA ALA A 167 7.76 37.84 -25.02
C ALA A 167 9.05 38.10 -25.80
N ARG A 168 9.46 39.37 -25.85
CA ARG A 168 10.73 39.76 -26.48
C ARG A 168 11.51 40.65 -25.52
N VAL A 169 12.83 40.70 -25.68
CA VAL A 169 13.66 41.66 -24.96
C VAL A 169 13.31 43.06 -25.45
N ALA A 170 13.07 43.97 -24.51
CA ALA A 170 12.68 45.35 -24.81
C ALA A 170 13.72 46.06 -25.66
N ASP A 171 13.41 46.25 -26.94
CA ASP A 171 14.26 46.97 -27.86
C ASP A 171 13.42 47.75 -28.86
N PRO A 172 13.27 49.07 -28.67
CA PRO A 172 12.50 49.95 -29.58
C PRO A 172 12.99 49.91 -31.03
N ASP A 173 14.24 49.52 -31.23
CA ASP A 173 14.81 49.43 -32.57
C ASP A 173 14.46 48.15 -33.33
N HIS A 174 13.63 47.30 -32.72
CA HIS A 174 13.23 46.04 -33.34
C HIS A 174 12.14 46.23 -34.36
N ASP A 175 12.38 45.72 -35.56
CA ASP A 175 11.39 45.76 -36.63
C ASP A 175 10.40 44.61 -36.50
N HIS A 176 9.12 44.97 -36.47
CA HIS A 176 8.00 44.02 -36.36
C HIS A 176 7.92 43.07 -37.52
N THR A 177 7.68 41.79 -37.24
CA THR A 177 7.76 40.72 -38.25
C THR A 177 6.45 39.98 -38.51
N GLY A 178 5.43 40.23 -37.69
CA GLY A 178 4.14 39.54 -37.83
C GLY A 178 4.06 38.23 -37.08
N PHE A 179 5.14 37.91 -36.37
CA PHE A 179 5.22 36.78 -35.45
C PHE A 179 4.15 36.94 -34.36
N LEU A 180 3.86 38.19 -34.03
CA LEU A 180 2.84 38.54 -33.05
C LEU A 180 1.44 38.12 -33.49
N GLU A 181 1.07 38.52 -34.71
CA GLU A 181 -0.23 38.16 -35.27
C GLU A 181 -0.29 36.75 -35.81
N GLU A 182 0.85 36.07 -35.90
CA GLU A 182 0.84 34.69 -36.35
C GLU A 182 0.24 33.77 -35.29
N TYR A 183 0.36 34.18 -34.03
CA TYR A 183 -0.10 33.34 -32.92
C TYR A 183 -1.24 33.96 -32.08
N VAL A 184 -1.50 35.25 -32.25
CA VAL A 184 -2.62 35.93 -31.60
C VAL A 184 -3.33 36.82 -32.62
N ALA A 185 -4.52 36.40 -33.04
CA ALA A 185 -5.32 37.16 -34.00
C ALA A 185 -6.20 38.22 -33.32
N THR A 186 -6.74 37.90 -32.14
CA THR A 186 -7.51 38.86 -31.35
C THR A 186 -6.64 40.04 -30.94
N ARG A 187 -7.12 41.25 -31.15
CA ARG A 187 -6.33 42.43 -30.82
C ARG A 187 -7.03 43.40 -29.87
N TRP A 188 -7.89 42.85 -29.01
CA TRP A 188 -8.61 43.63 -28.00
C TRP A 188 -7.71 44.26 -26.99
N TYR A 189 -6.56 43.64 -26.75
CA TYR A 189 -5.62 44.09 -25.73
C TYR A 189 -4.33 44.62 -26.33
N ARG A 190 -4.36 44.88 -27.63
CA ARG A 190 -3.22 45.39 -28.36
C ARG A 190 -3.13 46.90 -28.31
N ALA A 191 -1.95 47.40 -27.98
CA ALA A 191 -1.68 48.84 -27.93
C ALA A 191 -1.83 49.48 -29.31
N PRO A 192 -2.40 50.70 -29.37
CA PRO A 192 -2.61 51.34 -30.67
C PRO A 192 -1.32 51.50 -31.47
N GLU A 193 -0.21 51.76 -30.80
CA GLU A 193 1.06 51.94 -31.51
C GLU A 193 1.63 50.63 -32.06
N ILE A 194 1.35 49.51 -31.39
CA ILE A 194 1.70 48.19 -31.93
C ILE A 194 1.00 48.02 -33.25
N MET A 195 -0.24 48.46 -33.29
CA MET A 195 -1.13 48.21 -34.39
C MET A 195 -0.86 49.08 -35.63
N LEU A 196 -0.18 50.21 -35.46
CA LEU A 196 0.12 51.05 -36.64
C LEU A 196 1.54 51.63 -36.78
N ASN A 197 2.54 50.97 -36.19
CA ASN A 197 3.91 51.51 -36.30
C ASN A 197 4.98 50.70 -37.02
N SER A 198 5.10 49.41 -36.68
CA SER A 198 6.11 48.52 -37.29
C SER A 198 7.46 48.49 -36.56
N LYS A 199 7.68 49.45 -35.66
CA LYS A 199 8.82 49.46 -34.74
C LYS A 199 8.59 50.44 -33.58
N GLY A 200 9.50 50.43 -32.62
CA GLY A 200 9.47 51.38 -31.50
C GLY A 200 8.60 50.96 -30.33
N TYR A 201 8.26 49.67 -30.27
CA TYR A 201 7.46 49.13 -29.18
C TYR A 201 8.22 49.18 -27.85
N THR A 202 7.64 49.83 -26.85
CA THR A 202 8.28 49.96 -25.54
C THR A 202 7.48 49.24 -24.46
N LYS A 203 8.01 49.24 -23.23
CA LYS A 203 7.33 48.58 -22.09
C LYS A 203 5.88 49.01 -21.96
N SER A 204 5.56 50.21 -22.45
CA SER A 204 4.22 50.78 -22.31
C SER A 204 3.13 50.06 -23.14
N ILE A 205 3.53 49.09 -23.95
CA ILE A 205 2.54 48.26 -24.65
C ILE A 205 1.87 47.30 -23.68
N ASP A 206 2.62 46.91 -22.64
CA ASP A 206 2.12 46.01 -21.61
C ASP A 206 1.19 46.72 -20.63
N ILE A 207 1.49 47.98 -20.32
CA ILE A 207 0.61 48.81 -19.49
C ILE A 207 -0.76 48.97 -20.13
N TRP A 208 -0.76 49.27 -21.44
CA TRP A 208 -2.00 49.36 -22.22
C TRP A 208 -2.87 48.16 -22.06
N SER A 209 -2.29 46.97 -22.24
CA SER A 209 -3.01 45.71 -22.07
C SER A 209 -3.65 45.60 -20.70
N VAL A 210 -2.87 45.86 -19.65
CA VAL A 210 -3.36 45.86 -18.28
C VAL A 210 -4.53 46.83 -18.13
N GLY A 211 -4.40 48.01 -18.72
CA GLY A 211 -5.49 48.97 -18.79
C GLY A 211 -6.75 48.34 -19.33
N CYS A 212 -6.61 47.60 -20.44
CA CYS A 212 -7.73 46.90 -21.05
C CYS A 212 -8.30 45.82 -20.13
N ILE A 213 -7.41 45.17 -19.38
CA ILE A 213 -7.79 44.12 -18.42
C ILE A 213 -8.53 44.72 -17.22
N LEU A 214 -8.12 45.91 -16.80
CA LEU A 214 -8.79 46.64 -15.71
C LEU A 214 -10.22 47.01 -16.10
N ALA A 215 -10.37 47.63 -17.27
CA ALA A 215 -11.67 48.06 -17.78
C ALA A 215 -12.62 46.89 -17.91
N GLU A 216 -12.06 45.71 -18.21
CA GLU A 216 -12.82 44.49 -18.39
C GLU A 216 -13.18 43.86 -17.05
N MET A 217 -12.43 44.19 -16.01
CA MET A 217 -12.78 43.74 -14.67
C MET A 217 -13.89 44.58 -14.07
N LEU A 218 -13.96 45.84 -14.47
CA LEU A 218 -14.97 46.76 -13.95
C LEU A 218 -16.36 46.48 -14.52
N SER A 219 -16.43 45.98 -15.74
CA SER A 219 -17.70 45.82 -16.45
C SER A 219 -17.91 44.46 -17.12
N ASN A 220 -16.95 43.54 -16.94
CA ASN A 220 -17.01 42.19 -17.51
C ASN A 220 -16.99 42.11 -19.04
N ARG A 221 -17.42 43.19 -19.71
CA ARG A 221 -17.31 43.30 -21.15
C ARG A 221 -15.92 43.85 -21.52
N PRO A 222 -15.31 43.34 -22.60
CA PRO A 222 -14.07 43.93 -23.11
C PRO A 222 -14.30 45.36 -23.63
N ILE A 223 -13.32 46.22 -23.40
CA ILE A 223 -13.38 47.64 -23.76
C ILE A 223 -13.31 47.90 -25.28
N PHE A 224 -12.38 47.23 -25.96
CA PHE A 224 -12.21 47.40 -27.42
C PHE A 224 -12.31 46.06 -28.14
N PRO A 225 -13.54 45.54 -28.30
CA PRO A 225 -13.73 44.19 -28.84
C PRO A 225 -13.78 44.15 -30.38
N GLY A 226 -12.92 44.89 -31.05
CA GLY A 226 -12.89 44.91 -32.51
C GLY A 226 -12.74 43.54 -33.17
N LYS A 227 -13.53 43.33 -34.23
CA LYS A 227 -13.57 42.05 -34.95
C LYS A 227 -12.42 41.90 -35.95
N HIS A 228 -12.01 43.00 -36.56
CA HIS A 228 -10.94 43.01 -37.57
C HIS A 228 -9.92 44.08 -37.29
N TYR A 229 -8.98 44.27 -38.21
CA TYR A 229 -7.90 45.25 -38.04
C TYR A 229 -8.40 46.70 -37.98
N LEU A 230 -9.05 47.14 -39.05
CA LEU A 230 -9.55 48.52 -39.13
C LEU A 230 -10.62 48.80 -38.09
N ASP A 231 -11.37 47.75 -37.72
CA ASP A 231 -12.45 47.83 -36.75
C ASP A 231 -11.90 48.06 -35.33
N GLN A 232 -10.75 47.45 -35.04
CA GLN A 232 -10.11 47.61 -33.74
C GLN A 232 -9.65 49.05 -33.53
N LEU A 233 -9.07 49.65 -34.58
CA LEU A 233 -8.68 51.06 -34.52
C LEU A 233 -9.91 51.93 -34.23
N ASN A 234 -10.98 51.67 -34.96
CA ASN A 234 -12.23 52.41 -34.84
C ASN A 234 -12.81 52.34 -33.43
N HIS A 235 -12.65 51.19 -32.79
CA HIS A 235 -13.12 50.98 -31.43
C HIS A 235 -12.37 51.83 -30.43
N ILE A 236 -11.06 51.96 -30.64
CA ILE A 236 -10.22 52.74 -29.74
C ILE A 236 -10.55 54.23 -29.80
N LEU A 237 -10.67 54.77 -31.02
CA LEU A 237 -11.00 56.19 -31.22
C LEU A 237 -12.45 56.47 -30.87
N GLY A 238 -13.28 55.43 -30.88
CA GLY A 238 -14.68 55.53 -30.49
C GLY A 238 -14.84 55.87 -29.02
N ILE A 239 -13.87 55.45 -28.21
CA ILE A 239 -13.91 55.70 -26.77
C ILE A 239 -12.93 56.80 -26.36
N LEU A 240 -11.70 56.72 -26.86
CA LEU A 240 -10.65 57.68 -26.50
C LEU A 240 -10.78 59.04 -27.18
N GLY A 241 -11.64 59.13 -28.19
CA GLY A 241 -11.78 60.34 -29.01
C GLY A 241 -10.67 60.43 -30.03
N SER A 242 -10.94 61.11 -31.15
CA SER A 242 -9.94 61.32 -32.20
C SER A 242 -8.62 61.87 -31.62
N PRO A 243 -7.48 61.36 -32.13
CA PRO A 243 -6.17 61.67 -31.53
C PRO A 243 -5.76 63.13 -31.67
N SER A 244 -5.06 63.64 -30.65
CA SER A 244 -4.63 65.04 -30.61
C SER A 244 -3.43 65.32 -31.52
N GLN A 245 -3.13 66.61 -31.67
CA GLN A 245 -1.99 67.10 -32.44
C GLN A 245 -0.72 66.27 -32.25
N GLU A 246 -0.32 66.09 -30.98
CA GLU A 246 0.91 65.35 -30.64
C GLU A 246 0.71 63.84 -30.44
N ASP A 247 -0.53 63.43 -30.21
CA ASP A 247 -0.89 62.01 -30.24
C ASP A 247 -0.48 61.44 -31.59
N LEU A 248 -0.82 62.16 -32.66
CA LEU A 248 -0.49 61.74 -34.02
C LEU A 248 1.01 61.64 -34.25
N ASN A 249 1.77 62.47 -33.55
CA ASN A 249 3.23 62.48 -33.68
C ASN A 249 3.92 61.24 -33.13
N CYS A 250 3.19 60.43 -32.37
CA CYS A 250 3.64 59.12 -31.94
C CYS A 250 3.73 58.12 -33.09
N ILE A 251 3.01 58.41 -34.17
CA ILE A 251 2.95 57.51 -35.32
C ILE A 251 4.06 57.82 -36.32
N ILE A 252 4.96 56.85 -36.47
CA ILE A 252 6.07 56.93 -37.39
C ILE A 252 5.60 56.63 -38.80
N ASN A 253 4.70 55.65 -38.93
CA ASN A 253 4.15 55.24 -40.23
C ASN A 253 3.23 56.30 -40.81
N LEU A 254 3.75 57.09 -41.74
CA LEU A 254 3.00 58.22 -42.32
C LEU A 254 1.74 57.70 -43.01
N LYS A 255 1.80 56.54 -43.63
CA LYS A 255 0.62 56.01 -44.30
C LYS A 255 -0.47 55.60 -43.32
N ALA A 256 -0.07 55.22 -42.11
CA ALA A 256 -1.03 55.06 -41.03
C ALA A 256 -1.53 56.35 -40.38
N ARG A 257 -0.64 57.33 -40.20
CA ARG A 257 -0.99 58.65 -39.66
C ARG A 257 -2.05 59.33 -40.52
N ASN A 258 -1.87 59.26 -41.84
CA ASN A 258 -2.83 59.80 -42.78
C ASN A 258 -4.18 59.10 -42.74
N TYR A 259 -4.15 57.78 -42.53
CA TYR A 259 -5.37 56.98 -42.42
C TYR A 259 -6.23 57.39 -41.23
N LEU A 260 -5.59 57.61 -40.08
CA LEU A 260 -6.30 58.05 -38.88
C LEU A 260 -6.91 59.44 -39.07
N LEU A 261 -6.18 60.31 -39.76
CA LEU A 261 -6.61 61.68 -40.06
C LEU A 261 -7.81 61.70 -41.02
N SER A 262 -7.88 60.70 -41.90
CA SER A 262 -8.95 60.59 -42.89
C SER A 262 -10.27 60.12 -42.29
N LEU A 263 -10.20 59.56 -41.07
CA LEU A 263 -11.38 59.10 -40.36
C LEU A 263 -12.18 60.27 -39.77
N PRO A 264 -13.52 60.12 -39.70
CA PRO A 264 -14.35 61.20 -39.14
C PRO A 264 -14.06 61.43 -37.66
N HIS A 265 -14.22 62.67 -37.22
CA HIS A 265 -13.94 63.06 -35.84
C HIS A 265 -14.79 62.32 -34.86
N LYS A 266 -14.16 61.86 -33.80
CA LYS A 266 -14.85 61.16 -32.71
C LYS A 266 -14.60 61.90 -31.39
N ASN A 267 -15.64 62.01 -30.57
CA ASN A 267 -15.50 62.64 -29.26
C ASN A 267 -15.10 61.67 -28.17
N LYS A 268 -14.33 62.16 -27.20
CA LYS A 268 -13.94 61.38 -26.04
C LYS A 268 -15.18 61.04 -25.22
N VAL A 269 -15.32 59.77 -24.84
CA VAL A 269 -16.35 59.34 -23.91
C VAL A 269 -15.75 59.37 -22.51
N PRO A 270 -16.25 60.26 -21.63
CA PRO A 270 -15.74 60.33 -20.26
C PRO A 270 -15.89 58.97 -19.55
N TRP A 271 -14.87 58.60 -18.78
CA TRP A 271 -14.80 57.26 -18.18
C TRP A 271 -15.94 56.96 -17.24
N ASN A 272 -16.42 57.98 -16.53
CA ASN A 272 -17.51 57.80 -15.58
C ASN A 272 -18.87 57.57 -16.25
N ARG A 273 -18.95 57.91 -17.54
CA ARG A 273 -20.15 57.66 -18.32
C ARG A 273 -20.14 56.24 -18.88
N LEU A 274 -18.96 55.65 -18.94
CA LEU A 274 -18.77 54.29 -19.44
C LEU A 274 -18.74 53.27 -18.31
N PHE A 275 -18.38 53.73 -17.12
CA PHE A 275 -18.31 52.86 -15.94
C PHE A 275 -19.03 53.54 -14.78
N PRO A 276 -20.39 53.61 -14.88
CA PRO A 276 -21.23 54.46 -14.03
C PRO A 276 -20.92 54.33 -12.55
N ASN A 277 -20.90 53.10 -12.04
CA ASN A 277 -20.60 52.87 -10.63
C ASN A 277 -19.27 52.15 -10.36
N ALA A 278 -18.21 52.64 -11.01
CA ALA A 278 -16.85 52.21 -10.71
C ALA A 278 -16.21 53.23 -9.77
N ASP A 279 -15.22 52.79 -8.98
CA ASP A 279 -14.50 53.65 -8.06
C ASP A 279 -13.80 54.80 -8.80
N SER A 280 -13.85 56.00 -8.23
CA SER A 280 -13.22 57.18 -8.84
C SER A 280 -11.68 57.05 -8.93
N LYS A 281 -11.09 56.43 -7.92
CA LYS A 281 -9.65 56.17 -7.91
C LYS A 281 -9.26 55.14 -8.96
N ALA A 282 -10.18 54.23 -9.27
CA ALA A 282 -9.94 53.17 -10.27
C ALA A 282 -9.87 53.75 -11.68
N LEU A 283 -10.73 54.72 -11.97
CA LEU A 283 -10.83 55.30 -13.31
C LEU A 283 -9.68 56.27 -13.63
N ASP A 284 -9.26 57.05 -12.62
CA ASP A 284 -8.15 57.97 -12.79
C ASP A 284 -6.88 57.21 -13.17
N LEU A 285 -6.69 56.05 -12.56
CA LEU A 285 -5.61 55.15 -12.95
C LEU A 285 -5.80 54.61 -14.38
N LEU A 286 -7.01 54.15 -14.68
CA LEU A 286 -7.35 53.61 -16.00
C LEU A 286 -7.07 54.61 -17.11
N ASP A 287 -7.48 55.87 -16.88
CA ASP A 287 -7.27 56.97 -17.82
C ASP A 287 -5.80 57.11 -18.19
N LYS A 288 -4.91 56.82 -17.24
CA LYS A 288 -3.48 56.94 -17.46
C LYS A 288 -2.91 55.70 -18.14
N MET A 289 -3.56 54.56 -17.95
CA MET A 289 -3.11 53.28 -18.54
C MET A 289 -3.57 53.16 -19.99
N LEU A 290 -4.68 53.81 -20.29
CA LEU A 290 -5.23 53.78 -21.64
C LEU A 290 -5.05 55.13 -22.34
N THR A 291 -3.81 55.61 -22.31
CA THR A 291 -3.44 56.84 -22.99
C THR A 291 -2.84 56.49 -24.35
N PHE A 292 -3.50 56.95 -25.41
CA PHE A 292 -3.05 56.70 -26.78
C PHE A 292 -1.55 56.90 -26.95
N ASN A 293 -1.07 58.07 -26.56
CA ASN A 293 0.35 58.44 -26.57
C ASN A 293 1.15 57.55 -25.62
N PRO A 294 2.00 56.66 -26.17
CA PRO A 294 2.80 55.73 -25.35
C PRO A 294 3.85 56.41 -24.44
N HIS A 295 4.17 57.66 -24.73
CA HIS A 295 5.14 58.42 -23.92
C HIS A 295 4.48 59.09 -22.75
N LYS A 296 3.23 59.47 -22.92
CA LYS A 296 2.44 60.07 -21.83
C LYS A 296 1.94 58.99 -20.89
N ARG A 297 1.72 57.79 -21.44
CA ARG A 297 1.13 56.66 -20.73
C ARG A 297 1.94 56.26 -19.51
N ILE A 298 1.24 56.03 -18.40
CA ILE A 298 1.85 55.69 -17.10
C ILE A 298 2.70 54.42 -17.17
N GLU A 299 3.78 54.40 -16.38
CA GLU A 299 4.70 53.27 -16.35
C GLU A 299 4.35 52.40 -15.15
N VAL A 300 4.89 51.18 -15.12
CA VAL A 300 4.49 50.19 -14.10
C VAL A 300 4.77 50.64 -12.66
N GLU A 301 5.98 51.12 -12.42
CA GLU A 301 6.43 51.50 -11.07
C GLU A 301 5.57 52.62 -10.51
N GLN A 302 5.13 53.50 -11.41
CA GLN A 302 4.31 54.64 -11.05
C GLN A 302 2.86 54.21 -10.77
N ALA A 303 2.37 53.23 -11.54
CA ALA A 303 1.03 52.68 -11.35
C ALA A 303 0.86 52.09 -9.95
N LEU A 304 1.82 51.27 -9.54
CA LEU A 304 1.80 50.64 -8.22
C LEU A 304 1.71 51.69 -7.12
N ALA A 305 2.28 52.86 -7.38
CA ALA A 305 2.27 53.97 -6.44
C ALA A 305 1.01 54.85 -6.54
N HIS A 306 0.05 54.43 -7.37
CA HIS A 306 -1.22 55.16 -7.53
C HIS A 306 -2.11 55.00 -6.31
N PRO A 307 -2.83 56.07 -5.92
CA PRO A 307 -3.72 56.07 -4.75
C PRO A 307 -4.77 54.95 -4.70
N TYR A 308 -5.13 54.37 -5.85
CA TYR A 308 -6.10 53.28 -5.89
C TYR A 308 -5.55 51.99 -5.26
N LEU A 309 -4.24 51.76 -5.42
CA LEU A 309 -3.58 50.60 -4.82
C LEU A 309 -2.90 50.95 -3.49
N GLU A 310 -3.40 52.01 -2.84
CA GLU A 310 -2.85 52.56 -1.60
C GLU A 310 -2.55 51.51 -0.54
N GLN A 311 -3.45 50.54 -0.38
CA GLN A 311 -3.41 49.60 0.73
C GLN A 311 -2.54 48.37 0.46
N TYR A 312 -2.06 48.22 -0.76
CA TYR A 312 -1.22 47.07 -1.13
C TYR A 312 0.20 47.47 -1.47
N TYR A 313 0.40 48.76 -1.77
CA TYR A 313 1.68 49.27 -2.25
C TYR A 313 2.75 49.16 -1.19
N ASP A 314 3.77 48.35 -1.47
CA ASP A 314 4.91 48.15 -0.59
C ASP A 314 6.16 47.86 -1.43
N PRO A 315 6.93 48.90 -1.77
CA PRO A 315 8.12 48.79 -2.62
C PRO A 315 9.16 47.78 -2.15
N SER A 316 9.20 47.50 -0.84
CA SER A 316 10.14 46.51 -0.30
C SER A 316 9.71 45.06 -0.58
N ASP A 317 8.42 44.87 -0.85
CA ASP A 317 7.90 43.55 -1.20
C ASP A 317 7.53 43.50 -2.70
N GLU A 318 8.16 44.37 -3.47
CA GLU A 318 7.98 44.40 -4.92
C GLU A 318 9.34 44.19 -5.59
N PRO A 319 9.78 42.92 -5.67
CA PRO A 319 11.16 42.61 -6.08
C PRO A 319 11.40 42.81 -7.57
N ILE A 320 12.61 43.23 -7.90
CA ILE A 320 13.05 43.39 -9.29
C ILE A 320 13.88 42.18 -9.72
N ALA A 321 14.10 42.03 -11.02
CA ALA A 321 14.84 40.91 -11.56
C ALA A 321 16.33 40.99 -11.24
N GLU A 322 16.90 39.84 -10.92
CA GLU A 322 18.34 39.73 -10.67
C GLU A 322 19.08 39.30 -11.94
N ALA A 323 18.40 38.53 -12.78
CA ALA A 323 18.96 38.02 -14.03
C ALA A 323 18.30 38.66 -15.24
N PRO A 324 18.52 39.99 -15.44
CA PRO A 324 17.79 40.69 -16.50
C PRO A 324 18.32 40.38 -17.90
N PHE A 325 17.45 40.48 -18.89
CA PHE A 325 17.86 40.27 -20.27
C PHE A 325 18.55 41.50 -20.84
N LYS A 326 19.72 41.81 -20.29
CA LYS A 326 20.71 42.67 -20.95
C LYS A 326 21.57 41.70 -21.74
N PHE A 327 22.08 40.69 -21.00
CA PHE A 327 22.60 39.46 -21.59
C PHE A 327 21.50 38.93 -22.49
N ASP A 328 21.86 38.59 -23.73
CA ASP A 328 20.89 38.28 -24.78
C ASP A 328 19.99 39.48 -25.14
N MET A 329 20.37 40.19 -26.20
CA MET A 329 19.43 40.93 -27.02
C MET A 329 18.51 39.86 -27.63
N GLU A 330 18.97 38.62 -27.50
CA GLU A 330 18.26 37.36 -27.79
C GLU A 330 18.20 36.98 -29.28
N LEU A 331 18.12 37.98 -30.16
CA LEU A 331 18.27 37.80 -31.60
C LEU A 331 17.91 36.40 -32.13
N ASP A 332 16.64 36.01 -31.99
CA ASP A 332 16.15 34.76 -32.59
C ASP A 332 15.98 34.96 -34.09
N ASP A 333 14.93 34.39 -34.70
CA ASP A 333 14.71 34.51 -36.15
C ASP A 333 15.94 34.01 -36.93
N LEU A 334 16.25 32.72 -36.76
CA LEU A 334 17.44 32.05 -37.32
C LEU A 334 17.09 30.59 -37.54
N PRO A 335 18.03 29.76 -38.10
CA PRO A 335 17.72 28.35 -38.43
C PRO A 335 16.96 27.58 -37.36
N LYS A 336 15.94 26.84 -37.78
CA LYS A 336 15.04 26.16 -36.84
C LYS A 336 15.70 25.00 -36.12
N GLU A 337 16.67 24.38 -36.79
CA GLU A 337 17.42 23.26 -36.24
C GLU A 337 18.28 23.73 -35.07
N LYS A 338 18.70 25.00 -35.14
CA LYS A 338 19.50 25.62 -34.09
C LYS A 338 18.67 25.92 -32.86
N LEU A 339 17.42 26.33 -33.09
CA LEU A 339 16.50 26.62 -32.00
C LEU A 339 16.17 25.36 -31.21
N LYS A 340 15.97 24.25 -31.93
CA LYS A 340 15.68 22.94 -31.33
C LYS A 340 16.81 22.53 -30.38
N GLU A 341 18.04 22.82 -30.79
CA GLU A 341 19.23 22.56 -30.00
C GLU A 341 19.23 23.38 -28.71
N LEU A 342 18.91 24.68 -28.85
CA LEU A 342 18.80 25.60 -27.71
C LEU A 342 17.69 25.17 -26.74
N ILE A 343 16.62 24.61 -27.28
CA ILE A 343 15.54 24.04 -26.47
C ILE A 343 16.04 22.81 -25.70
N PHE A 344 16.75 21.93 -26.41
CA PHE A 344 17.36 20.73 -25.81
C PHE A 344 18.31 21.14 -24.69
N GLU A 345 19.05 22.21 -24.92
CA GLU A 345 20.01 22.75 -23.98
C GLU A 345 19.33 23.28 -22.72
N GLU A 346 18.36 24.18 -22.91
CA GLU A 346 17.64 24.79 -21.80
C GLU A 346 16.94 23.80 -20.88
N THR A 347 16.47 22.70 -21.49
CA THR A 347 15.67 21.70 -20.79
C THR A 347 16.53 20.62 -20.14
N ALA A 348 17.85 20.67 -20.38
CA ALA A 348 18.77 19.63 -19.96
C ALA A 348 18.92 19.51 -18.43
N ARG A 349 18.59 20.59 -17.72
CA ARG A 349 18.76 20.61 -16.26
C ARG A 349 17.63 19.92 -15.50
N PHE A 350 16.90 19.04 -16.19
CA PHE A 350 15.79 18.31 -15.60
C PHE A 350 15.90 16.82 -15.88
N GLN A 351 16.96 16.44 -16.60
CA GLN A 351 17.23 15.04 -16.91
C GLN A 351 17.85 14.31 -15.70
N PRO A 352 17.83 12.95 -15.70
CA PRO A 352 18.43 12.10 -14.68
C PRO A 352 19.77 12.59 -14.12
N GLY A 353 20.52 13.35 -14.91
CA GLY A 353 21.83 13.88 -14.49
C GLY A 353 21.77 14.94 -13.41
N PRO B 7 4.98 21.86 -47.56
CA PRO B 7 3.60 21.90 -47.08
C PRO B 7 3.30 23.17 -46.29
N GLU B 8 2.14 23.78 -46.53
CA GLU B 8 1.74 24.99 -45.83
C GLU B 8 1.24 24.64 -44.42
N MET B 9 2.07 24.96 -43.42
CA MET B 9 1.74 24.68 -42.02
C MET B 9 1.42 25.95 -41.22
N VAL B 10 0.33 25.87 -40.45
CA VAL B 10 -0.19 27.00 -39.69
C VAL B 10 -0.04 26.76 -38.20
N ARG B 11 0.47 27.79 -37.50
CA ARG B 11 0.58 27.80 -36.04
C ARG B 11 1.39 26.62 -35.51
N GLY B 12 2.48 26.30 -36.21
CA GLY B 12 3.38 25.23 -35.82
C GLY B 12 2.84 23.81 -35.90
N GLN B 13 1.91 23.55 -36.81
CA GLN B 13 1.35 22.21 -37.01
C GLN B 13 1.23 21.90 -38.49
N VAL B 14 1.82 20.79 -38.93
CA VAL B 14 1.78 20.37 -40.34
C VAL B 14 0.34 20.36 -40.81
N PHE B 15 0.05 21.13 -41.85
CA PHE B 15 -1.30 21.21 -42.41
C PHE B 15 -1.27 21.03 -43.92
N ASP B 16 -0.84 19.84 -44.35
CA ASP B 16 -0.57 19.53 -45.74
C ASP B 16 -1.84 19.37 -46.58
N VAL B 17 -2.50 20.49 -46.87
CA VAL B 17 -3.77 20.44 -47.60
C VAL B 17 -3.62 20.65 -49.10
N GLY B 18 -2.49 20.21 -49.64
CA GLY B 18 -2.26 20.11 -51.09
C GLY B 18 -2.30 21.43 -51.84
N PRO B 19 -2.27 21.36 -53.18
CA PRO B 19 -2.23 22.55 -54.03
C PRO B 19 -3.62 23.18 -54.22
N ARG B 20 -4.67 22.45 -53.85
CA ARG B 20 -6.04 22.91 -54.00
C ARG B 20 -6.45 23.92 -52.93
N TYR B 21 -6.12 23.60 -51.68
CA TYR B 21 -6.51 24.43 -50.54
C TYR B 21 -5.32 25.27 -50.04
N THR B 22 -5.46 26.59 -50.15
CA THR B 22 -4.38 27.52 -49.79
C THR B 22 -4.86 28.64 -48.87
N ASN B 23 -3.95 29.56 -48.54
CA ASN B 23 -4.23 30.68 -47.63
C ASN B 23 -4.94 30.27 -46.35
N LEU B 24 -4.27 29.44 -45.55
CA LEU B 24 -4.80 28.90 -44.30
C LEU B 24 -4.91 29.95 -43.20
N SER B 25 -5.96 29.83 -42.40
CA SER B 25 -6.13 30.63 -41.19
C SER B 25 -6.58 29.77 -40.02
N TYR B 26 -5.84 29.82 -38.91
CA TYR B 26 -6.23 29.11 -37.70
C TYR B 26 -7.60 29.58 -37.22
N ILE B 27 -8.55 28.65 -37.18
CA ILE B 27 -9.88 28.90 -36.62
C ILE B 27 -9.93 28.60 -35.11
N GLY B 28 -9.50 27.40 -34.73
CA GLY B 28 -9.50 26.97 -33.34
C GLY B 28 -9.10 25.52 -33.12
N GLU B 29 -8.92 25.15 -31.86
CA GLU B 29 -8.61 23.78 -31.49
C GLU B 29 -9.87 22.98 -31.19
N GLY B 30 -10.01 21.85 -31.86
CA GLY B 30 -11.23 21.07 -31.79
C GLY B 30 -11.07 19.73 -31.10
N ALA B 31 -12.03 18.84 -31.35
CA ALA B 31 -12.09 17.53 -30.73
C ALA B 31 -11.21 16.50 -31.43
N TYR B 32 -10.82 16.80 -32.66
CA TYR B 32 -9.98 15.90 -33.46
C TYR B 32 -8.58 16.47 -33.60
N GLY B 33 -8.48 17.77 -33.41
CA GLY B 33 -7.22 18.48 -33.54
C GLY B 33 -7.47 19.87 -34.06
N MET B 34 -6.50 20.40 -34.80
CA MET B 34 -6.58 21.76 -35.31
C MET B 34 -7.69 21.93 -36.36
N VAL B 35 -8.34 23.08 -36.34
CA VAL B 35 -9.32 23.46 -37.36
C VAL B 35 -8.86 24.74 -38.06
N CYS B 36 -8.90 24.74 -39.38
CA CYS B 36 -8.49 25.88 -40.19
C CYS B 36 -9.55 26.26 -41.21
N SER B 37 -9.51 27.51 -41.65
CA SER B 37 -10.21 27.89 -42.85
C SER B 37 -9.19 27.87 -43.99
N ALA B 38 -9.65 27.58 -45.19
CA ALA B 38 -8.77 27.59 -46.36
C ALA B 38 -9.55 28.01 -47.60
N TYR B 39 -8.85 28.62 -48.55
CA TYR B 39 -9.46 28.96 -49.82
C TYR B 39 -9.45 27.73 -50.73
N ASP B 40 -10.64 27.30 -51.14
CA ASP B 40 -10.79 26.21 -52.09
C ASP B 40 -10.67 26.74 -53.51
N ASN B 41 -9.53 26.49 -54.13
CA ASN B 41 -9.20 27.04 -55.45
C ASN B 41 -10.06 26.48 -56.60
N VAL B 42 -10.77 25.40 -56.32
CA VAL B 42 -11.66 24.79 -57.31
C VAL B 42 -13.06 25.40 -57.27
N ASN B 43 -13.60 25.56 -56.06
CA ASN B 43 -14.95 26.10 -55.87
C ASN B 43 -14.99 27.60 -55.60
N LYS B 44 -13.82 28.24 -55.57
CA LYS B 44 -13.69 29.68 -55.37
C LYS B 44 -14.38 30.22 -54.12
N VAL B 45 -14.26 29.47 -53.01
CA VAL B 45 -14.79 29.86 -51.69
C VAL B 45 -13.88 29.42 -50.55
N ARG B 46 -14.01 30.06 -49.39
CA ARG B 46 -13.31 29.63 -48.18
C ARG B 46 -14.05 28.48 -47.51
N VAL B 47 -13.32 27.42 -47.19
CA VAL B 47 -13.89 26.23 -46.56
C VAL B 47 -13.27 25.99 -45.19
N ALA B 48 -13.86 25.09 -44.41
CA ALA B 48 -13.30 24.70 -43.13
C ALA B 48 -12.59 23.36 -43.26
N ILE B 49 -11.40 23.25 -42.68
CA ILE B 49 -10.62 22.01 -42.70
C ILE B 49 -10.23 21.52 -41.31
N LYS B 50 -10.63 20.29 -40.98
CA LYS B 50 -10.27 19.64 -39.73
C LYS B 50 -9.15 18.65 -39.98
N LYS B 51 -8.05 18.78 -39.22
CA LYS B 51 -6.98 17.79 -39.22
C LYS B 51 -7.24 16.75 -38.15
N ILE B 52 -7.28 15.48 -38.56
CA ILE B 52 -7.42 14.37 -37.63
C ILE B 52 -6.15 13.55 -37.72
N SER B 53 -5.45 13.42 -36.60
CA SER B 53 -4.13 12.78 -36.63
C SER B 53 -4.04 11.46 -35.84
N PRO B 54 -3.00 11.29 -34.98
CA PRO B 54 -2.44 9.95 -34.70
C PRO B 54 -3.44 8.79 -34.70
N PHE B 55 -3.21 7.84 -35.59
CA PHE B 55 -3.98 6.61 -35.66
C PHE B 55 -3.30 5.50 -34.87
N GLU B 56 -2.77 5.88 -33.71
CA GLU B 56 -1.97 5.00 -32.85
C GLU B 56 -2.79 4.53 -31.65
N HIS B 57 -3.99 5.08 -31.51
CA HIS B 57 -4.91 4.72 -30.43
C HIS B 57 -6.19 4.19 -31.03
N GLN B 58 -6.66 3.06 -30.51
CA GLN B 58 -7.80 2.33 -31.10
C GLN B 58 -9.11 3.12 -31.09
N THR B 59 -9.49 3.65 -29.92
CA THR B 59 -10.76 4.37 -29.78
C THR B 59 -10.78 5.69 -30.55
N TYR B 60 -9.60 6.23 -30.86
CA TYR B 60 -9.50 7.43 -31.66
C TYR B 60 -9.75 7.12 -33.14
N CYS B 61 -9.28 5.95 -33.59
CA CYS B 61 -9.55 5.46 -34.94
C CYS B 61 -11.03 5.16 -35.10
N GLN B 62 -11.61 4.58 -34.05
CA GLN B 62 -13.05 4.37 -33.94
C GLN B 62 -13.75 5.71 -34.15
N ARG B 63 -13.41 6.68 -33.30
CA ARG B 63 -13.97 8.03 -33.35
C ARG B 63 -13.92 8.64 -34.75
N THR B 64 -12.83 8.36 -35.47
CA THR B 64 -12.62 8.86 -36.83
C THR B 64 -13.50 8.14 -37.86
N LEU B 65 -13.60 6.81 -37.75
CA LEU B 65 -14.38 6.02 -38.70
C LEU B 65 -15.86 6.37 -38.61
N ARG B 66 -16.37 6.46 -37.38
CA ARG B 66 -17.75 6.86 -37.15
C ARG B 66 -17.99 8.22 -37.80
N GLU B 67 -17.16 9.20 -37.43
CA GLU B 67 -17.28 10.56 -37.96
C GLU B 67 -17.30 10.60 -39.47
N ILE B 68 -16.44 9.80 -40.11
CA ILE B 68 -16.40 9.73 -41.56
C ILE B 68 -17.59 8.93 -42.11
N LYS B 69 -17.63 7.62 -41.83
CA LYS B 69 -18.65 6.71 -42.39
C LYS B 69 -20.08 7.26 -42.33
N ILE B 70 -20.46 7.79 -41.17
CA ILE B 70 -21.81 8.33 -40.95
C ILE B 70 -22.03 9.63 -41.73
N LEU B 71 -21.10 10.57 -41.58
CA LEU B 71 -21.20 11.89 -42.22
C LEU B 71 -21.19 11.78 -43.74
N LEU B 72 -20.53 10.72 -44.22
CA LEU B 72 -20.31 10.51 -45.64
C LEU B 72 -21.50 9.83 -46.32
N ARG B 73 -22.39 9.22 -45.56
CA ARG B 73 -23.59 8.63 -46.15
C ARG B 73 -24.86 9.37 -45.75
N PHE B 74 -24.69 10.56 -45.18
CA PHE B 74 -25.82 11.43 -44.83
C PHE B 74 -25.92 12.60 -45.81
N ARG B 75 -27.13 12.84 -46.31
CA ARG B 75 -27.40 14.01 -47.15
C ARG B 75 -28.61 14.73 -46.59
N HIS B 76 -28.35 15.73 -45.76
CA HIS B 76 -29.44 16.49 -45.15
C HIS B 76 -29.06 17.95 -45.00
N GLU B 77 -30.05 18.82 -45.18
CA GLU B 77 -29.86 20.26 -45.07
C GLU B 77 -29.30 20.68 -43.70
N ASN B 78 -29.76 20.00 -42.65
CA ASN B 78 -29.38 20.34 -41.26
C ASN B 78 -28.28 19.46 -40.64
N ILE B 79 -27.52 18.77 -41.48
CA ILE B 79 -26.32 18.06 -41.05
C ILE B 79 -25.15 18.52 -41.90
N ILE B 80 -24.05 18.91 -41.26
CA ILE B 80 -22.83 19.28 -41.98
C ILE B 80 -22.40 18.09 -42.84
N GLY B 81 -21.95 18.37 -44.05
CA GLY B 81 -21.48 17.31 -44.93
C GLY B 81 -19.98 17.39 -45.12
N ILE B 82 -19.39 16.28 -45.56
CA ILE B 82 -17.99 16.26 -45.93
C ILE B 82 -17.86 16.53 -47.43
N ASN B 83 -17.12 17.58 -47.79
CA ASN B 83 -16.97 18.00 -49.18
C ASN B 83 -15.75 17.38 -49.83
N ASP B 84 -14.75 17.07 -49.01
CA ASP B 84 -13.50 16.48 -49.48
C ASP B 84 -12.75 15.85 -48.32
N ILE B 85 -11.94 14.85 -48.62
CA ILE B 85 -11.02 14.27 -47.65
C ILE B 85 -9.63 14.15 -48.28
N ILE B 86 -8.64 14.70 -47.61
CA ILE B 86 -7.25 14.57 -48.06
C ILE B 86 -6.52 13.55 -47.19
N ARG B 87 -5.80 12.65 -47.86
CA ARG B 87 -4.93 11.69 -47.18
C ARG B 87 -3.87 11.19 -48.15
N ALA B 88 -2.80 10.64 -47.58
CA ALA B 88 -1.72 10.05 -48.36
C ALA B 88 -2.22 8.92 -49.26
N PRO B 89 -1.64 8.77 -50.47
CA PRO B 89 -2.05 7.74 -51.43
C PRO B 89 -1.93 6.30 -50.92
N THR B 90 -0.86 6.00 -50.19
CA THR B 90 -0.65 4.65 -49.66
C THR B 90 -1.06 4.57 -48.18
N ILE B 91 -1.48 3.39 -47.74
CA ILE B 91 -1.93 3.16 -46.36
C ILE B 91 -0.81 3.33 -45.31
N GLU B 92 0.41 2.94 -45.68
CA GLU B 92 1.56 3.06 -44.78
C GLU B 92 1.95 4.51 -44.55
N GLN B 93 1.71 5.34 -45.57
CA GLN B 93 2.02 6.77 -45.50
C GLN B 93 0.93 7.61 -44.84
N MET B 94 -0.26 7.03 -44.68
CA MET B 94 -1.38 7.75 -44.09
C MET B 94 -1.26 7.82 -42.56
N LYS B 95 -0.65 8.89 -42.08
CA LYS B 95 -0.53 9.10 -40.62
C LYS B 95 -1.56 10.10 -40.11
N ASP B 96 -2.07 10.94 -41.00
CA ASP B 96 -3.19 11.83 -40.68
C ASP B 96 -4.18 11.98 -41.83
N VAL B 97 -5.36 12.52 -41.50
CA VAL B 97 -6.46 12.67 -42.44
C VAL B 97 -7.12 14.03 -42.26
N TYR B 98 -7.30 14.75 -43.36
CA TYR B 98 -7.93 16.05 -43.34
C TYR B 98 -9.36 15.98 -43.87
N ILE B 99 -10.30 16.41 -43.04
CA ILE B 99 -11.71 16.48 -43.42
C ILE B 99 -12.03 17.92 -43.83
N VAL B 100 -12.68 18.07 -44.99
CA VAL B 100 -13.06 19.39 -45.52
C VAL B 100 -14.58 19.56 -45.53
N GLN B 101 -15.06 20.57 -44.81
CA GLN B 101 -16.49 20.87 -44.69
C GLN B 101 -16.82 22.30 -45.09
N ASP B 102 -18.12 22.59 -45.17
CA ASP B 102 -18.62 23.96 -45.34
C ASP B 102 -18.12 24.82 -44.19
N LEU B 103 -17.62 26.02 -44.53
CA LEU B 103 -17.21 26.99 -43.52
C LEU B 103 -18.45 27.65 -42.94
N MET B 104 -18.64 27.49 -41.63
CA MET B 104 -19.79 28.03 -40.93
C MET B 104 -19.33 29.19 -40.06
N GLU B 105 -20.15 30.24 -39.99
CA GLU B 105 -19.77 31.47 -39.28
C GLU B 105 -19.60 31.28 -37.78
N THR B 106 -20.51 30.54 -37.15
CA THR B 106 -20.50 30.36 -35.69
C THR B 106 -21.16 29.04 -35.25
N ASP B 107 -21.13 28.75 -33.95
CA ASP B 107 -21.92 27.67 -33.37
C ASP B 107 -22.80 28.19 -32.24
N LEU B 108 -23.79 27.40 -31.84
CA LEU B 108 -24.80 27.82 -30.85
C LEU B 108 -24.23 28.13 -29.47
N TYR B 109 -23.10 27.51 -29.14
CA TYR B 109 -22.37 27.82 -27.91
C TYR B 109 -21.86 29.26 -27.92
N LYS B 110 -21.19 29.63 -29.01
CA LYS B 110 -20.64 30.98 -29.18
C LYS B 110 -21.75 32.02 -29.24
N LEU B 111 -22.90 31.59 -29.76
CA LEU B 111 -24.04 32.48 -29.98
C LEU B 111 -24.76 32.78 -28.67
N LEU B 112 -25.01 31.75 -27.87
CA LEU B 112 -25.63 31.91 -26.55
C LEU B 112 -24.69 32.62 -25.58
N LYS B 113 -23.40 32.53 -25.88
CA LYS B 113 -22.36 33.23 -25.14
C LYS B 113 -22.46 34.76 -25.32
N THR B 114 -22.99 35.20 -26.45
CA THR B 114 -23.08 36.64 -26.76
C THR B 114 -24.50 37.20 -26.77
N GLN B 115 -25.36 36.64 -27.62
CA GLN B 115 -26.75 37.09 -27.74
C GLN B 115 -27.64 36.53 -26.64
N HIS B 116 -28.76 37.22 -26.39
CA HIS B 116 -29.93 36.61 -25.77
C HIS B 116 -30.94 36.47 -26.86
N LEU B 117 -31.42 35.25 -27.08
CA LEU B 117 -32.27 34.96 -28.24
C LEU B 117 -33.74 35.30 -28.06
N SER B 118 -34.35 35.82 -29.12
CA SER B 118 -35.79 36.05 -29.18
C SER B 118 -36.51 34.73 -29.30
N ASN B 119 -37.76 34.68 -28.82
CA ASN B 119 -38.57 33.46 -28.92
C ASN B 119 -38.65 32.93 -30.35
N ASP B 120 -38.76 33.85 -31.31
CA ASP B 120 -38.85 33.52 -32.74
C ASP B 120 -37.59 32.80 -33.23
N HIS B 121 -36.43 33.30 -32.83
CA HIS B 121 -35.15 32.69 -33.21
C HIS B 121 -35.01 31.32 -32.65
N ILE B 122 -35.31 31.16 -31.36
CA ILE B 122 -35.26 29.86 -30.67
C ILE B 122 -36.13 28.83 -31.39
N CYS B 123 -37.37 29.20 -31.67
CA CYS B 123 -38.32 28.34 -32.36
C CYS B 123 -37.74 27.74 -33.64
N TYR B 124 -37.25 28.60 -34.52
CA TYR B 124 -36.67 28.16 -35.79
C TYR B 124 -35.46 27.24 -35.62
N PHE B 125 -34.57 27.59 -34.68
CA PHE B 125 -33.40 26.78 -34.37
C PHE B 125 -33.81 25.41 -33.85
N LEU B 126 -34.74 25.38 -32.89
CA LEU B 126 -35.24 24.13 -32.33
C LEU B 126 -35.81 23.25 -33.42
N TYR B 127 -36.62 23.84 -34.31
CA TYR B 127 -37.18 23.11 -35.44
C TYR B 127 -36.08 22.44 -36.26
N GLN B 128 -35.07 23.21 -36.65
CA GLN B 128 -33.97 22.70 -37.46
C GLN B 128 -33.22 21.56 -36.79
N ILE B 129 -32.97 21.71 -35.48
CA ILE B 129 -32.34 20.65 -34.68
C ILE B 129 -33.17 19.37 -34.78
N LEU B 130 -34.47 19.49 -34.52
CA LEU B 130 -35.38 18.37 -34.61
C LEU B 130 -35.55 17.84 -36.03
N ARG B 131 -35.58 18.75 -37.01
CA ARG B 131 -35.69 18.37 -38.42
C ARG B 131 -34.49 17.53 -38.86
N GLY B 132 -33.30 17.97 -38.47
CA GLY B 132 -32.08 17.22 -38.72
C GLY B 132 -32.08 15.91 -37.93
N LEU B 133 -32.62 15.94 -36.72
CA LEU B 133 -32.61 14.77 -35.86
C LEU B 133 -33.53 13.67 -36.37
N LYS B 134 -34.73 14.06 -36.83
CA LYS B 134 -35.68 13.12 -37.41
C LYS B 134 -34.99 12.26 -38.47
N TYR B 135 -34.12 12.91 -39.24
CA TYR B 135 -33.32 12.24 -40.27
C TYR B 135 -32.26 11.32 -39.67
N ILE B 136 -31.48 11.82 -38.71
CA ILE B 136 -30.49 11.02 -38.00
C ILE B 136 -31.13 9.73 -37.44
N HIS B 137 -32.28 9.88 -36.79
CA HIS B 137 -32.94 8.75 -36.15
C HIS B 137 -33.52 7.78 -37.13
N SER B 138 -34.04 8.28 -38.24
CA SER B 138 -34.61 7.41 -39.26
C SER B 138 -33.54 6.56 -39.95
N ALA B 139 -32.28 6.95 -39.79
CA ALA B 139 -31.13 6.19 -40.26
C ALA B 139 -30.73 5.15 -39.24
N ASN B 140 -31.49 5.07 -38.14
CA ASN B 140 -31.25 4.17 -37.02
C ASN B 140 -29.99 4.54 -36.22
N VAL B 141 -29.72 5.84 -36.12
CA VAL B 141 -28.46 6.33 -35.58
C VAL B 141 -28.69 7.16 -34.30
N LEU B 142 -27.81 6.98 -33.33
CA LEU B 142 -27.78 7.78 -32.11
C LEU B 142 -26.58 8.73 -32.15
N HIS B 143 -26.84 10.04 -32.02
CA HIS B 143 -25.77 11.04 -32.04
C HIS B 143 -24.93 10.98 -30.79
N ARG B 144 -25.61 11.04 -29.65
CA ARG B 144 -25.00 10.89 -28.30
C ARG B 144 -24.20 12.10 -27.82
N ASP B 145 -24.04 13.11 -28.65
CA ASP B 145 -23.23 14.28 -28.30
C ASP B 145 -23.88 15.59 -28.73
N LEU B 146 -25.20 15.65 -28.67
CA LEU B 146 -25.93 16.88 -29.00
C LEU B 146 -25.71 17.94 -27.93
N LYS B 147 -25.08 19.04 -28.35
CA LYS B 147 -24.78 20.18 -27.48
C LYS B 147 -24.64 21.46 -28.32
N PRO B 148 -24.73 22.65 -27.69
CA PRO B 148 -24.66 23.91 -28.43
C PRO B 148 -23.46 24.02 -29.36
N SER B 149 -22.30 23.59 -28.86
CA SER B 149 -21.04 23.64 -29.62
C SER B 149 -21.01 22.69 -30.81
N ASN B 150 -21.96 21.77 -30.86
CA ASN B 150 -22.08 20.85 -31.99
C ASN B 150 -23.16 21.25 -32.97
N LEU B 151 -23.69 22.47 -32.81
CA LEU B 151 -24.71 23.01 -33.70
C LEU B 151 -24.20 24.26 -34.40
N LEU B 152 -23.80 24.11 -35.66
CA LEU B 152 -23.15 25.18 -36.42
C LEU B 152 -24.14 26.06 -37.17
N LEU B 153 -24.01 27.38 -37.03
CA LEU B 153 -24.84 28.34 -37.76
C LEU B 153 -24.03 29.23 -38.69
N ASN B 154 -24.74 29.89 -39.60
CA ASN B 154 -24.33 31.19 -40.12
C ASN B 154 -25.49 32.18 -39.99
N THR B 155 -25.21 33.48 -40.12
CA THR B 155 -26.18 34.53 -39.78
C THR B 155 -27.50 34.53 -40.57
N THR B 156 -27.59 33.66 -41.58
CA THR B 156 -28.84 33.44 -42.29
C THR B 156 -29.80 32.56 -41.47
N CYS B 157 -29.31 32.09 -40.33
CA CYS B 157 -30.05 31.22 -39.40
C CYS B 157 -30.13 29.75 -39.79
N ASP B 158 -29.33 29.36 -40.78
CA ASP B 158 -29.21 27.95 -41.16
C ASP B 158 -28.40 27.20 -40.14
N LEU B 159 -28.98 26.11 -39.62
CA LEU B 159 -28.35 25.29 -38.59
C LEU B 159 -27.92 23.93 -39.16
N LYS B 160 -26.72 23.50 -38.77
CA LYS B 160 -26.19 22.20 -39.20
C LYS B 160 -25.62 21.44 -38.01
N ILE B 161 -26.16 20.25 -37.75
CA ILE B 161 -25.69 19.35 -36.69
C ILE B 161 -24.35 18.76 -37.13
N CYS B 162 -23.36 18.79 -36.23
CA CYS B 162 -22.02 18.31 -36.59
C CYS B 162 -21.40 17.32 -35.60
N ASP B 163 -20.29 16.71 -36.01
CA ASP B 163 -19.51 15.75 -35.21
C ASP B 163 -20.27 14.48 -34.83
N PHE B 164 -20.03 13.42 -35.61
CA PHE B 164 -20.70 12.14 -35.42
C PHE B 164 -19.72 11.07 -34.98
N GLY B 165 -18.66 11.50 -34.30
CA GLY B 165 -17.60 10.62 -33.84
C GLY B 165 -17.98 9.74 -32.67
N LEU B 166 -19.05 10.10 -31.98
CA LEU B 166 -19.54 9.33 -30.83
C LEU B 166 -20.85 8.62 -31.16
N ALA B 167 -21.32 8.80 -32.39
CA ALA B 167 -22.55 8.19 -32.85
C ALA B 167 -22.44 6.66 -32.93
N ARG B 168 -23.49 5.97 -32.50
CA ARG B 168 -23.59 4.51 -32.62
C ARG B 168 -24.90 4.13 -33.29
N VAL B 169 -24.94 2.96 -33.91
CA VAL B 169 -26.18 2.38 -34.42
C VAL B 169 -27.09 2.08 -33.22
N ALA B 170 -28.34 2.52 -33.29
CA ALA B 170 -29.30 2.34 -32.21
C ALA B 170 -29.53 0.86 -31.89
N ASP B 171 -28.97 0.42 -30.77
CA ASP B 171 -29.15 -0.95 -30.29
C ASP B 171 -29.21 -0.95 -28.75
N PRO B 172 -30.42 -1.07 -28.19
CA PRO B 172 -30.61 -1.12 -26.74
C PRO B 172 -29.85 -2.27 -26.06
N ASP B 173 -29.48 -3.29 -26.83
CA ASP B 173 -28.72 -4.43 -26.30
C ASP B 173 -27.21 -4.21 -26.20
N HIS B 174 -26.76 -3.00 -26.53
CA HIS B 174 -25.34 -2.67 -26.47
C HIS B 174 -24.89 -2.33 -25.08
N ASP B 175 -23.83 -3.01 -24.64
CA ASP B 175 -23.23 -2.76 -23.33
C ASP B 175 -22.26 -1.57 -23.39
N HIS B 176 -22.49 -0.60 -22.53
CA HIS B 176 -21.68 0.61 -22.43
C HIS B 176 -20.26 0.32 -22.06
N THR B 177 -19.32 0.99 -22.72
CA THR B 177 -17.89 0.70 -22.60
C THR B 177 -17.03 1.85 -22.02
N GLY B 178 -17.62 3.03 -21.89
CA GLY B 178 -16.89 4.19 -21.38
C GLY B 178 -16.20 4.98 -22.46
N PHE B 179 -16.39 4.54 -23.70
CA PHE B 179 -15.92 5.24 -24.90
C PHE B 179 -16.54 6.63 -24.96
N LEU B 180 -17.76 6.73 -24.45
CA LEU B 180 -18.50 7.98 -24.37
C LEU B 180 -17.79 8.99 -23.46
N GLU B 181 -17.46 8.57 -22.24
CA GLU B 181 -16.78 9.45 -21.27
C GLU B 181 -15.28 9.60 -21.53
N GLU B 182 -14.73 8.78 -22.41
CA GLU B 182 -13.33 8.91 -22.77
C GLU B 182 -13.08 10.20 -23.58
N TYR B 183 -14.12 10.66 -24.27
CA TYR B 183 -13.98 11.80 -25.18
C TYR B 183 -14.86 13.01 -24.80
N VAL B 184 -15.84 12.78 -23.94
CA VAL B 184 -16.69 13.87 -23.43
C VAL B 184 -16.86 13.70 -21.92
N ALA B 185 -16.22 14.58 -21.17
CA ALA B 185 -16.28 14.55 -19.70
C ALA B 185 -17.47 15.34 -19.13
N THR B 186 -17.81 16.44 -19.78
CA THR B 186 -18.98 17.24 -19.41
C THR B 186 -20.27 16.44 -19.65
N ARG B 187 -21.13 16.39 -18.65
CA ARG B 187 -22.36 15.60 -18.77
C ARG B 187 -23.64 16.42 -18.56
N TRP B 188 -23.58 17.71 -18.90
CA TRP B 188 -24.72 18.60 -18.77
C TRP B 188 -25.85 18.24 -19.68
N TYR B 189 -25.53 17.54 -20.78
CA TYR B 189 -26.52 17.20 -21.79
C TYR B 189 -26.74 15.69 -21.85
N ARG B 190 -26.25 14.99 -20.83
CA ARG B 190 -26.35 13.53 -20.76
C ARG B 190 -27.67 13.09 -20.14
N ALA B 191 -28.35 12.16 -20.81
CA ALA B 191 -29.60 11.58 -20.31
C ALA B 191 -29.38 10.84 -19.00
N PRO B 192 -30.32 10.98 -18.04
CA PRO B 192 -30.14 10.34 -16.74
C PRO B 192 -29.92 8.83 -16.86
N GLU B 193 -30.62 8.17 -17.80
CA GLU B 193 -30.47 6.73 -17.98
C GLU B 193 -29.12 6.33 -18.57
N ILE B 194 -28.52 7.18 -19.39
CA ILE B 194 -27.14 6.97 -19.86
C ILE B 194 -26.24 6.91 -18.64
N MET B 195 -26.52 7.79 -17.70
CA MET B 195 -25.64 8.03 -16.58
C MET B 195 -25.70 6.92 -15.53
N LEU B 196 -26.81 6.20 -15.45
CA LEU B 196 -26.92 5.13 -14.45
C LEU B 196 -27.42 3.74 -14.89
N ASN B 197 -27.22 3.36 -16.14
CA ASN B 197 -27.73 2.05 -16.58
C ASN B 197 -26.73 1.03 -17.09
N SER B 198 -25.85 1.44 -17.99
CA SER B 198 -24.85 0.54 -18.59
C SER B 198 -25.32 -0.19 -19.86
N LYS B 199 -26.63 -0.17 -20.12
CA LYS B 199 -27.20 -0.64 -21.40
C LYS B 199 -28.60 -0.09 -21.61
N GLY B 200 -29.20 -0.39 -22.77
CA GLY B 200 -30.58 -0.04 -23.05
C GLY B 200 -30.79 1.38 -23.54
N TYR B 201 -29.73 2.02 -24.01
CA TYR B 201 -29.80 3.39 -24.55
C TYR B 201 -30.60 3.41 -25.86
N THR B 202 -31.64 4.25 -25.90
CA THR B 202 -32.49 4.34 -27.08
C THR B 202 -32.40 5.74 -27.69
N LYS B 203 -33.12 5.95 -28.80
CA LYS B 203 -33.16 7.24 -29.47
C LYS B 203 -33.49 8.40 -28.53
N SER B 204 -34.20 8.10 -27.44
CA SER B 204 -34.66 9.12 -26.51
C SER B 204 -33.54 9.77 -25.67
N ILE B 205 -32.31 9.27 -25.78
CA ILE B 205 -31.17 9.97 -25.17
C ILE B 205 -30.85 11.27 -25.92
N ASP B 206 -31.10 11.27 -27.22
CA ASP B 206 -30.87 12.44 -28.07
C ASP B 206 -31.91 13.52 -27.83
N ILE B 207 -33.16 13.10 -27.62
CA ILE B 207 -34.25 14.02 -27.29
C ILE B 207 -33.94 14.79 -26.00
N TRP B 208 -33.48 14.05 -24.99
CA TRP B 208 -33.09 14.63 -23.71
C TRP B 208 -32.10 15.75 -23.88
N SER B 209 -31.04 15.49 -24.65
CA SER B 209 -30.01 16.49 -24.97
C SER B 209 -30.63 17.76 -25.57
N VAL B 210 -31.49 17.57 -26.56
CA VAL B 210 -32.16 18.68 -27.24
C VAL B 210 -32.96 19.47 -26.22
N GLY B 211 -33.64 18.74 -25.33
CA GLY B 211 -34.36 19.36 -24.21
C GLY B 211 -33.46 20.27 -23.40
N CYS B 212 -32.27 19.78 -23.05
CA CYS B 212 -31.27 20.60 -22.37
C CYS B 212 -30.81 21.80 -23.20
N ILE B 213 -30.70 21.61 -24.52
CA ILE B 213 -30.32 22.67 -25.45
C ILE B 213 -31.42 23.75 -25.54
N LEU B 214 -32.68 23.32 -25.48
CA LEU B 214 -33.82 24.23 -25.51
C LEU B 214 -33.81 25.11 -24.27
N ALA B 215 -33.71 24.48 -23.11
CA ALA B 215 -33.70 25.16 -21.82
C ALA B 215 -32.55 26.18 -21.74
N GLU B 216 -31.46 25.86 -22.41
CA GLU B 216 -30.30 26.73 -22.45
C GLU B 216 -30.48 27.88 -23.44
N MET B 217 -31.36 27.71 -24.42
CA MET B 217 -31.67 28.79 -25.35
C MET B 217 -32.62 29.80 -24.71
N LEU B 218 -33.45 29.33 -23.78
CA LEU B 218 -34.44 30.17 -23.12
C LEU B 218 -33.81 31.09 -22.09
N SER B 219 -32.72 30.64 -21.47
CA SER B 219 -32.12 31.38 -20.35
C SER B 219 -30.61 31.56 -20.42
N ASN B 220 -30.00 31.12 -21.52
CA ASN B 220 -28.55 31.23 -21.74
C ASN B 220 -27.65 30.47 -20.75
N ARG B 221 -28.17 30.20 -19.56
CA ARG B 221 -27.50 29.32 -18.61
C ARG B 221 -27.87 27.86 -18.90
N PRO B 222 -26.90 26.93 -18.75
CA PRO B 222 -27.20 25.49 -18.82
C PRO B 222 -28.12 25.04 -17.69
N ILE B 223 -29.03 24.13 -18.00
CA ILE B 223 -30.04 23.63 -17.05
C ILE B 223 -29.44 22.72 -15.95
N PHE B 224 -28.58 21.78 -16.34
CA PHE B 224 -27.96 20.87 -15.37
C PHE B 224 -26.43 20.93 -15.42
N PRO B 225 -25.84 22.01 -14.87
CA PRO B 225 -24.40 22.24 -15.02
C PRO B 225 -23.51 21.51 -14.00
N GLY B 226 -23.84 20.26 -13.69
CA GLY B 226 -23.07 19.47 -12.72
C GLY B 226 -21.58 19.39 -13.00
N LYS B 227 -20.79 19.56 -11.94
CA LYS B 227 -19.33 19.53 -12.01
C LYS B 227 -18.73 18.12 -12.05
N HIS B 228 -19.38 17.18 -11.36
CA HIS B 228 -18.91 15.79 -11.31
C HIS B 228 -20.03 14.83 -11.57
N TYR B 229 -19.74 13.53 -11.41
CA TYR B 229 -20.74 12.49 -11.69
C TYR B 229 -21.95 12.56 -10.77
N LEU B 230 -21.72 12.42 -9.46
CA LEU B 230 -22.81 12.44 -8.46
C LEU B 230 -23.52 13.78 -8.42
N ASP B 231 -22.78 14.85 -8.74
CA ASP B 231 -23.32 16.20 -8.75
C ASP B 231 -24.28 16.43 -9.90
N GLN B 232 -24.01 15.80 -11.04
CA GLN B 232 -24.90 15.88 -12.19
C GLN B 232 -26.24 15.23 -11.91
N LEU B 233 -26.22 14.08 -11.24
CA LEU B 233 -27.44 13.41 -10.83
C LEU B 233 -28.26 14.32 -9.93
N ASN B 234 -27.58 14.92 -8.96
CA ASN B 234 -28.20 15.82 -7.97
C ASN B 234 -28.85 17.04 -8.61
N HIS B 235 -28.24 17.54 -9.67
CA HIS B 235 -28.76 18.66 -10.42
C HIS B 235 -30.06 18.33 -11.13
N ILE B 236 -30.15 17.12 -11.68
CA ILE B 236 -31.34 16.66 -12.38
C ILE B 236 -32.56 16.52 -11.44
N LEU B 237 -32.35 15.86 -10.31
CA LEU B 237 -33.42 15.67 -9.32
C LEU B 237 -33.75 16.98 -8.58
N GLY B 238 -32.81 17.90 -8.58
CA GLY B 238 -33.01 19.23 -8.01
C GLY B 238 -34.05 20.05 -8.75
N ILE B 239 -34.22 19.75 -10.04
CA ILE B 239 -35.19 20.46 -10.87
C ILE B 239 -36.38 19.56 -11.21
N LEU B 240 -36.12 18.31 -11.58
CA LEU B 240 -37.20 17.39 -11.97
C LEU B 240 -37.98 16.78 -10.79
N GLY B 241 -37.47 16.98 -9.56
CA GLY B 241 -38.04 16.37 -8.37
C GLY B 241 -37.66 14.90 -8.27
N SER B 242 -37.66 14.37 -7.05
CA SER B 242 -37.31 12.96 -6.80
C SER B 242 -38.14 12.03 -7.68
N PRO B 243 -37.51 10.97 -8.24
CA PRO B 243 -38.16 10.11 -9.24
C PRO B 243 -39.32 9.31 -8.68
N SER B 244 -40.35 9.12 -9.51
CA SER B 244 -41.57 8.43 -9.11
C SER B 244 -41.40 6.91 -9.06
N GLN B 245 -42.44 6.26 -8.53
CA GLN B 245 -42.52 4.80 -8.43
C GLN B 245 -42.02 4.07 -9.69
N GLU B 246 -42.58 4.42 -10.84
CA GLU B 246 -42.22 3.79 -12.12
C GLU B 246 -41.04 4.46 -12.85
N ASP B 247 -40.74 5.71 -12.51
CA ASP B 247 -39.50 6.36 -12.94
C ASP B 247 -38.32 5.49 -12.54
N LEU B 248 -38.33 5.03 -11.29
CA LEU B 248 -37.27 4.17 -10.74
C LEU B 248 -37.16 2.84 -11.46
N ASN B 249 -38.28 2.35 -12.00
CA ASN B 249 -38.30 1.09 -12.74
C ASN B 249 -37.59 1.13 -14.09
N CYS B 250 -37.31 2.33 -14.59
CA CYS B 250 -36.45 2.51 -15.78
C CYS B 250 -35.01 2.10 -15.52
N ILE B 251 -34.61 2.10 -14.26
CA ILE B 251 -33.23 1.81 -13.89
C ILE B 251 -33.02 0.31 -13.69
N ILE B 252 -32.20 -0.26 -14.56
CA ILE B 252 -31.85 -1.68 -14.53
C ILE B 252 -30.82 -1.93 -13.43
N ASN B 253 -29.86 -1.02 -13.32
CA ASN B 253 -28.79 -1.13 -12.33
C ASN B 253 -29.32 -0.94 -10.90
N LEU B 254 -29.50 -2.05 -10.19
CA LEU B 254 -30.08 -2.03 -8.85
C LEU B 254 -29.26 -1.16 -7.89
N LYS B 255 -27.94 -1.26 -8.00
CA LYS B 255 -27.02 -0.48 -7.16
C LYS B 255 -27.18 1.02 -7.37
N ALA B 256 -27.57 1.40 -8.59
CA ALA B 256 -27.86 2.78 -8.93
C ALA B 256 -29.27 3.19 -8.47
N ARG B 257 -30.23 2.28 -8.62
CA ARG B 257 -31.60 2.52 -8.17
C ARG B 257 -31.64 2.76 -6.66
N ASN B 258 -30.88 1.97 -5.91
CA ASN B 258 -30.78 2.13 -4.47
C ASN B 258 -30.13 3.44 -4.08
N TYR B 259 -29.11 3.85 -4.83
CA TYR B 259 -28.42 5.12 -4.60
C TYR B 259 -29.38 6.31 -4.70
N LEU B 260 -30.22 6.32 -5.74
CA LEU B 260 -31.19 7.40 -5.94
C LEU B 260 -32.23 7.45 -4.82
N LEU B 261 -32.63 6.26 -4.36
CA LEU B 261 -33.57 6.13 -3.24
C LEU B 261 -32.99 6.60 -1.91
N SER B 262 -31.67 6.46 -1.76
CA SER B 262 -30.97 6.87 -0.54
C SER B 262 -30.84 8.39 -0.42
N LEU B 263 -30.99 9.09 -1.54
CA LEU B 263 -30.93 10.56 -1.56
C LEU B 263 -32.17 11.20 -0.94
N PRO B 264 -32.02 12.36 -0.28
CA PRO B 264 -33.17 13.04 0.32
C PRO B 264 -34.16 13.50 -0.73
N HIS B 265 -35.43 13.57 -0.36
CA HIS B 265 -36.51 13.93 -1.27
C HIS B 265 -36.36 15.33 -1.80
N LYS B 266 -36.57 15.47 -3.10
CA LYS B 266 -36.51 16.76 -3.77
C LYS B 266 -37.85 17.05 -4.46
N ASN B 267 -38.32 18.29 -4.36
CA ASN B 267 -39.57 18.70 -5.01
C ASN B 267 -39.36 19.18 -6.44
N LYS B 268 -40.33 18.90 -7.30
CA LYS B 268 -40.34 19.37 -8.67
C LYS B 268 -40.42 20.90 -8.68
N VAL B 269 -39.54 21.53 -9.45
CA VAL B 269 -39.61 22.97 -9.69
C VAL B 269 -40.42 23.17 -10.97
N PRO B 270 -41.61 23.82 -10.85
CA PRO B 270 -42.43 24.09 -12.03
C PRO B 270 -41.66 24.91 -13.06
N TRP B 271 -41.81 24.57 -14.33
CA TRP B 271 -41.03 25.17 -15.42
C TRP B 271 -41.21 26.65 -15.55
N ASN B 272 -42.41 27.15 -15.29
CA ASN B 272 -42.68 28.58 -15.38
C ASN B 272 -42.03 29.39 -14.26
N ARG B 273 -41.65 28.72 -13.18
CA ARG B 273 -40.92 29.36 -12.08
C ARG B 273 -39.42 29.45 -12.41
N LEU B 274 -38.97 28.59 -13.32
CA LEU B 274 -37.56 28.54 -13.71
C LEU B 274 -37.32 29.36 -14.98
N PHE B 275 -38.38 29.53 -15.77
CA PHE B 275 -38.29 30.30 -17.00
C PHE B 275 -39.44 31.33 -17.04
N PRO B 276 -39.35 32.37 -16.19
CA PRO B 276 -40.45 33.28 -15.88
C PRO B 276 -41.17 33.81 -17.12
N ASN B 277 -40.41 34.36 -18.06
CA ASN B 277 -40.99 34.90 -19.29
C ASN B 277 -40.60 34.12 -20.55
N ALA B 278 -40.76 32.80 -20.49
CA ALA B 278 -40.66 31.96 -21.67
C ALA B 278 -42.06 31.66 -22.18
N ASP B 279 -42.17 31.33 -23.48
CA ASP B 279 -43.45 30.99 -24.09
C ASP B 279 -44.05 29.74 -23.45
N SER B 280 -45.37 29.76 -23.24
CA SER B 280 -46.08 28.63 -22.61
C SER B 280 -46.06 27.37 -23.48
N LYS B 281 -46.11 27.55 -24.81
CA LYS B 281 -45.97 26.44 -25.76
C LYS B 281 -44.57 25.87 -25.78
N ALA B 282 -43.57 26.71 -25.48
CA ALA B 282 -42.18 26.28 -25.43
C ALA B 282 -41.92 25.34 -24.26
N LEU B 283 -42.50 25.66 -23.10
CA LEU B 283 -42.26 24.90 -21.87
C LEU B 283 -42.97 23.56 -21.85
N ASP B 284 -44.20 23.51 -22.39
CA ASP B 284 -44.97 22.27 -22.47
C ASP B 284 -44.20 21.23 -23.29
N LEU B 285 -43.54 21.69 -24.34
CA LEU B 285 -42.66 20.84 -25.15
C LEU B 285 -41.42 20.41 -24.36
N LEU B 286 -40.79 21.36 -23.67
CA LEU B 286 -39.61 21.11 -22.84
C LEU B 286 -39.87 20.05 -21.76
N ASP B 287 -41.03 20.17 -21.11
CA ASP B 287 -41.48 19.22 -20.07
C ASP B 287 -41.52 17.78 -20.58
N LYS B 288 -41.86 17.60 -21.85
CA LYS B 288 -41.93 16.27 -22.46
C LYS B 288 -40.56 15.78 -22.94
N MET B 289 -39.66 16.72 -23.24
CA MET B 289 -38.30 16.40 -23.69
C MET B 289 -37.39 16.08 -22.52
N LEU B 290 -37.68 16.67 -21.37
CA LEU B 290 -36.89 16.44 -20.17
C LEU B 290 -37.67 15.59 -19.17
N THR B 291 -38.18 14.46 -19.66
CA THR B 291 -38.87 13.49 -18.83
C THR B 291 -37.90 12.40 -18.41
N PHE B 292 -37.67 12.28 -17.11
CA PHE B 292 -36.76 11.28 -16.55
C PHE B 292 -36.92 9.90 -17.22
N ASN B 293 -38.14 9.39 -17.18
CA ASN B 293 -38.55 8.15 -17.82
C ASN B 293 -38.36 8.20 -19.33
N PRO B 294 -37.38 7.45 -19.87
CA PRO B 294 -37.10 7.45 -21.32
C PRO B 294 -38.21 6.88 -22.20
N HIS B 295 -39.13 6.12 -21.60
CA HIS B 295 -40.25 5.56 -22.34
C HIS B 295 -41.40 6.53 -22.45
N LYS B 296 -41.56 7.37 -21.43
CA LYS B 296 -42.59 8.41 -21.42
C LYS B 296 -42.15 9.58 -22.28
N ARG B 297 -40.84 9.80 -22.33
CA ARG B 297 -40.23 10.94 -23.03
C ARG B 297 -40.61 11.02 -24.50
N ILE B 298 -40.99 12.22 -24.95
CA ILE B 298 -41.42 12.47 -26.33
C ILE B 298 -40.38 12.04 -27.37
N GLU B 299 -40.86 11.58 -28.52
CA GLU B 299 -39.99 11.13 -29.61
C GLU B 299 -39.84 12.26 -30.64
N VAL B 300 -38.88 12.14 -31.55
CA VAL B 300 -38.56 13.23 -32.47
C VAL B 300 -39.72 13.62 -33.40
N GLU B 301 -40.33 12.63 -34.04
CA GLU B 301 -41.41 12.86 -35.00
C GLU B 301 -42.61 13.54 -34.37
N GLN B 302 -42.84 13.23 -33.09
CA GLN B 302 -43.93 13.80 -32.30
C GLN B 302 -43.63 15.23 -31.87
N ALA B 303 -42.37 15.50 -31.53
CA ALA B 303 -41.91 16.84 -31.16
C ALA B 303 -42.12 17.86 -32.28
N LEU B 304 -41.72 17.50 -33.50
CA LEU B 304 -41.92 18.33 -34.68
C LEU B 304 -43.38 18.71 -34.86
N ALA B 305 -44.27 17.80 -34.46
CA ALA B 305 -45.71 18.01 -34.56
C ALA B 305 -46.31 18.76 -33.37
N HIS B 306 -45.45 19.24 -32.47
CA HIS B 306 -45.89 20.01 -31.30
C HIS B 306 -46.35 21.39 -31.70
N PRO B 307 -47.40 21.90 -31.04
CA PRO B 307 -47.98 23.23 -31.29
C PRO B 307 -46.99 24.42 -31.28
N TYR B 308 -45.86 24.27 -30.58
CA TYR B 308 -44.86 25.34 -30.51
C TYR B 308 -44.15 25.52 -31.85
N LEU B 309 -43.97 24.42 -32.59
CA LEU B 309 -43.36 24.48 -33.93
C LEU B 309 -44.41 24.52 -35.05
N GLU B 310 -45.60 25.01 -34.70
CA GLU B 310 -46.76 25.03 -35.59
C GLU B 310 -46.48 25.61 -36.98
N GLN B 311 -45.69 26.67 -37.03
CA GLN B 311 -45.49 27.44 -38.26
C GLN B 311 -44.35 26.92 -39.14
N TYR B 312 -43.61 25.94 -38.65
CA TYR B 312 -42.50 25.35 -39.41
C TYR B 312 -42.76 23.89 -39.80
N TYR B 313 -43.67 23.24 -39.08
CA TYR B 313 -43.95 21.83 -39.27
C TYR B 313 -44.53 21.52 -40.65
N ASP B 314 -43.78 20.73 -41.42
CA ASP B 314 -44.16 20.31 -42.76
C ASP B 314 -43.54 18.94 -43.04
N PRO B 315 -44.29 17.87 -42.79
CA PRO B 315 -43.82 16.50 -42.94
C PRO B 315 -43.28 16.15 -44.32
N SER B 316 -43.73 16.86 -45.35
CA SER B 316 -43.25 16.62 -46.71
C SER B 316 -41.87 17.20 -46.99
N ASP B 317 -41.45 18.16 -46.15
CA ASP B 317 -40.12 18.73 -46.24
C ASP B 317 -39.25 18.30 -45.05
N GLU B 318 -39.62 17.16 -44.46
CA GLU B 318 -38.85 16.57 -43.37
C GLU B 318 -38.41 15.17 -43.78
N PRO B 319 -37.32 15.09 -44.58
CA PRO B 319 -36.93 13.84 -45.24
C PRO B 319 -36.31 12.83 -44.29
N ILE B 320 -36.56 11.57 -44.57
CA ILE B 320 -35.99 10.46 -43.81
C ILE B 320 -34.81 9.88 -44.58
N ALA B 321 -34.01 9.06 -43.89
CA ALA B 321 -32.83 8.45 -44.47
C ALA B 321 -33.17 7.37 -45.50
N GLU B 322 -32.39 7.37 -46.59
CA GLU B 322 -32.50 6.36 -47.64
C GLU B 322 -31.56 5.22 -47.39
N ALA B 323 -30.41 5.54 -46.80
CA ALA B 323 -29.35 4.57 -46.51
C ALA B 323 -29.22 4.32 -45.00
N PRO B 324 -30.23 3.69 -44.37
CA PRO B 324 -30.22 3.57 -42.91
C PRO B 324 -29.23 2.51 -42.44
N PHE B 325 -28.72 2.69 -41.23
CA PHE B 325 -27.83 1.72 -40.62
C PHE B 325 -28.61 0.54 -40.03
N LYS B 326 -29.23 -0.22 -40.92
CA LYS B 326 -29.66 -1.59 -40.63
C LYS B 326 -28.50 -2.44 -41.07
N PHE B 327 -28.08 -2.22 -42.32
CA PHE B 327 -26.77 -2.62 -42.81
C PHE B 327 -25.75 -2.06 -41.81
N ASP B 328 -24.84 -2.91 -41.36
CA ASP B 328 -23.95 -2.58 -40.25
C ASP B 328 -24.68 -2.32 -38.92
N MET B 329 -24.75 -3.37 -38.11
CA MET B 329 -24.88 -3.22 -36.67
C MET B 329 -23.59 -2.49 -36.25
N GLU B 330 -22.63 -2.49 -37.19
CA GLU B 330 -21.36 -1.73 -37.18
C GLU B 330 -20.23 -2.32 -36.34
N LEU B 331 -20.60 -2.97 -35.22
CA LEU B 331 -19.68 -3.78 -34.41
C LEU B 331 -18.20 -3.39 -34.53
N ASP B 332 -17.86 -2.18 -34.08
CA ASP B 332 -16.45 -1.76 -34.01
C ASP B 332 -15.79 -2.44 -32.80
N ASP B 333 -14.95 -1.73 -32.06
CA ASP B 333 -14.26 -2.32 -30.90
C ASP B 333 -13.51 -3.61 -31.31
N LEU B 334 -12.54 -3.43 -32.23
CA LEU B 334 -11.75 -4.52 -32.84
C LEU B 334 -10.35 -3.97 -33.19
N PRO B 335 -9.43 -4.81 -33.74
CA PRO B 335 -8.06 -4.36 -34.00
C PRO B 335 -7.96 -2.97 -34.63
N LYS B 336 -7.02 -2.15 -34.13
CA LYS B 336 -6.89 -0.76 -34.58
C LYS B 336 -6.34 -0.63 -35.99
N GLU B 337 -5.52 -1.61 -36.38
CA GLU B 337 -4.91 -1.67 -37.71
C GLU B 337 -5.98 -1.93 -38.77
N LYS B 338 -7.03 -2.65 -38.38
CA LYS B 338 -8.19 -2.93 -39.24
C LYS B 338 -9.07 -1.68 -39.42
N LEU B 339 -9.21 -0.88 -38.36
CA LEU B 339 -9.95 0.37 -38.43
C LEU B 339 -9.28 1.38 -39.38
N LYS B 340 -7.96 1.48 -39.29
CA LYS B 340 -7.17 2.34 -40.16
C LYS B 340 -7.40 2.00 -41.64
N GLU B 341 -7.48 0.71 -41.93
CA GLU B 341 -7.78 0.20 -43.28
C GLU B 341 -9.17 0.64 -43.73
N LEU B 342 -10.16 0.49 -42.85
CA LEU B 342 -11.53 0.93 -43.12
C LEU B 342 -11.62 2.44 -43.36
N ILE B 343 -10.80 3.20 -42.63
CA ILE B 343 -10.70 4.64 -42.84
C ILE B 343 -10.10 4.95 -44.22
N PHE B 344 -9.03 4.23 -44.58
CA PHE B 344 -8.39 4.35 -45.89
C PHE B 344 -9.36 4.02 -47.02
N GLU B 345 -10.23 3.04 -46.76
CA GLU B 345 -11.24 2.57 -47.69
C GLU B 345 -12.33 3.63 -47.88
N GLU B 346 -12.92 4.11 -46.78
CA GLU B 346 -13.98 5.12 -46.82
C GLU B 346 -13.57 6.42 -47.51
N THR B 347 -12.30 6.78 -47.37
CA THR B 347 -11.77 8.05 -47.85
C THR B 347 -11.26 7.95 -49.29
N ALA B 348 -11.25 6.74 -49.85
CA ALA B 348 -10.68 6.45 -51.17
C ALA B 348 -11.42 7.12 -52.34
N ARG B 349 -12.68 7.49 -52.13
CA ARG B 349 -13.49 8.09 -53.18
C ARG B 349 -13.24 9.59 -53.37
N PHE B 350 -12.09 10.07 -52.89
CA PHE B 350 -11.71 11.47 -53.01
C PHE B 350 -10.29 11.64 -53.58
N GLN B 351 -9.67 10.51 -53.89
CA GLN B 351 -8.34 10.48 -54.49
C GLN B 351 -8.43 10.77 -56.00
N PRO B 352 -7.29 11.15 -56.63
CA PRO B 352 -7.16 11.38 -58.07
C PRO B 352 -7.96 10.44 -58.99
N GLY B 353 -8.23 9.22 -58.53
CA GLY B 353 -8.96 8.21 -59.31
C GLY B 353 -10.44 8.54 -59.49
N PRO C 7 15.58 -3.65 40.45
CA PRO C 7 15.26 -5.05 40.19
C PRO C 7 15.24 -5.35 38.70
N GLU C 8 16.35 -5.91 38.21
CA GLU C 8 16.50 -6.25 36.79
C GLU C 8 15.60 -7.42 36.41
N MET C 9 14.90 -7.28 35.28
CA MET C 9 13.95 -8.31 34.84
C MET C 9 14.07 -8.73 33.37
N VAL C 10 14.14 -10.04 33.18
CA VAL C 10 14.30 -10.66 31.87
C VAL C 10 12.98 -11.29 31.43
N ARG C 11 12.55 -10.93 30.23
CA ARG C 11 11.35 -11.46 29.57
C ARG C 11 10.04 -11.19 30.35
N GLY C 12 10.08 -10.23 31.26
CA GLY C 12 8.90 -9.88 32.05
C GLY C 12 8.85 -10.46 33.45
N GLN C 13 9.69 -11.46 33.71
CA GLN C 13 9.77 -12.10 35.03
C GLN C 13 10.83 -11.39 35.88
N VAL C 14 10.50 -11.10 37.14
CA VAL C 14 11.47 -10.48 38.05
C VAL C 14 12.65 -11.42 38.23
N PHE C 15 13.86 -10.89 38.09
CA PHE C 15 15.08 -11.68 38.22
C PHE C 15 16.12 -10.94 39.05
N ASP C 16 15.78 -10.74 40.33
CA ASP C 16 16.54 -9.89 41.25
C ASP C 16 17.85 -10.55 41.70
N VAL C 17 18.84 -10.57 40.80
CA VAL C 17 20.10 -11.25 41.09
C VAL C 17 21.20 -10.31 41.58
N GLY C 18 20.79 -9.25 42.27
CA GLY C 18 21.70 -8.39 43.02
C GLY C 18 22.71 -7.65 42.18
N PRO C 19 23.65 -6.93 42.84
CA PRO C 19 24.66 -6.13 42.15
C PRO C 19 25.82 -6.98 41.61
N ARG C 20 25.91 -8.23 42.06
CA ARG C 20 26.99 -9.12 41.65
C ARG C 20 26.77 -9.68 40.24
N TYR C 21 25.56 -10.17 39.98
CA TYR C 21 25.22 -10.82 38.72
C TYR C 21 24.45 -9.88 37.81
N THR C 22 25.05 -9.52 36.67
CA THR C 22 24.47 -8.55 35.74
C THR C 22 24.45 -9.07 34.29
N ASN C 23 23.97 -8.23 33.38
CA ASN C 23 23.83 -8.58 31.96
C ASN C 23 23.17 -9.93 31.70
N LEU C 24 21.91 -10.03 32.13
CA LEU C 24 21.12 -11.27 32.02
C LEU C 24 20.73 -11.59 30.59
N SER C 25 20.71 -12.89 30.27
CA SER C 25 20.18 -13.38 29.00
C SER C 25 19.32 -14.61 29.23
N TYR C 26 18.10 -14.58 28.70
CA TYR C 26 17.17 -15.71 28.79
C TYR C 26 17.77 -16.93 28.10
N ILE C 27 17.98 -18.00 28.87
CA ILE C 27 18.44 -19.28 28.33
C ILE C 27 17.26 -20.18 27.92
N GLY C 28 16.30 -20.35 28.83
CA GLY C 28 15.12 -21.18 28.58
C GLY C 28 14.26 -21.40 29.81
N GLU C 29 13.09 -22.00 29.60
CA GLU C 29 12.19 -22.34 30.69
C GLU C 29 12.45 -23.75 31.21
N GLY C 30 12.66 -23.84 32.51
CA GLY C 30 13.05 -25.10 33.15
C GLY C 30 12.00 -25.73 34.03
N ALA C 31 12.45 -26.65 34.88
CA ALA C 31 11.58 -27.43 35.77
C ALA C 31 11.23 -26.67 37.03
N TYR C 32 12.00 -25.64 37.35
CA TYR C 32 11.80 -24.81 38.54
C TYR C 32 11.27 -23.45 38.15
N GLY C 33 11.52 -23.06 36.91
CA GLY C 33 11.09 -21.78 36.38
C GLY C 33 12.10 -21.31 35.36
N MET C 34 12.24 -19.99 35.26
CA MET C 34 13.13 -19.38 34.29
C MET C 34 14.61 -19.68 34.55
N VAL C 35 15.36 -19.88 33.48
CA VAL C 35 16.81 -20.05 33.55
C VAL C 35 17.49 -18.94 32.73
N CYS C 36 18.50 -18.32 33.33
CA CYS C 36 19.22 -17.24 32.67
C CYS C 36 20.70 -17.46 32.74
N SER C 37 21.44 -16.83 31.84
CA SER C 37 22.87 -16.65 32.00
C SER C 37 23.10 -15.26 32.59
N ALA C 38 24.16 -15.11 33.36
CA ALA C 38 24.53 -13.83 33.93
C ALA C 38 26.04 -13.70 34.05
N TYR C 39 26.53 -12.47 33.95
CA TYR C 39 27.93 -12.22 34.20
C TYR C 39 28.18 -12.11 35.72
N ASP C 40 29.01 -13.01 36.23
CA ASP C 40 29.44 -12.97 37.62
C ASP C 40 30.61 -11.98 37.74
N ASN C 41 30.31 -10.81 38.31
CA ASN C 41 31.30 -9.73 38.43
C ASN C 41 32.46 -10.00 39.40
N VAL C 42 32.31 -11.03 40.24
CA VAL C 42 33.36 -11.43 41.18
C VAL C 42 34.33 -12.42 40.52
N ASN C 43 33.80 -13.42 39.82
CA ASN C 43 34.63 -14.45 39.19
C ASN C 43 34.97 -14.18 37.72
N LYS C 44 34.51 -13.04 37.21
CA LYS C 44 34.76 -12.61 35.84
C LYS C 44 34.41 -13.65 34.76
N VAL C 45 33.27 -14.32 34.94
CA VAL C 45 32.74 -15.30 33.97
C VAL C 45 31.22 -15.27 33.91
N ARG C 46 30.66 -15.78 32.81
CA ARG C 46 29.20 -15.96 32.70
C ARG C 46 28.75 -17.25 33.38
N VAL C 47 27.74 -17.15 34.22
CA VAL C 47 27.22 -18.29 34.97
C VAL C 47 25.77 -18.55 34.58
N ALA C 48 25.24 -19.70 35.00
CA ALA C 48 23.81 -20.00 34.84
C ALA C 48 23.05 -19.77 36.14
N ILE C 49 21.89 -19.12 36.05
CA ILE C 49 21.05 -18.85 37.22
C ILE C 49 19.62 -19.39 37.05
N LYS C 50 19.22 -20.25 37.97
CA LYS C 50 17.85 -20.76 38.02
C LYS C 50 17.02 -20.02 39.07
N LYS C 51 15.87 -19.48 38.65
CA LYS C 51 14.92 -18.91 39.59
C LYS C 51 13.92 -19.98 40.02
N ILE C 52 13.83 -20.19 41.33
CA ILE C 52 12.85 -21.10 41.91
C ILE C 52 11.89 -20.27 42.74
N SER C 53 10.61 -20.30 42.39
CA SER C 53 9.65 -19.41 43.03
C SER C 53 8.57 -20.13 43.87
N PRO C 54 7.27 -19.78 43.68
CA PRO C 54 6.29 -19.86 44.77
C PRO C 54 6.48 -21.01 45.77
N PHE C 55 6.68 -20.64 47.03
CA PHE C 55 6.76 -21.62 48.12
C PHE C 55 5.40 -21.79 48.79
N GLU C 56 4.36 -21.83 47.96
CA GLU C 56 2.98 -21.88 48.40
C GLU C 56 2.41 -23.29 48.25
N HIS C 57 3.20 -24.16 47.63
CA HIS C 57 2.82 -25.56 47.42
C HIS C 57 3.83 -26.45 48.10
N GLN C 58 3.35 -27.44 48.84
CA GLN C 58 4.19 -28.28 49.69
C GLN C 58 5.21 -29.13 48.91
N THR C 59 4.74 -29.86 47.90
CA THR C 59 5.63 -30.75 47.15
C THR C 59 6.68 -29.98 46.33
N TYR C 60 6.39 -28.70 46.04
CA TYR C 60 7.34 -27.86 45.32
C TYR C 60 8.45 -27.40 46.25
N CYS C 61 8.12 -27.18 47.52
CA CYS C 61 9.11 -26.84 48.54
C CYS C 61 9.99 -28.03 48.81
N GLN C 62 9.36 -29.20 48.85
CA GLN C 62 10.05 -30.49 48.90
C GLN C 62 11.06 -30.55 47.75
N ARG C 63 10.57 -30.43 46.53
CA ARG C 63 11.39 -30.45 45.33
C ARG C 63 12.60 -29.51 45.42
N THR C 64 12.39 -28.36 46.06
CA THR C 64 13.45 -27.35 46.21
C THR C 64 14.48 -27.74 47.25
N LEU C 65 14.01 -28.24 48.40
CA LEU C 65 14.90 -28.64 49.49
C LEU C 65 15.81 -29.78 49.05
N ARG C 66 15.23 -30.78 48.38
CA ARG C 66 15.99 -31.92 47.87
C ARG C 66 17.07 -31.39 46.93
N GLU C 67 16.66 -30.61 45.94
CA GLU C 67 17.57 -30.04 44.94
C GLU C 67 18.72 -29.28 45.59
N ILE C 68 18.42 -28.49 46.62
CA ILE C 68 19.44 -27.74 47.36
C ILE C 68 20.27 -28.67 48.25
N LYS C 69 19.64 -29.24 49.29
CA LYS C 69 20.34 -30.05 50.30
C LYS C 69 21.31 -31.06 49.71
N ILE C 70 20.87 -31.80 48.69
CA ILE C 70 21.67 -32.85 48.05
C ILE C 70 22.82 -32.26 47.23
N LEU C 71 22.49 -31.28 46.38
CA LEU C 71 23.47 -30.66 45.48
C LEU C 71 24.54 -29.92 46.27
N LEU C 72 24.15 -29.45 47.44
CA LEU C 72 24.99 -28.61 48.27
C LEU C 72 25.97 -29.42 49.14
N ARG C 73 25.72 -30.72 49.30
CA ARG C 73 26.66 -31.58 50.03
C ARG C 73 27.35 -32.61 49.14
N PHE C 74 27.25 -32.40 47.83
CA PHE C 74 27.94 -33.23 46.84
C PHE C 74 29.12 -32.46 46.24
N ARG C 75 30.27 -33.11 46.19
CA ARG C 75 31.44 -32.56 45.51
C ARG C 75 31.99 -33.60 44.54
N HIS C 76 31.56 -33.51 43.28
CA HIS C 76 32.00 -34.46 42.26
C HIS C 76 32.15 -33.81 40.93
N GLU C 77 33.16 -34.27 40.19
CA GLU C 77 33.45 -33.74 38.86
C GLU C 77 32.25 -33.86 37.90
N ASN C 78 31.50 -34.95 38.01
CA ASN C 78 30.38 -35.24 37.11
C ASN C 78 28.99 -34.90 37.65
N ILE C 79 28.94 -34.08 38.69
CA ILE C 79 27.69 -33.55 39.20
C ILE C 79 27.78 -32.02 39.23
N ILE C 80 26.80 -31.34 38.65
CA ILE C 80 26.74 -29.88 38.70
C ILE C 80 26.71 -29.45 40.16
N GLY C 81 27.45 -28.41 40.48
CA GLY C 81 27.46 -27.87 41.84
C GLY C 81 26.74 -26.54 41.93
N ILE C 82 26.31 -26.18 43.12
CA ILE C 82 25.76 -24.85 43.37
C ILE C 82 26.89 -23.91 43.81
N ASN C 83 27.08 -22.82 43.06
CA ASN C 83 28.15 -21.86 43.32
C ASN C 83 27.72 -20.73 44.24
N ASP C 84 26.43 -20.41 44.19
CA ASP C 84 25.86 -19.36 45.01
C ASP C 84 24.36 -19.55 45.11
N ILE C 85 23.77 -19.03 46.18
CA ILE C 85 22.33 -18.95 46.29
C ILE C 85 21.94 -17.56 46.76
N ILE C 86 21.05 -16.92 46.00
CA ILE C 86 20.50 -15.61 46.38
C ILE C 86 19.08 -15.75 46.92
N ARG C 87 18.86 -15.14 48.07
CA ARG C 87 17.53 -15.05 48.69
C ARG C 87 17.45 -13.85 49.61
N ALA C 88 16.21 -13.44 49.92
CA ALA C 88 15.95 -12.33 50.83
C ALA C 88 16.52 -12.62 52.22
N PRO C 89 17.01 -11.58 52.92
CA PRO C 89 17.62 -11.73 54.25
C PRO C 89 16.69 -12.31 55.31
N THR C 90 15.43 -11.90 55.31
CA THR C 90 14.46 -12.42 56.29
C THR C 90 13.59 -13.52 55.69
N ILE C 91 13.11 -14.44 56.52
CA ILE C 91 12.28 -15.57 56.08
C ILE C 91 10.92 -15.16 55.51
N GLU C 92 10.31 -14.12 56.09
CA GLU C 92 9.03 -13.59 55.63
C GLU C 92 9.15 -12.98 54.23
N GLN C 93 10.30 -12.37 53.95
CA GLN C 93 10.56 -11.73 52.66
C GLN C 93 10.98 -12.70 51.57
N MET C 94 11.37 -13.91 51.96
CA MET C 94 11.84 -14.91 50.99
C MET C 94 10.68 -15.58 50.26
N LYS C 95 10.30 -15.01 49.11
CA LYS C 95 9.24 -15.57 48.29
C LYS C 95 9.79 -16.37 47.11
N ASP C 96 11.04 -16.08 46.73
CA ASP C 96 11.75 -16.89 45.74
C ASP C 96 13.23 -17.06 46.07
N VAL C 97 13.85 -18.03 45.40
CA VAL C 97 15.26 -18.38 45.63
C VAL C 97 15.97 -18.58 44.29
N TYR C 98 17.13 -17.95 44.13
CA TYR C 98 17.93 -18.09 42.92
C TYR C 98 19.13 -19.00 43.17
N ILE C 99 19.23 -20.07 42.36
CA ILE C 99 20.35 -20.99 42.41
C ILE C 99 21.32 -20.63 41.29
N VAL C 100 22.60 -20.53 41.63
CA VAL C 100 23.65 -20.15 40.67
C VAL C 100 24.60 -21.33 40.42
N GLN C 101 24.70 -21.77 39.17
CA GLN C 101 25.54 -22.91 38.80
C GLN C 101 26.52 -22.55 37.70
N ASP C 102 27.45 -23.47 37.41
CA ASP C 102 28.33 -23.39 36.23
C ASP C 102 27.50 -23.30 34.96
N LEU C 103 27.85 -22.37 34.08
CA LEU C 103 27.19 -22.26 32.78
C LEU C 103 27.72 -23.37 31.87
N MET C 104 26.81 -24.24 31.45
CA MET C 104 27.12 -25.37 30.57
C MET C 104 26.61 -25.09 29.16
N GLU C 105 27.40 -25.46 28.16
CA GLU C 105 27.06 -25.17 26.76
C GLU C 105 25.79 -25.85 26.25
N THR C 106 25.61 -27.12 26.57
CA THR C 106 24.47 -27.89 26.10
C THR C 106 24.07 -29.03 27.05
N ASP C 107 23.00 -29.76 26.70
CA ASP C 107 22.66 -31.02 27.36
C ASP C 107 22.53 -32.16 26.36
N LEU C 108 22.56 -33.41 26.85
CA LEU C 108 22.56 -34.58 25.97
C LEU C 108 21.30 -34.73 25.12
N TYR C 109 20.20 -34.14 25.58
CA TYR C 109 18.97 -34.11 24.80
C TYR C 109 19.18 -33.26 23.55
N LYS C 110 19.69 -32.05 23.75
CA LYS C 110 19.95 -31.12 22.65
C LYS C 110 21.00 -31.67 21.70
N LEU C 111 21.91 -32.48 22.25
CA LEU C 111 23.03 -33.02 21.50
C LEU C 111 22.59 -34.17 20.59
N LEU C 112 21.81 -35.10 21.15
CA LEU C 112 21.26 -36.22 20.38
C LEU C 112 20.23 -35.74 19.36
N LYS C 113 19.66 -34.57 19.63
CA LYS C 113 18.73 -33.88 18.73
C LYS C 113 19.44 -33.42 17.45
N THR C 114 20.75 -33.17 17.53
CA THR C 114 21.50 -32.63 16.38
C THR C 114 22.54 -33.61 15.81
N GLN C 115 23.49 -34.04 16.65
CA GLN C 115 24.53 -34.97 16.22
C GLN C 115 24.04 -36.42 16.21
N HIS C 116 24.75 -37.24 15.44
CA HIS C 116 24.75 -38.68 15.64
C HIS C 116 26.10 -39.00 16.21
N LEU C 117 26.13 -39.65 17.36
CA LEU C 117 27.38 -39.82 18.10
C LEU C 117 28.24 -41.02 17.65
N SER C 118 29.55 -40.81 17.62
CA SER C 118 30.52 -41.86 17.36
C SER C 118 30.59 -42.79 18.57
N ASN C 119 30.93 -44.05 18.34
CA ASN C 119 31.09 -45.02 19.42
C ASN C 119 32.01 -44.52 20.53
N ASP C 120 33.10 -43.86 20.13
CA ASP C 120 34.09 -43.30 21.05
C ASP C 120 33.49 -42.25 21.97
N HIS C 121 32.68 -41.35 21.41
CA HIS C 121 32.01 -40.31 22.20
C HIS C 121 31.04 -40.90 23.18
N ILE C 122 30.22 -41.84 22.73
CA ILE C 122 29.24 -42.54 23.58
C ILE C 122 29.91 -43.18 24.79
N CYS C 123 30.99 -43.92 24.52
CA CYS C 123 31.74 -44.61 25.55
C CYS C 123 32.13 -43.67 26.69
N TYR C 124 32.79 -42.57 26.35
CA TYR C 124 33.25 -41.59 27.33
C TYR C 124 32.11 -40.95 28.13
N PHE C 125 31.02 -40.62 27.44
CA PHE C 125 29.83 -40.07 28.09
C PHE C 125 29.21 -41.07 29.05
N LEU C 126 29.08 -42.32 28.60
CA LEU C 126 28.53 -43.39 29.44
C LEU C 126 29.36 -43.55 30.68
N TYR C 127 30.68 -43.57 30.52
CA TYR C 127 31.60 -43.68 31.65
C TYR C 127 31.35 -42.57 32.67
N GLN C 128 31.29 -41.32 32.21
CA GLN C 128 31.07 -40.18 33.09
C GLN C 128 29.74 -40.25 33.85
N ILE C 129 28.69 -40.65 33.14
CA ILE C 129 27.37 -40.86 33.74
C ILE C 129 27.52 -41.86 34.89
N LEU C 130 28.11 -43.01 34.61
CA LEU C 130 28.32 -44.05 35.60
C LEU C 130 29.30 -43.63 36.71
N ARG C 131 30.35 -42.91 36.34
CA ARG C 131 31.33 -42.38 37.29
C ARG C 131 30.65 -41.45 38.29
N GLY C 132 29.83 -40.53 37.78
CA GLY C 132 29.03 -39.64 38.62
C GLY C 132 28.01 -40.41 39.43
N LEU C 133 27.44 -41.46 38.83
CA LEU C 133 26.41 -42.26 39.50
C LEU C 133 26.97 -43.08 40.67
N LYS C 134 28.14 -43.68 40.47
CA LYS C 134 28.81 -44.44 41.52
C LYS C 134 28.87 -43.60 42.78
N TYR C 135 29.15 -42.31 42.60
CA TYR C 135 29.21 -41.35 43.69
C TYR C 135 27.84 -41.07 44.30
N ILE C 136 26.85 -40.82 43.44
CA ILE C 136 25.47 -40.58 43.91
C ILE C 136 24.98 -41.74 44.77
N HIS C 137 25.22 -42.96 44.30
CA HIS C 137 24.79 -44.18 45.01
C HIS C 137 25.52 -44.43 46.29
N SER C 138 26.81 -44.16 46.31
CA SER C 138 27.60 -44.35 47.53
C SER C 138 27.22 -43.35 48.62
N ALA C 139 26.49 -42.32 48.24
CA ALA C 139 25.91 -41.37 49.17
C ALA C 139 24.57 -41.87 49.69
N ASN C 140 24.17 -43.06 49.22
CA ASN C 140 22.88 -43.70 49.56
C ASN C 140 21.68 -42.97 48.93
N VAL C 141 21.91 -42.40 47.75
CA VAL C 141 20.93 -41.52 47.10
C VAL C 141 20.42 -42.08 45.77
N LEU C 142 19.12 -41.93 45.54
CA LEU C 142 18.48 -42.30 44.29
C LEU C 142 18.13 -41.05 43.52
N HIS C 143 18.61 -40.94 42.28
CA HIS C 143 18.35 -39.76 41.46
C HIS C 143 16.92 -39.73 40.99
N ARG C 144 16.49 -40.83 40.39
CA ARG C 144 15.10 -41.07 39.97
C ARG C 144 14.67 -40.31 38.70
N ASP C 145 15.54 -39.44 38.20
CA ASP C 145 15.20 -38.62 37.03
C ASP C 145 16.32 -38.54 35.99
N LEU C 146 17.07 -39.63 35.85
CA LEU C 146 18.16 -39.69 34.89
C LEU C 146 17.61 -39.74 33.47
N LYS C 147 17.90 -38.69 32.70
CA LYS C 147 17.48 -38.56 31.31
C LYS C 147 18.44 -37.64 30.56
N PRO C 148 18.42 -37.66 29.21
CA PRO C 148 19.37 -36.87 28.42
C PRO C 148 19.39 -35.39 28.82
N SER C 149 18.20 -34.83 29.03
CA SER C 149 18.04 -33.41 29.36
C SER C 149 18.56 -33.06 30.75
N ASN C 150 18.86 -34.08 31.55
CA ASN C 150 19.45 -33.88 32.87
C ASN C 150 20.95 -34.13 32.89
N LEU C 151 21.56 -34.25 31.71
CA LEU C 151 22.99 -34.48 31.60
C LEU C 151 23.63 -33.35 30.80
N LEU C 152 24.28 -32.43 31.53
CA LEU C 152 24.81 -31.20 30.94
C LEU C 152 26.24 -31.36 30.44
N LEU C 153 26.51 -30.94 29.21
CA LEU C 153 27.86 -30.95 28.63
C LEU C 153 28.37 -29.55 28.29
N ASN C 154 29.68 -29.48 28.05
CA ASN C 154 30.25 -28.50 27.15
C ASN C 154 31.18 -29.22 26.17
N THR C 155 31.57 -28.54 25.09
CA THR C 155 32.21 -29.18 23.94
C THR C 155 33.56 -29.85 24.21
N THR C 156 34.07 -29.66 25.42
CA THR C 156 35.26 -30.38 25.89
C THR C 156 34.93 -31.83 26.25
N CYS C 157 33.63 -32.17 26.19
CA CYS C 157 33.09 -33.49 26.51
C CYS C 157 32.92 -33.78 28.01
N ASP C 158 33.02 -32.74 28.84
CA ASP C 158 32.77 -32.87 30.27
C ASP C 158 31.28 -32.97 30.55
N LEU C 159 30.88 -34.03 31.24
CA LEU C 159 29.47 -34.28 31.54
C LEU C 159 29.19 -34.07 33.03
N LYS C 160 28.05 -33.43 33.31
CA LYS C 160 27.63 -33.16 34.67
C LYS C 160 26.16 -33.54 34.84
N ILE C 161 25.90 -34.45 35.77
CA ILE C 161 24.53 -34.86 36.13
C ILE C 161 23.86 -33.74 36.93
N CYS C 162 22.63 -33.40 36.56
CA CYS C 162 21.95 -32.28 37.21
C CYS C 162 20.52 -32.58 37.69
N ASP C 163 19.97 -31.64 38.45
CA ASP C 163 18.59 -31.70 38.97
C ASP C 163 18.32 -32.87 39.92
N PHE C 164 18.41 -32.60 41.21
CA PHE C 164 18.24 -33.63 42.23
C PHE C 164 16.98 -33.36 43.04
N GLY C 165 16.00 -32.74 42.40
CA GLY C 165 14.74 -32.35 43.05
C GLY C 165 13.81 -33.51 43.30
N LEU C 166 14.04 -34.63 42.61
CA LEU C 166 13.23 -35.82 42.77
C LEU C 166 13.98 -36.92 43.48
N ALA C 167 15.23 -36.64 43.84
CA ALA C 167 16.09 -37.59 44.55
C ALA C 167 15.58 -37.89 45.95
N ARG C 168 15.64 -39.17 46.33
CA ARG C 168 15.29 -39.62 47.68
C ARG C 168 16.43 -40.47 48.24
N VAL C 169 16.53 -40.53 49.57
CA VAL C 169 17.44 -41.45 50.24
C VAL C 169 16.98 -42.88 49.97
N ALA C 170 17.91 -43.73 49.52
CA ALA C 170 17.60 -45.13 49.16
C ALA C 170 16.99 -45.91 50.32
N ASP C 171 15.69 -46.16 50.24
CA ASP C 171 14.98 -46.94 51.24
C ASP C 171 13.89 -47.76 50.56
N PRO C 172 14.13 -49.07 50.36
CA PRO C 172 13.15 -49.98 49.74
C PRO C 172 11.82 -50.05 50.49
N ASP C 173 11.82 -49.68 51.76
CA ASP C 173 10.59 -49.67 52.57
C ASP C 173 9.72 -48.43 52.39
N HIS C 174 10.11 -47.54 51.48
CA HIS C 174 9.36 -46.31 51.25
C HIS C 174 8.18 -46.55 50.35
N ASP C 175 7.02 -46.11 50.81
CA ASP C 175 5.78 -46.20 50.03
C ASP C 175 5.66 -45.05 49.05
N HIS C 176 5.49 -45.38 47.77
CA HIS C 176 5.35 -44.42 46.68
C HIS C 176 4.14 -43.54 46.84
N THR C 177 4.32 -42.24 46.59
CA THR C 177 3.28 -41.23 46.86
C THR C 177 2.73 -40.49 45.63
N GLY C 178 3.36 -40.68 44.48
CA GLY C 178 2.94 -39.99 43.25
C GLY C 178 3.61 -38.64 43.07
N PHE C 179 4.48 -38.29 44.01
CA PHE C 179 5.34 -37.11 43.94
C PHE C 179 6.21 -37.18 42.69
N LEU C 180 6.57 -38.40 42.31
CA LEU C 180 7.37 -38.69 41.13
C LEU C 180 6.65 -38.27 39.85
N GLU C 181 5.41 -38.74 39.71
CA GLU C 181 4.59 -38.42 38.53
C GLU C 181 3.96 -37.03 38.58
N GLU C 182 4.05 -36.38 39.73
CA GLU C 182 3.52 -35.02 39.86
C GLU C 182 4.40 -34.03 39.11
N TYR C 183 5.68 -34.38 38.93
CA TYR C 183 6.64 -33.48 38.32
C TYR C 183 7.28 -34.02 37.03
N VAL C 184 7.16 -35.33 36.81
CA VAL C 184 7.63 -35.96 35.58
C VAL C 184 6.56 -36.91 35.02
N ALA C 185 5.94 -36.50 33.92
CA ALA C 185 4.88 -37.28 33.29
C ALA C 185 5.44 -38.30 32.30
N THR C 186 6.49 -37.92 31.59
CA THR C 186 7.16 -38.80 30.64
C THR C 186 7.81 -39.96 31.41
N ARG C 187 7.56 -41.17 30.94
CA ARG C 187 8.08 -42.36 31.62
C ARG C 187 8.94 -43.27 30.74
N TRP C 188 9.60 -42.67 29.75
CA TRP C 188 10.49 -43.39 28.84
C TRP C 188 11.71 -43.94 29.52
N TYR C 189 12.09 -43.32 30.63
CA TYR C 189 13.30 -43.70 31.36
C TYR C 189 12.97 -44.29 32.74
N ARG C 190 11.70 -44.62 32.93
CA ARG C 190 11.21 -45.18 34.19
C ARG C 190 11.38 -46.70 34.21
N ALA C 191 11.95 -47.20 35.31
CA ALA C 191 12.12 -48.64 35.54
C ALA C 191 10.77 -49.35 35.63
N PRO C 192 10.67 -50.57 35.06
CA PRO C 192 9.39 -51.27 35.06
C PRO C 192 8.84 -51.49 36.45
N GLU C 193 9.71 -51.73 37.43
CA GLU C 193 9.26 -51.96 38.80
C GLU C 193 8.75 -50.69 39.50
N ILE C 194 9.30 -49.53 39.12
CA ILE C 194 8.78 -48.26 39.60
C ILE C 194 7.33 -48.17 39.15
N MET C 195 7.11 -48.58 37.92
CA MET C 195 5.84 -48.38 37.25
C MET C 195 4.71 -49.30 37.73
N LEU C 196 5.05 -50.44 38.34
CA LEU C 196 4.01 -51.35 38.82
C LEU C 196 4.18 -51.95 40.24
N ASN C 197 4.88 -51.27 41.14
CA ASN C 197 5.07 -51.85 42.48
C ASN C 197 4.50 -51.09 43.68
N SER C 198 4.79 -49.80 43.76
CA SER C 198 4.33 -48.94 44.86
C SER C 198 5.30 -48.90 46.06
N LYS C 199 6.25 -49.84 46.10
CA LYS C 199 7.37 -49.79 47.05
C LYS C 199 8.54 -50.66 46.59
N GLY C 200 9.65 -50.61 47.33
CA GLY C 200 10.78 -51.49 47.10
C GLY C 200 11.76 -51.00 46.04
N TYR C 201 11.69 -49.70 45.73
CA TYR C 201 12.58 -49.09 44.75
C TYR C 201 14.01 -49.06 45.26
N THR C 202 14.92 -49.65 44.49
CA THR C 202 16.34 -49.72 44.87
C THR C 202 17.23 -48.92 43.90
N LYS C 203 18.52 -48.88 44.19
CA LYS C 203 19.47 -48.16 43.35
C LYS C 203 19.35 -48.56 41.88
N SER C 204 18.87 -49.77 41.64
CA SER C 204 18.81 -50.32 40.28
C SER C 204 17.78 -49.64 39.36
N ILE C 205 16.99 -48.72 39.92
CA ILE C 205 16.08 -47.91 39.10
C ILE C 205 16.87 -46.90 38.28
N ASP C 206 17.98 -46.45 38.85
CA ASP C 206 18.87 -45.48 38.20
C ASP C 206 19.69 -46.13 37.08
N ILE C 207 20.11 -47.37 37.29
CA ILE C 207 20.82 -48.15 36.25
C ILE C 207 19.95 -48.33 35.02
N TRP C 208 18.68 -48.68 35.25
CA TRP C 208 17.70 -48.81 34.18
C TRP C 208 17.61 -47.59 33.31
N SER C 209 17.49 -46.41 33.94
CA SER C 209 17.44 -45.14 33.23
C SER C 209 18.68 -44.94 32.34
N VAL C 210 19.85 -45.17 32.92
CA VAL C 210 21.12 -45.08 32.19
C VAL C 210 21.11 -46.03 30.99
N GLY C 211 20.60 -47.24 31.21
CA GLY C 211 20.39 -48.21 30.13
C GLY C 211 19.60 -47.59 28.99
N CYS C 212 18.48 -46.93 29.32
CA CYS C 212 17.65 -46.24 28.34
C CYS C 212 18.39 -45.10 27.65
N ILE C 213 19.22 -44.39 28.42
CA ILE C 213 20.06 -43.30 27.91
C ILE C 213 21.14 -43.83 26.94
N LEU C 214 21.69 -45.00 27.24
CA LEU C 214 22.68 -45.66 26.39
C LEU C 214 22.07 -46.04 25.04
N ALA C 215 20.94 -46.74 25.08
CA ALA C 215 20.21 -47.15 23.89
C ALA C 215 19.84 -45.96 23.00
N GLU C 216 19.59 -44.82 23.65
CA GLU C 216 19.22 -43.60 22.96
C GLU C 216 20.42 -42.90 22.35
N MET C 217 21.61 -43.18 22.90
CA MET C 217 22.84 -42.64 22.33
C MET C 217 23.26 -43.43 21.11
N LEU C 218 22.92 -44.71 21.08
CA LEU C 218 23.29 -45.59 19.99
C LEU C 218 22.47 -45.33 18.72
N SER C 219 21.22 -44.90 18.90
CA SER C 219 20.29 -44.77 17.76
C SER C 219 19.54 -43.44 17.70
N ASN C 220 19.82 -42.53 18.63
CA ASN C 220 19.18 -41.21 18.71
C ASN C 220 17.67 -41.22 19.00
N ARG C 221 17.02 -42.32 18.68
CA ARG C 221 15.61 -42.53 19.06
C ARG C 221 15.54 -43.11 20.48
N PRO C 222 14.57 -42.66 21.30
CA PRO C 222 14.31 -43.31 22.60
C PRO C 222 13.84 -44.75 22.45
N ILE C 223 14.29 -45.60 23.36
CA ILE C 223 14.02 -47.04 23.32
C ILE C 223 12.56 -47.41 23.66
N PHE C 224 12.01 -46.80 24.70
CA PHE C 224 10.63 -47.05 25.12
C PHE C 224 9.83 -45.75 25.17
N PRO C 225 9.43 -45.23 24.00
CA PRO C 225 8.78 -43.92 23.95
C PRO C 225 7.26 -43.92 24.18
N GLY C 226 6.79 -44.73 25.13
CA GLY C 226 5.36 -44.84 25.43
C GLY C 226 4.67 -43.52 25.72
N LYS C 227 3.47 -43.36 25.13
CA LYS C 227 2.68 -42.13 25.26
C LYS C 227 1.89 -42.06 26.57
N HIS C 228 1.43 -43.20 27.06
CA HIS C 228 0.64 -43.28 28.29
C HIS C 228 1.16 -44.34 29.21
N TYR C 229 0.43 -44.59 30.30
CA TYR C 229 0.85 -45.55 31.32
C TYR C 229 0.91 -46.98 30.78
N LEU C 230 -0.23 -47.49 30.33
CA LEU C 230 -0.34 -48.86 29.82
C LEU C 230 0.52 -49.08 28.56
N ASP C 231 0.69 -48.01 27.80
CA ASP C 231 1.46 -48.03 26.56
C ASP C 231 2.95 -48.17 26.83
N GLN C 232 3.41 -47.57 27.93
CA GLN C 232 4.81 -47.66 28.33
C GLN C 232 5.18 -49.09 28.73
N LEU C 233 4.28 -49.75 29.44
CA LEU C 233 4.47 -51.17 29.79
C LEU C 233 4.60 -52.00 28.52
N ASN C 234 3.67 -51.77 27.59
CA ASN C 234 3.62 -52.50 26.32
C ASN C 234 4.89 -52.33 25.48
N HIS C 235 5.48 -51.15 25.57
CA HIS C 235 6.73 -50.85 24.86
C HIS C 235 7.88 -51.63 25.39
N ILE C 236 7.92 -51.81 26.72
CA ILE C 236 9.00 -52.55 27.38
C ILE C 236 8.96 -54.04 27.03
N LEU C 237 7.78 -54.65 27.13
CA LEU C 237 7.62 -56.07 26.80
C LEU C 237 7.72 -56.32 25.30
N GLY C 238 7.49 -55.27 24.51
CA GLY C 238 7.62 -55.34 23.06
C GLY C 238 9.05 -55.57 22.60
N ILE C 239 10.00 -55.13 23.42
CA ILE C 239 11.42 -55.29 23.13
C ILE C 239 12.07 -56.37 24.02
N LEU C 240 11.77 -56.35 25.31
CA LEU C 240 12.37 -57.30 26.26
C LEU C 240 11.74 -58.69 26.23
N GLY C 241 10.60 -58.83 25.54
CA GLY C 241 9.86 -60.09 25.52
C GLY C 241 9.06 -60.26 26.80
N SER C 242 7.98 -61.03 26.73
CA SER C 242 7.13 -61.29 27.89
C SER C 242 7.95 -61.80 29.08
N PRO C 243 7.64 -61.33 30.30
CA PRO C 243 8.46 -61.60 31.48
C PRO C 243 8.47 -63.07 31.89
N SER C 244 9.62 -63.53 32.40
CA SER C 244 9.82 -64.93 32.77
C SER C 244 9.16 -65.28 34.11
N GLN C 245 9.14 -66.57 34.40
CA GLN C 245 8.62 -67.13 35.65
C GLN C 245 9.01 -66.29 36.88
N GLU C 246 10.31 -66.05 37.05
CA GLU C 246 10.82 -65.31 38.22
C GLU C 246 10.89 -63.79 38.01
N ASP C 247 10.88 -63.35 36.75
CA ASP C 247 10.71 -61.93 36.44
C ASP C 247 9.42 -61.44 37.09
N LEU C 248 8.34 -62.21 36.93
CA LEU C 248 7.04 -61.88 37.50
C LEU C 248 7.07 -61.81 39.03
N ASN C 249 7.95 -62.61 39.63
CA ASN C 249 8.09 -62.64 41.09
C ASN C 249 8.66 -61.35 41.71
N CYS C 250 9.25 -60.51 40.86
CA CYS C 250 9.71 -59.17 41.27
C CYS C 250 8.54 -58.27 41.60
N ILE C 251 7.37 -58.59 41.05
CA ILE C 251 6.20 -57.75 41.22
C ILE C 251 5.43 -58.13 42.48
N ILE C 252 5.38 -57.18 43.40
CA ILE C 252 4.68 -57.33 44.67
C ILE C 252 3.19 -57.13 44.48
N ASN C 253 2.85 -56.15 43.65
CA ASN C 253 1.45 -55.81 43.36
C ASN C 253 0.78 -56.89 42.52
N LEU C 254 0.00 -57.75 43.19
CA LEU C 254 -0.65 -58.89 42.53
C LEU C 254 -1.52 -58.56 41.33
N LYS C 255 -2.33 -57.51 41.46
CA LYS C 255 -3.19 -57.07 40.36
C LYS C 255 -2.39 -56.55 39.16
N ALA C 256 -1.19 -56.05 39.45
CA ALA C 256 -0.27 -55.60 38.42
C ALA C 256 0.33 -56.86 37.77
N ARG C 257 0.72 -57.83 38.60
CA ARG C 257 1.27 -59.10 38.12
C ARG C 257 0.27 -59.82 37.22
N ASN C 258 -0.99 -59.82 37.64
CA ASN C 258 -2.07 -60.42 36.85
C ASN C 258 -2.29 -59.71 35.52
N TYR C 259 -2.19 -58.38 35.55
CA TYR C 259 -2.34 -57.57 34.34
C TYR C 259 -1.29 -57.91 33.28
N LEU C 260 -0.04 -58.07 33.70
CA LEU C 260 1.04 -58.43 32.77
C LEU C 260 0.83 -59.83 32.19
N LEU C 261 0.31 -60.74 33.03
CA LEU C 261 0.02 -62.10 32.60
C LEU C 261 -1.13 -62.17 31.60
N SER C 262 -2.04 -61.21 31.71
CA SER C 262 -3.21 -61.16 30.86
C SER C 262 -2.90 -60.65 29.44
N LEU C 263 -1.75 -59.99 29.29
CA LEU C 263 -1.29 -59.48 28.00
C LEU C 263 -0.81 -60.60 27.09
N PRO C 264 -0.97 -60.43 25.76
CA PRO C 264 -0.52 -61.47 24.83
C PRO C 264 1.01 -61.62 24.82
N HIS C 265 1.48 -62.83 24.53
CA HIS C 265 2.90 -63.15 24.57
C HIS C 265 3.67 -62.33 23.57
N LYS C 266 4.81 -61.82 24.02
CA LYS C 266 5.72 -61.06 23.17
C LYS C 266 7.09 -61.70 23.17
N ASN C 267 7.71 -61.75 22.00
CA ASN C 267 9.06 -62.32 21.86
C ASN C 267 10.15 -61.28 22.07
N LYS C 268 11.25 -61.72 22.68
CA LYS C 268 12.44 -60.89 22.86
C LYS C 268 13.01 -60.51 21.49
N VAL C 269 13.27 -59.22 21.32
CA VAL C 269 13.98 -58.72 20.15
C VAL C 269 15.47 -58.68 20.49
N PRO C 270 16.29 -59.51 19.80
CA PRO C 270 17.73 -59.48 20.04
C PRO C 270 18.31 -58.09 19.81
N TRP C 271 19.22 -57.69 20.69
CA TRP C 271 19.77 -56.32 20.68
C TRP C 271 20.47 -55.94 19.41
N ASN C 272 21.14 -56.91 18.78
CA ASN C 272 21.85 -56.67 17.53
C ASN C 272 20.93 -56.47 16.32
N ARG C 273 19.67 -56.89 16.47
CA ARG C 273 18.66 -56.67 15.43
C ARG C 273 18.06 -55.27 15.58
N LEU C 274 18.18 -54.69 16.77
CA LEU C 274 17.63 -53.37 17.06
C LEU C 274 18.69 -52.29 16.90
N PHE C 275 19.95 -52.70 17.04
CA PHE C 275 21.07 -51.77 16.92
C PHE C 275 22.11 -52.37 15.97
N PRO C 276 21.79 -52.43 14.67
CA PRO C 276 22.51 -53.21 13.66
C PRO C 276 24.01 -52.99 13.69
N ASN C 277 24.45 -51.73 13.67
CA ASN C 277 25.88 -51.42 13.72
C ASN C 277 26.32 -50.69 14.99
N ALA C 278 25.93 -51.25 16.14
CA ALA C 278 26.45 -50.83 17.44
C ALA C 278 27.54 -51.79 17.86
N ASP C 279 28.46 -51.31 18.72
CA ASP C 279 29.56 -52.14 19.23
C ASP C 279 29.01 -53.33 20.02
N SER C 280 29.63 -54.50 19.85
CA SER C 280 29.20 -55.73 20.54
C SER C 280 29.40 -55.65 22.07
N LYS C 281 30.47 -54.97 22.48
CA LYS C 281 30.73 -54.70 23.91
C LYS C 281 29.71 -53.73 24.50
N ALA C 282 29.20 -52.82 23.67
CA ALA C 282 28.20 -51.84 24.10
C ALA C 282 26.86 -52.51 24.42
N LEU C 283 26.46 -53.48 23.60
CA LEU C 283 25.16 -54.14 23.73
C LEU C 283 25.12 -55.13 24.90
N ASP C 284 26.21 -55.85 25.11
CA ASP C 284 26.30 -56.80 26.22
C ASP C 284 26.10 -56.07 27.56
N LEU C 285 26.66 -54.88 27.66
CA LEU C 285 26.45 -54.02 28.82
C LEU C 285 25.00 -53.56 28.91
N LEU C 286 24.46 -53.10 27.78
CA LEU C 286 23.06 -52.63 27.68
C LEU C 286 22.07 -53.72 28.14
N ASP C 287 22.29 -54.94 27.67
CA ASP C 287 21.47 -56.10 28.03
C ASP C 287 21.38 -56.30 29.54
N LYS C 288 22.45 -55.98 30.25
CA LYS C 288 22.51 -56.11 31.70
C LYS C 288 21.90 -54.91 32.42
N MET C 289 21.90 -53.76 31.76
CA MET C 289 21.32 -52.54 32.33
C MET C 289 19.82 -52.50 32.14
N LEU C 290 19.34 -53.15 31.09
CA LEU C 290 17.91 -53.16 30.81
C LEU C 290 17.33 -54.54 31.09
N THR C 291 17.62 -55.06 32.27
CA THR C 291 17.08 -56.33 32.72
C THR C 291 15.85 -56.07 33.57
N PHE C 292 14.70 -56.55 33.11
CA PHE C 292 13.42 -56.39 33.79
C PHE C 292 13.53 -56.62 35.30
N ASN C 293 14.08 -57.77 35.68
CA ASN C 293 14.35 -58.15 37.06
C ASN C 293 15.38 -57.21 37.69
N PRO C 294 14.95 -56.38 38.66
CA PRO C 294 15.85 -55.42 39.33
C PRO C 294 16.96 -56.06 40.17
N HIS C 295 16.80 -57.33 40.53
CA HIS C 295 17.80 -58.04 41.30
C HIS C 295 18.86 -58.64 40.43
N LYS C 296 18.49 -59.03 39.22
CA LYS C 296 19.45 -59.55 38.24
C LYS C 296 20.24 -58.40 37.62
N ARG C 297 19.60 -57.25 37.52
CA ARG C 297 20.14 -56.06 36.83
C ARG C 297 21.48 -55.61 37.41
N ILE C 298 22.42 -55.33 36.53
CA ILE C 298 23.78 -54.91 36.89
C ILE C 298 23.77 -53.65 37.79
N GLU C 299 24.73 -53.60 38.71
CA GLU C 299 24.88 -52.46 39.61
C GLU C 299 25.96 -51.50 39.08
N VAL C 300 26.02 -50.30 39.64
CA VAL C 300 26.88 -49.25 39.08
C VAL C 300 28.37 -49.61 39.08
N GLU C 301 28.86 -50.07 40.23
CA GLU C 301 30.28 -50.40 40.40
C GLU C 301 30.75 -51.48 39.44
N GLN C 302 29.84 -52.41 39.13
CA GLN C 302 30.10 -53.51 38.21
C GLN C 302 30.08 -53.05 36.76
N ALA C 303 29.19 -52.11 36.45
CA ALA C 303 29.09 -51.52 35.11
C ALA C 303 30.39 -50.84 34.70
N LEU C 304 30.93 -50.00 35.57
CA LEU C 304 32.20 -49.31 35.34
C LEU C 304 33.31 -50.31 35.01
N ALA C 305 33.22 -51.50 35.59
CA ALA C 305 34.22 -52.55 35.39
C ALA C 305 33.94 -53.41 34.16
N HIS C 306 32.94 -53.03 33.37
CA HIS C 306 32.60 -53.77 32.15
C HIS C 306 33.62 -53.52 31.06
N PRO C 307 33.92 -54.55 30.25
CA PRO C 307 34.91 -54.47 29.16
C PRO C 307 34.71 -53.34 28.15
N TYR C 308 33.48 -52.83 28.02
CA TYR C 308 33.21 -51.73 27.08
C TYR C 308 33.85 -50.42 27.54
N LEU C 309 33.91 -50.22 28.85
CA LEU C 309 34.56 -49.03 29.44
C LEU C 309 36.02 -49.32 29.86
N GLU C 310 36.61 -50.32 29.23
CA GLU C 310 37.96 -50.80 29.54
C GLU C 310 39.00 -49.68 29.66
N GLN C 311 38.93 -48.71 28.76
CA GLN C 311 39.98 -47.70 28.63
C GLN C 311 39.79 -46.49 29.55
N TYR C 312 38.66 -46.43 30.24
CA TYR C 312 38.39 -45.32 31.15
C TYR C 312 38.33 -45.76 32.63
N TYR C 313 38.10 -47.05 32.84
CA TYR C 313 37.94 -47.60 34.18
C TYR C 313 39.18 -47.45 35.05
N ASP C 314 39.04 -46.67 36.12
CA ASP C 314 40.11 -46.42 37.07
C ASP C 314 39.50 -46.18 38.45
N PRO C 315 39.38 -47.25 39.25
CA PRO C 315 38.76 -47.22 40.58
C PRO C 315 39.35 -46.17 41.53
N SER C 316 40.63 -45.84 41.36
CA SER C 316 41.27 -44.83 42.20
C SER C 316 40.84 -43.39 41.86
N ASP C 317 40.32 -43.21 40.66
CA ASP C 317 39.80 -41.90 40.24
C ASP C 317 38.27 -41.92 40.14
N GLU C 318 37.67 -42.86 40.88
CA GLU C 318 36.21 -42.96 40.96
C GLU C 318 35.81 -42.81 42.42
N PRO C 319 35.73 -41.56 42.91
CA PRO C 319 35.57 -41.29 44.33
C PRO C 319 34.16 -41.55 44.84
N ILE C 320 34.08 -42.01 46.08
CA ILE C 320 32.82 -42.26 46.76
C ILE C 320 32.49 -41.08 47.67
N ALA C 321 31.24 -41.03 48.13
CA ALA C 321 30.78 -39.95 48.99
C ALA C 321 31.37 -40.04 50.39
N GLU C 322 31.72 -38.86 50.92
CA GLU C 322 32.24 -38.73 52.27
C GLU C 322 31.10 -38.42 53.24
N ALA C 323 30.10 -37.70 52.75
CA ALA C 323 28.94 -37.27 53.56
C ALA C 323 27.65 -37.98 53.12
N PRO C 324 27.56 -39.32 53.34
CA PRO C 324 26.44 -40.08 52.79
C PRO C 324 25.16 -39.83 53.57
N PHE C 325 24.03 -39.97 52.88
CA PHE C 325 22.73 -39.86 53.52
C PHE C 325 22.37 -41.13 54.30
N LYS C 326 23.12 -41.40 55.35
CA LYS C 326 22.71 -42.33 56.39
C LYS C 326 22.06 -41.42 57.42
N PHE C 327 22.81 -40.37 57.80
CA PHE C 327 22.26 -39.19 58.45
C PHE C 327 21.13 -38.69 57.56
N ASP C 328 19.96 -38.44 58.15
CA ASP C 328 18.74 -38.18 57.39
C ASP C 328 18.27 -39.37 56.53
N MET C 329 17.35 -40.15 57.10
CA MET C 329 16.41 -40.93 56.31
C MET C 329 15.60 -39.88 55.53
N GLU C 330 15.74 -38.64 55.99
CA GLU C 330 15.25 -37.39 55.37
C GLU C 330 13.77 -37.09 55.59
N LEU C 331 12.95 -38.15 55.66
CA LEU C 331 11.53 -38.06 56.05
C LEU C 331 10.89 -36.68 55.83
N ASP C 332 10.78 -36.26 54.56
CA ASP C 332 10.03 -35.05 54.22
C ASP C 332 8.52 -35.34 54.32
N ASP C 333 7.71 -34.81 53.40
CA ASP C 333 6.26 -35.02 53.47
C ASP C 333 5.70 -34.58 54.84
N LEU C 334 5.86 -33.29 55.13
CA LEU C 334 5.49 -32.66 56.41
C LEU C 334 5.13 -31.17 56.15
N PRO C 335 4.71 -30.41 57.19
CA PRO C 335 4.24 -29.03 56.97
C PRO C 335 5.10 -28.21 56.02
N LYS C 336 4.46 -27.47 55.11
CA LYS C 336 5.18 -26.71 54.07
C LYS C 336 5.94 -25.51 54.63
N GLU C 337 5.41 -24.94 55.70
CA GLU C 337 6.02 -23.80 56.38
C GLU C 337 7.35 -24.21 57.02
N LYS C 338 7.43 -25.48 57.41
CA LYS C 338 8.63 -26.06 58.00
C LYS C 338 9.70 -26.31 56.94
N LEU C 339 9.28 -26.71 55.75
CA LEU C 339 10.18 -26.91 54.62
C LEU C 339 10.84 -25.60 54.19
N LYS C 340 10.03 -24.55 54.13
CA LYS C 340 10.51 -23.20 53.80
C LYS C 340 11.63 -22.75 54.73
N GLU C 341 11.46 -23.06 56.02
CA GLU C 341 12.44 -22.77 57.05
C GLU C 341 13.75 -23.52 56.80
N LEU C 342 13.63 -24.81 56.48
CA LEU C 342 14.79 -25.64 56.15
C LEU C 342 15.51 -25.14 54.90
N ILE C 343 14.76 -24.63 53.93
CA ILE C 343 15.34 -24.00 52.75
C ILE C 343 16.10 -22.72 53.13
N PHE C 344 15.50 -21.91 53.99
CA PHE C 344 16.12 -20.68 54.49
C PHE C 344 17.42 -21.03 55.22
N GLU C 345 17.39 -22.14 55.95
CA GLU C 345 18.52 -22.62 56.73
C GLU C 345 19.67 -23.08 55.83
N GLU C 346 19.36 -23.96 54.89
CA GLU C 346 20.35 -24.51 53.95
C GLU C 346 21.06 -23.44 53.11
N THR C 347 20.32 -22.39 52.78
CA THR C 347 20.79 -21.33 51.90
C THR C 347 21.50 -20.21 52.66
N ALA C 348 21.50 -20.29 53.98
CA ALA C 348 22.06 -19.25 54.84
C ALA C 348 23.57 -19.05 54.74
N ARG C 349 24.28 -20.07 54.25
CA ARG C 349 25.74 -20.01 54.14
C ARG C 349 26.23 -19.28 52.90
N PHE C 350 25.37 -18.44 52.32
CA PHE C 350 25.71 -17.64 51.15
C PHE C 350 25.35 -16.17 51.33
N GLN C 351 24.83 -15.83 52.51
CA GLN C 351 24.50 -14.45 52.86
C GLN C 351 25.77 -13.67 53.26
N PRO C 352 25.69 -12.33 53.27
CA PRO C 352 26.75 -11.42 53.72
C PRO C 352 27.59 -11.89 54.92
N GLY C 353 26.99 -12.70 55.80
CA GLY C 353 27.67 -13.20 57.00
C GLY C 353 28.77 -14.21 56.71
N PRO D 7 -7.53 -23.61 46.09
CA PRO D 7 -6.75 -23.14 44.93
C PRO D 7 -6.00 -24.27 44.21
N GLU D 8 -6.54 -24.69 43.06
CA GLU D 8 -5.95 -25.77 42.26
C GLU D 8 -4.64 -25.34 41.61
N MET D 9 -3.63 -26.19 41.67
CA MET D 9 -2.32 -25.90 41.07
C MET D 9 -1.56 -27.12 40.53
N VAL D 10 -0.95 -26.95 39.36
CA VAL D 10 -0.17 -28.02 38.73
C VAL D 10 1.34 -27.71 38.69
N ARG D 11 2.13 -28.68 39.16
CA ARG D 11 3.59 -28.63 39.13
C ARG D 11 4.16 -27.56 40.06
N GLY D 12 3.46 -27.33 41.18
CA GLY D 12 3.85 -26.32 42.15
C GLY D 12 3.33 -24.93 41.87
N GLN D 13 3.09 -24.63 40.59
CA GLN D 13 2.69 -23.30 40.14
C GLN D 13 1.21 -23.06 40.31
N VAL D 14 0.86 -21.92 40.91
CA VAL D 14 -0.53 -21.51 41.12
C VAL D 14 -1.30 -21.44 39.79
N PHE D 15 -2.47 -22.07 39.74
CA PHE D 15 -3.26 -22.14 38.51
C PHE D 15 -4.77 -22.02 38.80
N ASP D 16 -5.15 -20.87 39.35
CA ASP D 16 -6.50 -20.62 39.85
C ASP D 16 -7.54 -20.46 38.75
N VAL D 17 -7.91 -21.57 38.11
CA VAL D 17 -8.85 -21.53 36.99
C VAL D 17 -10.31 -21.80 37.39
N GLY D 18 -10.65 -21.43 38.62
CA GLY D 18 -12.03 -21.38 39.12
C GLY D 18 -12.74 -22.72 39.15
N PRO D 19 -14.06 -22.70 39.42
CA PRO D 19 -14.84 -23.93 39.54
C PRO D 19 -15.24 -24.52 38.19
N ARG D 20 -15.07 -23.75 37.12
CA ARG D 20 -15.45 -24.18 35.78
C ARG D 20 -14.44 -25.14 35.17
N TYR D 21 -13.17 -24.78 35.27
CA TYR D 21 -12.09 -25.57 34.66
C TYR D 21 -11.36 -26.41 35.71
N THR D 22 -11.46 -27.73 35.56
CA THR D 22 -10.89 -28.66 36.54
C THR D 22 -10.02 -29.73 35.87
N ASN D 23 -9.50 -30.66 36.69
CA ASN D 23 -8.62 -31.74 36.23
C ASN D 23 -7.48 -31.27 35.31
N LEU D 24 -6.60 -30.44 35.87
CA LEU D 24 -5.49 -29.81 35.13
C LEU D 24 -4.40 -30.80 34.80
N SER D 25 -3.79 -30.63 33.64
CA SER D 25 -2.60 -31.40 33.25
C SER D 25 -1.56 -30.49 32.62
N TYR D 26 -0.34 -30.52 33.15
CA TYR D 26 0.76 -29.74 32.60
C TYR D 26 1.00 -30.14 31.15
N ILE D 27 0.86 -29.18 30.24
CA ILE D 27 1.18 -29.39 28.83
C ILE D 27 2.65 -29.04 28.53
N GLY D 28 3.06 -27.84 28.92
CA GLY D 28 4.42 -27.36 28.68
C GLY D 28 4.65 -25.91 29.09
N GLU D 29 5.91 -25.49 29.06
CA GLU D 29 6.28 -24.12 29.37
C GLU D 29 6.32 -23.28 28.10
N GLY D 30 5.58 -22.18 28.12
CA GLY D 30 5.41 -21.34 26.94
C GLY D 30 6.09 -19.99 27.00
N ALA D 31 5.64 -19.08 26.14
CA ALA D 31 6.22 -17.75 26.01
C ALA D 31 5.65 -16.78 27.03
N TYR D 32 4.52 -17.13 27.60
CA TYR D 32 3.85 -16.28 28.59
C TYR D 32 3.99 -16.89 29.97
N GLY D 33 4.23 -18.20 30.00
CA GLY D 33 4.35 -18.94 31.24
C GLY D 33 3.83 -20.35 31.03
N MET D 34 3.27 -20.92 32.10
CA MET D 34 2.77 -22.30 32.10
C MET D 34 1.57 -22.48 31.19
N VAL D 35 1.53 -23.63 30.51
CA VAL D 35 0.38 -24.02 29.69
C VAL D 35 -0.17 -25.34 30.22
N CYS D 36 -1.49 -25.41 30.39
CA CYS D 36 -2.16 -26.59 30.90
C CYS D 36 -3.34 -26.95 30.04
N SER D 37 -3.72 -28.22 30.08
CA SER D 37 -5.04 -28.63 29.59
C SER D 37 -5.97 -28.68 30.79
N ALA D 38 -7.25 -28.42 30.55
CA ALA D 38 -8.25 -28.49 31.60
C ALA D 38 -9.59 -28.94 31.04
N TYR D 39 -10.37 -29.63 31.87
CA TYR D 39 -11.73 -29.98 31.50
C TYR D 39 -12.66 -28.78 31.72
N ASP D 40 -13.28 -28.33 30.64
CA ASP D 40 -14.29 -27.27 30.67
C ASP D 40 -15.65 -27.88 31.01
N ASN D 41 -16.06 -27.72 32.27
CA ASN D 41 -17.30 -28.30 32.78
C ASN D 41 -18.60 -27.75 32.16
N VAL D 42 -18.49 -26.63 31.44
CA VAL D 42 -19.64 -26.05 30.76
C VAL D 42 -19.80 -26.64 29.36
N ASN D 43 -18.70 -26.73 28.62
CA ASN D 43 -18.72 -27.21 27.23
C ASN D 43 -18.42 -28.69 27.09
N LYS D 44 -18.19 -29.36 28.22
CA LYS D 44 -17.91 -30.80 28.27
C LYS D 44 -16.76 -31.26 27.34
N VAL D 45 -15.68 -30.48 27.31
CA VAL D 45 -14.46 -30.83 26.55
C VAL D 45 -13.20 -30.34 27.27
N ARG D 46 -12.06 -30.95 26.92
CA ARG D 46 -10.77 -30.48 27.41
C ARG D 46 -10.29 -29.28 26.59
N VAL D 47 -9.88 -28.23 27.29
CA VAL D 47 -9.39 -27.01 26.66
C VAL D 47 -7.93 -26.74 27.04
N ALA D 48 -7.29 -25.81 26.36
CA ALA D 48 -5.95 -25.36 26.71
C ALA D 48 -6.02 -24.04 27.47
N ILE D 49 -5.24 -23.93 28.54
CA ILE D 49 -5.18 -22.70 29.36
C ILE D 49 -3.76 -22.17 29.52
N LYS D 50 -3.55 -20.92 29.10
CA LYS D 50 -2.27 -20.24 29.28
C LYS D 50 -2.35 -19.30 30.47
N LYS D 51 -1.41 -19.45 31.40
CA LYS D 51 -1.24 -18.48 32.49
C LYS D 51 -0.26 -17.38 32.06
N ILE D 52 -0.72 -16.14 32.12
CA ILE D 52 0.12 -14.97 31.87
C ILE D 52 0.23 -14.20 33.17
N SER D 53 1.45 -14.03 33.67
CA SER D 53 1.63 -13.43 34.99
C SER D 53 2.39 -12.09 34.99
N PRO D 54 3.40 -11.92 35.89
CA PRO D 54 3.73 -10.59 36.45
C PRO D 54 3.52 -9.41 35.50
N PHE D 55 2.64 -8.49 35.91
CA PHE D 55 2.40 -7.25 35.19
C PHE D 55 3.25 -6.13 35.78
N GLU D 56 4.50 -6.48 36.08
CA GLU D 56 5.45 -5.60 36.75
C GLU D 56 6.49 -5.06 35.76
N HIS D 57 6.44 -5.57 34.53
CA HIS D 57 7.32 -5.14 33.45
C HIS D 57 6.50 -4.59 32.32
N GLN D 58 6.89 -3.43 31.80
CA GLN D 58 6.10 -2.70 30.80
C GLN D 58 5.92 -3.45 29.47
N THR D 59 7.03 -3.92 28.89
CA THR D 59 6.98 -4.60 27.60
C THR D 59 6.24 -5.94 27.66
N TYR D 60 6.16 -6.52 28.86
CA TYR D 60 5.42 -7.77 29.07
C TYR D 60 3.91 -7.50 29.07
N CYS D 61 3.52 -6.36 29.63
CA CYS D 61 2.12 -5.92 29.62
C CYS D 61 1.71 -5.59 28.20
N GLN D 62 2.63 -4.96 27.48
CA GLN D 62 2.48 -4.70 26.06
C GLN D 62 2.18 -6.03 25.36
N ARG D 63 3.11 -6.97 25.49
CA ARG D 63 2.99 -8.30 24.90
C ARG D 63 1.63 -8.96 25.19
N THR D 64 1.10 -8.71 26.38
CA THR D 64 -0.18 -9.30 26.82
C THR D 64 -1.37 -8.61 26.15
N LEU D 65 -1.32 -7.28 26.07
CA LEU D 65 -2.42 -6.50 25.49
C LEU D 65 -2.57 -6.82 24.02
N ARG D 66 -1.44 -6.83 23.30
CA ARG D 66 -1.42 -7.19 21.88
C ARG D 66 -2.05 -8.57 21.71
N GLU D 67 -1.52 -9.54 22.44
CA GLU D 67 -2.00 -10.92 22.36
C GLU D 67 -3.50 -11.03 22.61
N ILE D 68 -4.00 -10.27 23.58
CA ILE D 68 -5.43 -10.24 23.87
C ILE D 68 -6.19 -9.45 22.81
N LYS D 69 -5.96 -8.14 22.74
CA LYS D 69 -6.71 -7.22 21.88
C LYS D 69 -6.89 -7.73 20.46
N ILE D 70 -5.79 -8.22 19.86
CA ILE D 70 -5.79 -8.71 18.48
C ILE D 70 -6.55 -10.04 18.33
N LEU D 71 -6.24 -11.00 19.21
CA LEU D 71 -6.84 -12.32 19.15
C LEU D 71 -8.33 -12.25 19.43
N LEU D 72 -8.72 -11.26 20.22
CA LEU D 72 -10.09 -11.09 20.69
C LEU D 72 -10.98 -10.42 19.66
N ARG D 73 -10.39 -9.75 18.67
CA ARG D 73 -11.20 -9.16 17.60
C ARG D 73 -11.01 -9.85 16.25
N PHE D 74 -10.38 -11.01 16.27
CA PHE D 74 -10.21 -11.82 15.08
C PHE D 74 -11.16 -13.02 15.12
N ARG D 75 -11.85 -13.27 14.00
CA ARG D 75 -12.69 -14.45 13.85
C ARG D 75 -12.31 -15.14 12.55
N HIS D 76 -11.43 -16.11 12.62
CA HIS D 76 -10.98 -16.83 11.43
C HIS D 76 -10.72 -18.26 11.73
N GLU D 77 -11.03 -19.11 10.76
CA GLU D 77 -10.84 -20.56 10.87
C GLU D 77 -9.39 -20.95 11.17
N ASN D 78 -8.44 -20.23 10.57
CA ASN D 78 -7.02 -20.54 10.70
C ASN D 78 -6.25 -19.69 11.71
N ILE D 79 -6.98 -19.03 12.62
CA ILE D 79 -6.36 -18.31 13.74
C ILE D 79 -6.99 -18.83 15.01
N ILE D 80 -6.17 -19.23 15.98
CA ILE D 80 -6.66 -19.64 17.29
C ILE D 80 -7.45 -18.49 17.92
N GLY D 81 -8.56 -18.83 18.56
CA GLY D 81 -9.38 -17.84 19.21
C GLY D 81 -9.31 -17.96 20.73
N ILE D 82 -9.67 -16.88 21.41
CA ILE D 82 -9.80 -16.92 22.86
C ILE D 82 -11.25 -17.25 23.22
N ASN D 83 -11.43 -18.34 23.96
CA ASN D 83 -12.77 -18.81 24.35
C ASN D 83 -13.23 -18.23 25.69
N ASP D 84 -12.26 -17.91 26.55
CA ASP D 84 -12.52 -17.37 27.88
C ASP D 84 -11.26 -16.73 28.42
N ILE D 85 -11.44 -15.75 29.30
CA ILE D 85 -10.34 -15.18 30.06
C ILE D 85 -10.73 -15.11 31.53
N ILE D 86 -9.89 -15.67 32.39
CA ILE D 86 -10.09 -15.59 33.83
C ILE D 86 -9.15 -14.57 34.45
N ARG D 87 -9.70 -13.70 35.28
CA ARG D 87 -8.93 -12.73 36.06
C ARG D 87 -9.71 -12.30 37.29
N ALA D 88 -9.00 -11.75 38.27
CA ALA D 88 -9.59 -11.23 39.49
C ALA D 88 -10.59 -10.11 39.18
N PRO D 89 -11.69 -10.03 39.97
CA PRO D 89 -12.75 -9.03 39.76
C PRO D 89 -12.29 -7.57 39.84
N THR D 90 -11.40 -7.26 40.78
CA THR D 90 -10.87 -5.89 40.93
C THR D 90 -9.49 -5.75 40.29
N ILE D 91 -9.17 -4.55 39.84
CA ILE D 91 -7.90 -4.27 39.15
C ILE D 91 -6.66 -4.43 40.06
N GLU D 92 -6.81 -4.07 41.35
CA GLU D 92 -5.73 -4.19 42.31
C GLU D 92 -5.38 -5.65 42.59
N GLN D 93 -6.41 -6.51 42.54
CA GLN D 93 -6.25 -7.93 42.78
C GLN D 93 -5.75 -8.72 41.57
N MET D 94 -5.80 -8.12 40.39
CA MET D 94 -5.40 -8.78 39.16
C MET D 94 -3.88 -8.78 39.00
N LYS D 95 -3.24 -9.84 39.48
CA LYS D 95 -1.80 -9.98 39.35
C LYS D 95 -1.43 -10.96 38.23
N ASP D 96 -2.38 -11.81 37.84
CA ASP D 96 -2.23 -12.66 36.66
C ASP D 96 -3.52 -12.83 35.86
N VAL D 97 -3.39 -13.31 34.62
CA VAL D 97 -4.51 -13.48 33.71
C VAL D 97 -4.40 -14.83 33.00
N TYR D 98 -5.48 -15.59 33.00
CA TYR D 98 -5.52 -16.88 32.31
C TYR D 98 -6.29 -16.78 31.00
N ILE D 99 -5.62 -17.15 29.90
CA ILE D 99 -6.23 -17.20 28.58
C ILE D 99 -6.65 -18.64 28.27
N VAL D 100 -7.89 -18.81 27.82
CA VAL D 100 -8.43 -20.14 27.52
C VAL D 100 -8.69 -20.29 26.02
N GLN D 101 -8.04 -21.28 25.41
CA GLN D 101 -8.15 -21.52 23.97
C GLN D 101 -8.55 -22.96 23.67
N ASP D 102 -8.84 -23.22 22.39
CA ASP D 102 -9.07 -24.57 21.87
C ASP D 102 -7.83 -25.41 22.13
N LEU D 103 -8.03 -26.61 22.65
CA LEU D 103 -6.95 -27.56 22.85
C LEU D 103 -6.57 -28.16 21.50
N MET D 104 -5.32 -27.93 21.09
CA MET D 104 -4.79 -28.43 19.83
C MET D 104 -3.81 -29.56 20.09
N GLU D 105 -3.87 -30.60 19.26
CA GLU D 105 -3.05 -31.81 19.47
C GLU D 105 -1.54 -31.56 19.38
N THR D 106 -1.10 -30.77 18.41
CA THR D 106 0.33 -30.54 18.18
C THR D 106 0.60 -29.19 17.52
N ASP D 107 1.88 -28.86 17.34
CA ASP D 107 2.30 -27.75 16.48
C ASP D 107 3.28 -28.21 15.38
N LEU D 108 3.44 -27.37 14.35
CA LEU D 108 4.25 -27.75 13.18
C LEU D 108 5.72 -28.00 13.50
N TYR D 109 6.21 -27.40 14.58
CA TYR D 109 7.56 -27.66 15.07
C TYR D 109 7.69 -29.11 15.55
N LYS D 110 6.75 -29.53 16.39
CA LYS D 110 6.72 -30.91 16.91
C LYS D 110 6.50 -31.92 15.79
N LEU D 111 5.76 -31.49 14.77
CA LEU D 111 5.40 -32.35 13.65
C LEU D 111 6.58 -32.59 12.70
N LEU D 112 7.27 -31.51 12.33
CA LEU D 112 8.47 -31.62 11.49
C LEU D 112 9.60 -32.34 12.24
N LYS D 113 9.52 -32.30 13.56
CA LYS D 113 10.47 -32.96 14.44
C LYS D 113 10.34 -34.49 14.34
N THR D 114 9.16 -34.98 13.96
CA THR D 114 8.89 -36.43 13.89
C THR D 114 8.64 -36.95 12.48
N GLN D 115 7.64 -36.41 11.80
CA GLN D 115 7.31 -36.81 10.42
C GLN D 115 8.22 -36.17 9.39
N HIS D 116 8.27 -36.80 8.21
CA HIS D 116 8.68 -36.14 6.99
C HIS D 116 7.42 -36.02 6.17
N LEU D 117 7.08 -34.80 5.78
CA LEU D 117 5.79 -34.54 5.16
C LEU D 117 5.72 -34.83 3.66
N SER D 118 4.60 -35.40 3.23
CA SER D 118 4.30 -35.59 1.81
C SER D 118 4.01 -34.25 1.17
N ASN D 119 4.26 -34.15 -0.15
CA ASN D 119 3.98 -32.92 -0.90
C ASN D 119 2.53 -32.44 -0.73
N ASP D 120 1.61 -33.40 -0.70
CA ASP D 120 0.18 -33.12 -0.52
C ASP D 120 -0.13 -32.46 0.81
N HIS D 121 0.49 -32.97 1.89
CA HIS D 121 0.31 -32.39 3.21
C HIS D 121 0.84 -31.00 3.30
N ILE D 122 2.07 -30.79 2.82
CA ILE D 122 2.71 -29.47 2.79
C ILE D 122 1.82 -28.44 2.10
N CYS D 123 1.34 -28.78 0.90
CA CYS D 123 0.48 -27.91 0.11
C CYS D 123 -0.70 -27.37 0.90
N TYR D 124 -1.46 -28.27 1.54
CA TYR D 124 -2.62 -27.90 2.33
C TYR D 124 -2.26 -27.03 3.52
N PHE D 125 -1.17 -27.37 4.21
CA PHE D 125 -0.69 -26.59 5.34
C PHE D 125 -0.30 -25.17 4.90
N LEU D 126 0.46 -25.10 3.81
CA LEU D 126 0.88 -23.82 3.25
C LEU D 126 -0.32 -22.95 2.92
N TYR D 127 -1.31 -23.55 2.26
CA TYR D 127 -2.54 -22.86 1.92
C TYR D 127 -3.19 -22.25 3.15
N GLN D 128 -3.36 -23.05 4.20
CA GLN D 128 -3.99 -22.61 5.45
C GLN D 128 -3.23 -21.46 6.12
N ILE D 129 -1.90 -21.57 6.13
CA ILE D 129 -1.04 -20.50 6.64
C ILE D 129 -1.34 -19.21 5.89
N LEU D 130 -1.30 -19.29 4.56
CA LEU D 130 -1.56 -18.13 3.71
C LEU D 130 -3.01 -17.65 3.78
N ARG D 131 -3.95 -18.59 3.91
CA ARG D 131 -5.37 -18.26 4.06
C ARG D 131 -5.61 -17.48 5.34
N GLY D 132 -4.99 -17.93 6.42
CA GLY D 132 -5.04 -17.24 7.70
C GLY D 132 -4.33 -15.90 7.62
N LEU D 133 -3.22 -15.87 6.90
CA LEU D 133 -2.41 -14.66 6.76
C LEU D 133 -3.12 -13.55 5.97
N LYS D 134 -3.77 -13.93 4.86
CA LYS D 134 -4.54 -12.98 4.06
C LYS D 134 -5.49 -12.20 4.97
N TYR D 135 -6.07 -12.91 5.93
CA TYR D 135 -6.97 -12.31 6.90
C TYR D 135 -6.24 -11.37 7.86
N ILE D 136 -5.12 -11.85 8.43
CA ILE D 136 -4.30 -11.05 9.34
C ILE D 136 -3.89 -9.73 8.67
N HIS D 137 -3.44 -9.82 7.42
CA HIS D 137 -2.98 -8.66 6.69
C HIS D 137 -4.07 -7.71 6.32
N SER D 138 -5.24 -8.23 5.97
CA SER D 138 -6.37 -7.37 5.60
C SER D 138 -6.89 -6.58 6.82
N ALA D 139 -6.49 -7.02 8.01
CA ALA D 139 -6.79 -6.32 9.26
C ALA D 139 -5.74 -5.24 9.53
N ASN D 140 -4.81 -5.09 8.59
CA ASN D 140 -3.69 -4.15 8.68
C ASN D 140 -2.67 -4.52 9.77
N VAL D 141 -2.50 -5.82 9.98
CA VAL D 141 -1.72 -6.33 11.11
C VAL D 141 -0.50 -7.13 10.64
N LEU D 142 0.62 -6.91 11.33
CA LEU D 142 1.85 -7.66 11.12
C LEU D 142 2.04 -8.65 12.27
N HIS D 143 2.19 -9.94 11.94
CA HIS D 143 2.39 -10.97 12.95
C HIS D 143 3.75 -10.87 13.57
N ARG D 144 4.77 -10.89 12.72
CA ARG D 144 6.18 -10.69 13.10
C ARG D 144 6.84 -11.90 13.79
N ASP D 145 6.06 -12.95 14.05
CA ASP D 145 6.58 -14.12 14.74
C ASP D 145 6.08 -15.44 14.13
N LEU D 146 5.92 -15.45 12.81
CA LEU D 146 5.52 -16.67 12.11
C LEU D 146 6.64 -17.72 12.10
N LYS D 147 6.37 -18.84 12.77
CA LYS D 147 7.31 -19.94 12.88
C LYS D 147 6.56 -21.26 13.13
N PRO D 148 7.21 -22.42 12.89
CA PRO D 148 6.52 -23.71 13.03
C PRO D 148 5.83 -23.88 14.39
N SER D 149 6.50 -23.48 15.46
CA SER D 149 5.98 -23.59 16.82
C SER D 149 4.78 -22.68 17.08
N ASN D 150 4.54 -21.72 16.19
CA ASN D 150 3.39 -20.84 16.28
C ASN D 150 2.22 -21.27 15.37
N LEU D 151 2.34 -22.46 14.79
CA LEU D 151 1.31 -23.00 13.92
C LEU D 151 0.73 -24.30 14.50
N LEU D 152 -0.44 -24.20 15.11
CA LEU D 152 -1.03 -25.31 15.84
C LEU D 152 -1.92 -26.20 14.97
N LEU D 153 -1.70 -27.51 15.02
CA LEU D 153 -2.54 -28.48 14.30
C LEU D 153 -3.27 -29.44 15.24
N ASN D 154 -4.27 -30.12 14.67
CA ASN D 154 -4.67 -31.46 15.12
C ASN D 154 -4.72 -32.40 13.91
N THR D 155 -4.77 -33.70 14.16
CA THR D 155 -4.53 -34.72 13.12
C THR D 155 -5.53 -34.72 11.97
N THR D 156 -6.56 -33.89 12.07
CA THR D 156 -7.51 -33.66 10.97
C THR D 156 -6.89 -32.74 9.91
N CYS D 157 -5.71 -32.22 10.21
CA CYS D 157 -4.94 -31.30 9.35
C CYS D 157 -5.39 -29.84 9.40
N ASP D 158 -6.23 -29.50 10.37
CA ASP D 158 -6.64 -28.11 10.60
C ASP D 158 -5.51 -27.33 11.25
N LEU D 159 -5.14 -26.22 10.62
CA LEU D 159 -4.04 -25.38 11.10
C LEU D 159 -4.58 -24.09 11.66
N LYS D 160 -3.99 -23.64 12.77
CA LYS D 160 -4.37 -22.38 13.41
C LYS D 160 -3.12 -21.58 13.79
N ILE D 161 -3.00 -20.37 13.24
CA ILE D 161 -1.91 -19.45 13.57
C ILE D 161 -2.13 -18.89 14.97
N CYS D 162 -1.08 -18.89 15.79
CA CYS D 162 -1.22 -18.47 17.19
C CYS D 162 -0.17 -17.47 17.66
N ASP D 163 -0.41 -16.92 18.86
CA ASP D 163 0.49 -15.96 19.53
C ASP D 163 0.69 -14.65 18.77
N PHE D 164 -0.08 -13.63 19.16
CA PHE D 164 -0.05 -12.33 18.51
C PHE D 164 0.52 -11.27 19.44
N GLY D 165 1.38 -11.71 20.35
CA GLY D 165 1.99 -10.83 21.35
C GLY D 165 3.05 -9.89 20.80
N LEU D 166 3.55 -10.20 19.61
CA LEU D 166 4.55 -9.37 18.98
C LEU D 166 3.99 -8.62 17.77
N ALA D 167 2.71 -8.86 17.50
CA ALA D 167 2.03 -8.22 16.37
C ALA D 167 1.90 -6.71 16.55
N ARG D 168 2.12 -5.97 15.46
CA ARG D 168 1.94 -4.51 15.45
C ARG D 168 1.06 -4.12 14.26
N VAL D 169 0.42 -2.96 14.37
CA VAL D 169 -0.33 -2.40 13.25
C VAL D 169 0.67 -2.02 12.16
N ALA D 170 0.41 -2.45 10.93
CA ALA D 170 1.31 -2.18 9.81
C ALA D 170 1.53 -0.68 9.58
N ASP D 171 2.71 -0.22 9.97
CA ASP D 171 3.11 1.17 9.75
C ASP D 171 4.60 1.25 9.43
N PRO D 172 4.95 1.44 8.14
CA PRO D 172 6.34 1.53 7.71
C PRO D 172 7.11 2.67 8.39
N ASP D 173 6.38 3.66 8.90
CA ASP D 173 6.99 4.80 9.60
C ASP D 173 7.37 4.54 11.06
N HIS D 174 7.14 3.31 11.52
CA HIS D 174 7.44 2.93 12.90
C HIS D 174 8.90 2.64 13.10
N ASP D 175 9.49 3.30 14.10
CA ASP D 175 10.90 3.09 14.45
C ASP D 175 11.05 1.88 15.36
N HIS D 176 11.91 0.96 14.95
CA HIS D 176 12.19 -0.27 15.71
C HIS D 176 12.80 -0.01 17.05
N THR D 177 12.33 -0.74 18.06
CA THR D 177 12.69 -0.47 19.46
C THR D 177 13.43 -1.61 20.18
N GLY D 178 13.53 -2.77 19.54
CA GLY D 178 14.18 -3.94 20.14
C GLY D 178 13.25 -4.79 20.98
N PHE D 179 11.98 -4.38 21.03
CA PHE D 179 10.90 -5.14 21.66
C PHE D 179 10.78 -6.52 20.99
N LEU D 180 11.10 -6.57 19.71
CA LEU D 180 11.09 -7.79 18.92
C LEU D 180 12.12 -8.78 19.45
N GLU D 181 13.37 -8.34 19.58
CA GLU D 181 14.46 -9.19 20.04
C GLU D 181 14.47 -9.38 21.56
N GLU D 182 13.66 -8.62 22.26
CA GLU D 182 13.54 -8.80 23.71
C GLU D 182 12.83 -10.12 24.05
N TYR D 183 11.98 -10.59 23.14
CA TYR D 183 11.17 -11.76 23.39
C TYR D 183 11.43 -12.91 22.42
N VAL D 184 12.11 -12.62 21.32
CA VAL D 184 12.50 -13.63 20.35
C VAL D 184 13.94 -13.43 19.93
N ALA D 185 14.83 -14.30 20.40
CA ALA D 185 16.25 -14.23 20.09
C ALA D 185 16.62 -14.97 18.80
N THR D 186 15.95 -16.08 18.53
CA THR D 186 16.15 -16.84 17.31
C THR D 186 15.68 -16.01 16.13
N ARG D 187 16.52 -15.90 15.10
CA ARG D 187 16.17 -15.09 13.94
C ARG D 187 16.20 -15.87 12.63
N TRP D 188 15.91 -17.17 12.70
CA TRP D 188 15.86 -18.03 11.52
C TRP D 188 14.74 -17.66 10.57
N TYR D 189 13.70 -17.03 11.11
CA TYR D 189 12.52 -16.69 10.32
C TYR D 189 12.37 -15.18 10.16
N ARG D 190 13.42 -14.45 10.50
CA ARG D 190 13.44 -13.00 10.40
C ARG D 190 13.82 -12.51 8.99
N ALA D 191 13.02 -11.58 8.47
CA ALA D 191 13.27 -10.95 7.17
C ALA D 191 14.56 -10.14 7.18
N PRO D 192 15.34 -10.22 6.09
CA PRO D 192 16.64 -9.54 6.07
C PRO D 192 16.53 -8.04 6.35
N GLU D 193 15.46 -7.41 5.86
CA GLU D 193 15.27 -5.98 6.09
C GLU D 193 14.92 -5.64 7.53
N ILE D 194 14.23 -6.55 8.22
CA ILE D 194 13.99 -6.38 9.67
C ILE D 194 15.35 -6.30 10.35
N MET D 195 16.25 -7.15 9.90
CA MET D 195 17.52 -7.36 10.56
C MET D 195 18.52 -6.22 10.35
N LEU D 196 18.36 -5.44 9.29
CA LEU D 196 19.32 -4.33 9.04
C LEU D 196 18.75 -2.96 8.67
N ASN D 197 17.53 -2.64 9.07
CA ASN D 197 16.96 -1.34 8.69
C ASN D 197 16.60 -0.36 9.79
N SER D 198 15.86 -0.82 10.80
CA SER D 198 15.43 0.03 11.92
C SER D 198 14.06 0.70 11.70
N LYS D 199 13.59 0.71 10.45
CA LYS D 199 12.22 1.15 10.13
C LYS D 199 11.80 0.63 8.75
N GLY D 200 10.54 0.88 8.40
CA GLY D 200 10.02 0.57 7.07
C GLY D 200 9.54 -0.85 6.89
N TYR D 201 9.30 -1.54 8.00
CA TYR D 201 8.80 -2.93 7.97
C TYR D 201 7.38 -2.97 7.40
N THR D 202 7.19 -3.79 6.37
CA THR D 202 5.88 -3.92 5.72
C THR D 202 5.34 -5.33 5.86
N LYS D 203 4.14 -5.56 5.33
CA LYS D 203 3.50 -6.88 5.39
C LYS D 203 4.41 -7.99 4.86
N SER D 204 5.36 -7.62 3.99
CA SER D 204 6.23 -8.60 3.34
C SER D 204 7.25 -9.27 4.27
N ILE D 205 7.33 -8.81 5.52
CA ILE D 205 8.16 -9.50 6.52
C ILE D 205 7.54 -10.82 6.93
N ASP D 206 6.20 -10.88 6.90
CA ASP D 206 5.45 -12.08 7.23
C ASP D 206 5.54 -13.12 6.11
N ILE D 207 5.54 -12.66 4.86
CA ILE D 207 5.70 -13.54 3.71
C ILE D 207 7.05 -14.25 3.76
N TRP D 208 8.10 -13.50 4.06
CA TRP D 208 9.43 -14.04 4.23
C TRP D 208 9.47 -15.19 5.21
N SER D 209 8.88 -14.98 6.38
CA SER D 209 8.78 -16.01 7.42
C SER D 209 8.12 -17.28 6.88
N VAL D 210 6.98 -17.13 6.22
CA VAL D 210 6.24 -18.24 5.63
C VAL D 210 7.14 -18.97 4.63
N GLY D 211 7.87 -18.19 3.83
CA GLY D 211 8.87 -18.74 2.91
C GLY D 211 9.83 -19.66 3.63
N CYS D 212 10.37 -19.19 4.76
CA CYS D 212 11.25 -19.98 5.59
C CYS D 212 10.54 -21.23 6.14
N ILE D 213 9.26 -21.10 6.47
CA ILE D 213 8.46 -22.19 6.99
C ILE D 213 8.21 -23.24 5.90
N LEU D 214 8.05 -22.78 4.66
CA LEU D 214 7.85 -23.66 3.51
C LEU D 214 9.09 -24.52 3.26
N ALA D 215 10.24 -23.85 3.19
CA ALA D 215 11.53 -24.49 2.97
C ALA D 215 11.84 -25.52 4.04
N GLU D 216 11.34 -25.25 5.25
CA GLU D 216 11.55 -26.16 6.38
C GLU D 216 10.60 -27.35 6.33
N MET D 217 9.47 -27.19 5.62
CA MET D 217 8.54 -28.29 5.45
C MET D 217 9.03 -29.25 4.38
N LEU D 218 9.76 -28.72 3.39
CA LEU D 218 10.28 -29.51 2.30
C LEU D 218 11.44 -30.42 2.72
N SER D 219 12.22 -29.99 3.70
CA SER D 219 13.46 -30.68 4.07
C SER D 219 13.65 -30.89 5.57
N ASN D 220 12.65 -30.51 6.36
CA ASN D 220 12.68 -30.65 7.82
C ASN D 220 13.77 -29.85 8.56
N ARG D 221 14.88 -29.57 7.87
CA ARG D 221 15.91 -28.66 8.38
C ARG D 221 15.50 -27.19 8.12
N PRO D 222 15.79 -26.29 9.08
CA PRO D 222 15.62 -24.86 8.83
C PRO D 222 16.58 -24.33 7.76
N ILE D 223 16.08 -23.42 6.94
CA ILE D 223 16.82 -22.86 5.80
C ILE D 223 17.98 -21.93 6.22
N PHE D 224 17.72 -21.02 7.16
CA PHE D 224 18.74 -20.09 7.65
C PHE D 224 18.92 -20.20 9.17
N PRO D 225 19.60 -21.26 9.63
CA PRO D 225 19.71 -21.54 11.07
C PRO D 225 20.84 -20.80 11.81
N GLY D 226 21.06 -19.52 11.47
CA GLY D 226 22.11 -18.72 12.08
C GLY D 226 22.09 -18.68 13.60
N LYS D 227 23.27 -18.81 14.19
CA LYS D 227 23.45 -18.84 15.64
C LYS D 227 23.46 -17.44 16.28
N HIS D 228 24.00 -16.46 15.56
CA HIS D 228 24.10 -15.09 16.05
C HIS D 228 23.62 -14.10 15.02
N TYR D 229 23.81 -12.81 15.30
CA TYR D 229 23.33 -11.75 14.42
C TYR D 229 24.03 -11.77 13.07
N LEU D 230 25.35 -11.58 13.09
CA LEU D 230 26.15 -11.52 11.86
C LEU D 230 26.12 -12.84 11.08
N ASP D 231 25.95 -13.94 11.83
CA ASP D 231 25.91 -15.28 11.26
C ASP D 231 24.62 -15.51 10.50
N GLN D 232 23.52 -14.92 10.97
CA GLN D 232 22.24 -15.05 10.31
C GLN D 232 22.24 -14.35 8.95
N LEU D 233 22.88 -13.17 8.89
CA LEU D 233 23.03 -12.46 7.63
C LEU D 233 23.81 -13.33 6.64
N ASN D 234 24.93 -13.90 7.11
CA ASN D 234 25.81 -14.74 6.31
C ASN D 234 25.11 -15.97 5.74
N HIS D 235 24.18 -16.52 6.51
CA HIS D 235 23.38 -17.67 6.09
C HIS D 235 22.44 -17.33 4.96
N ILE D 236 21.86 -16.14 5.00
CA ILE D 236 20.94 -15.68 3.96
C ILE D 236 21.67 -15.47 2.62
N LEU D 237 22.79 -14.77 2.64
CA LEU D 237 23.57 -14.50 1.43
C LEU D 237 24.27 -15.76 0.95
N GLY D 238 24.46 -16.72 1.85
CA GLY D 238 25.04 -18.02 1.51
C GLY D 238 24.16 -18.84 0.58
N ILE D 239 22.86 -18.59 0.64
CA ILE D 239 21.89 -19.30 -0.20
C ILE D 239 21.34 -18.41 -1.31
N LEU D 240 20.99 -17.17 -0.96
CA LEU D 240 20.38 -16.25 -1.93
C LEU D 240 21.38 -15.57 -2.86
N GLY D 241 22.67 -15.72 -2.58
CA GLY D 241 23.74 -15.05 -3.33
C GLY D 241 23.85 -13.59 -2.91
N SER D 242 25.05 -13.02 -3.09
CA SER D 242 25.30 -11.62 -2.74
C SER D 242 24.25 -10.71 -3.39
N PRO D 243 23.77 -9.69 -2.64
CA PRO D 243 22.65 -8.85 -3.08
C PRO D 243 22.97 -7.99 -4.32
N SER D 244 21.97 -7.80 -5.17
CA SER D 244 22.13 -7.07 -6.43
C SER D 244 22.16 -5.56 -6.22
N GLN D 245 22.48 -4.86 -7.31
CA GLN D 245 22.52 -3.39 -7.35
C GLN D 245 21.35 -2.73 -6.61
N GLU D 246 20.13 -3.12 -6.97
CA GLU D 246 18.91 -2.53 -6.39
C GLU D 246 18.42 -3.26 -5.13
N ASP D 247 18.86 -4.49 -4.93
CA ASP D 247 18.65 -5.19 -3.67
C ASP D 247 19.22 -4.34 -2.53
N LEU D 248 20.45 -3.85 -2.74
CA LEU D 248 21.13 -2.99 -1.76
C LEU D 248 20.37 -1.70 -1.47
N ASN D 249 19.65 -1.20 -2.47
CA ASN D 249 18.88 0.03 -2.34
C ASN D 249 17.68 -0.07 -1.41
N CYS D 250 17.29 -1.30 -1.06
CA CYS D 250 16.26 -1.54 -0.05
C CYS D 250 16.75 -1.18 1.35
N ILE D 251 18.07 -1.12 1.52
CA ILE D 251 18.65 -0.85 2.82
C ILE D 251 18.83 0.65 3.03
N ILE D 252 18.11 1.17 4.02
CA ILE D 252 18.15 2.58 4.40
C ILE D 252 19.38 2.85 5.26
N ASN D 253 19.71 1.90 6.13
CA ASN D 253 20.85 2.01 7.02
C ASN D 253 22.17 1.89 6.26
N LEU D 254 22.81 3.04 5.99
CA LEU D 254 24.03 3.07 5.18
C LEU D 254 25.14 2.23 5.80
N LYS D 255 25.26 2.30 7.12
CA LYS D 255 26.27 1.54 7.86
C LYS D 255 26.09 0.04 7.69
N ALA D 256 24.83 -0.36 7.50
CA ALA D 256 24.49 -1.75 7.23
C ALA D 256 24.74 -2.10 5.75
N ARG D 257 24.35 -1.19 4.85
CA ARG D 257 24.56 -1.39 3.42
C ARG D 257 26.05 -1.59 3.11
N ASN D 258 26.89 -0.77 3.75
CA ASN D 258 28.34 -0.87 3.62
C ASN D 258 28.88 -2.19 4.16
N TYR D 259 28.32 -2.66 5.27
CA TYR D 259 28.73 -3.93 5.86
C TYR D 259 28.49 -5.11 4.92
N LEU D 260 27.33 -5.13 4.26
CA LEU D 260 27.00 -6.18 3.31
C LEU D 260 27.93 -6.16 2.10
N LEU D 261 28.26 -4.95 1.66
CA LEU D 261 29.20 -4.75 0.55
C LEU D 261 30.62 -5.20 0.88
N SER D 262 31.00 -5.09 2.15
CA SER D 262 32.33 -5.46 2.60
C SER D 262 32.54 -6.97 2.66
N LEU D 263 31.45 -7.72 2.70
CA LEU D 263 31.48 -9.19 2.74
C LEU D 263 31.90 -9.77 1.38
N PRO D 264 32.61 -10.91 1.38
CA PRO D 264 33.03 -11.54 0.12
C PRO D 264 31.83 -12.02 -0.70
N HIS D 265 31.98 -12.02 -2.02
CA HIS D 265 30.91 -12.38 -2.93
C HIS D 265 30.46 -13.80 -2.73
N LYS D 266 29.15 -14.00 -2.74
CA LYS D 266 28.55 -15.33 -2.62
C LYS D 266 27.64 -15.60 -3.82
N ASN D 267 27.71 -16.83 -4.33
CA ASN D 267 26.87 -17.22 -5.45
C ASN D 267 25.51 -17.76 -5.01
N LYS D 268 24.50 -17.49 -5.83
CA LYS D 268 23.15 -18.02 -5.61
C LYS D 268 23.19 -19.53 -5.75
N VAL D 269 22.60 -20.21 -4.77
CA VAL D 269 22.40 -21.65 -4.84
C VAL D 269 21.01 -21.89 -5.45
N PRO D 270 20.94 -22.48 -6.65
CA PRO D 270 19.65 -22.78 -7.26
C PRO D 270 18.79 -23.66 -6.36
N TRP D 271 17.49 -23.36 -6.30
CA TRP D 271 16.58 -24.03 -5.36
C TRP D 271 16.48 -25.51 -5.54
N ASN D 272 16.55 -25.97 -6.79
CA ASN D 272 16.46 -27.40 -7.10
C ASN D 272 17.69 -28.19 -6.68
N ARG D 273 18.80 -27.49 -6.45
CA ARG D 273 20.02 -28.12 -5.95
C ARG D 273 19.97 -28.25 -4.43
N LEU D 274 19.12 -27.43 -3.80
CA LEU D 274 18.97 -27.44 -2.34
C LEU D 274 17.80 -28.31 -1.91
N PHE D 275 16.83 -28.49 -2.80
CA PHE D 275 15.67 -29.31 -2.53
C PHE D 275 15.46 -30.28 -3.69
N PRO D 276 16.35 -31.29 -3.79
CA PRO D 276 16.49 -32.15 -4.96
C PRO D 276 15.16 -32.72 -5.47
N ASN D 277 14.39 -33.34 -4.58
CA ASN D 277 13.10 -33.91 -4.96
C ASN D 277 11.90 -33.20 -4.35
N ALA D 278 11.89 -31.87 -4.48
CA ALA D 278 10.72 -31.07 -4.14
C ALA D 278 9.96 -30.74 -5.43
N ASP D 279 8.66 -30.49 -5.29
CA ASP D 279 7.81 -30.13 -6.43
C ASP D 279 8.31 -28.84 -7.10
N SER D 280 8.29 -28.82 -8.43
CA SER D 280 8.75 -27.64 -9.19
C SER D 280 7.85 -26.41 -8.98
N LYS D 281 6.55 -26.66 -8.82
CA LYS D 281 5.60 -25.59 -8.50
C LYS D 281 5.82 -25.03 -7.09
N ALA D 282 6.30 -25.89 -6.19
CA ALA D 282 6.57 -25.50 -4.81
C ALA D 282 7.74 -24.54 -4.71
N LEU D 283 8.79 -24.79 -5.50
CA LEU D 283 10.02 -23.99 -5.47
C LEU D 283 9.88 -22.63 -6.13
N ASP D 284 9.14 -22.58 -7.24
CA ASP D 284 8.88 -21.31 -7.93
C ASP D 284 8.19 -20.31 -7.00
N LEU D 285 7.26 -20.82 -6.19
CA LEU D 285 6.58 -20.03 -5.16
C LEU D 285 7.56 -19.60 -4.06
N LEU D 286 8.36 -20.55 -3.59
CA LEU D 286 9.39 -20.30 -2.57
C LEU D 286 10.35 -19.19 -2.98
N ASP D 287 10.83 -19.27 -4.22
CA ASP D 287 11.73 -18.27 -4.80
C ASP D 287 11.17 -16.87 -4.67
N LYS D 288 9.85 -16.73 -4.80
CA LYS D 288 9.18 -15.42 -4.73
C LYS D 288 8.95 -14.99 -3.29
N MET D 289 8.85 -15.96 -2.39
CA MET D 289 8.62 -15.68 -0.97
C MET D 289 9.92 -15.33 -0.27
N LEU D 290 11.02 -15.87 -0.77
CA LEU D 290 12.33 -15.61 -0.18
C LEU D 290 13.17 -14.69 -1.08
N THR D 291 12.56 -13.57 -1.48
CA THR D 291 13.23 -12.55 -2.27
C THR D 291 13.74 -11.47 -1.34
N PHE D 292 15.06 -11.32 -1.30
CA PHE D 292 15.73 -10.32 -0.46
C PHE D 292 15.02 -8.98 -0.48
N ASN D 293 14.80 -8.46 -1.68
CA ASN D 293 14.07 -7.22 -1.93
C ASN D 293 12.61 -7.34 -1.49
N PRO D 294 12.22 -6.63 -0.41
CA PRO D 294 10.87 -6.68 0.11
C PRO D 294 9.79 -6.11 -0.83
N HIS D 295 10.21 -5.32 -1.82
CA HIS D 295 9.27 -4.75 -2.78
C HIS D 295 9.00 -5.68 -3.92
N LYS D 296 10.01 -6.47 -4.27
CA LYS D 296 9.86 -7.48 -5.31
C LYS D 296 9.12 -8.70 -4.78
N ARG D 297 9.29 -8.95 -3.48
CA ARG D 297 8.75 -10.14 -2.80
C ARG D 297 7.22 -10.25 -2.93
N ILE D 298 6.77 -11.46 -3.25
CA ILE D 298 5.35 -11.75 -3.46
C ILE D 298 4.49 -11.39 -2.25
N GLU D 299 3.26 -10.94 -2.51
CA GLU D 299 2.32 -10.57 -1.46
C GLU D 299 1.37 -11.74 -1.19
N VAL D 300 0.65 -11.69 -0.06
CA VAL D 300 -0.17 -12.83 0.38
C VAL D 300 -1.27 -13.23 -0.63
N GLU D 301 -2.05 -12.26 -1.07
CA GLU D 301 -3.17 -12.49 -1.98
C GLU D 301 -2.72 -13.12 -3.29
N GLN D 302 -1.51 -12.76 -3.72
CA GLN D 302 -0.92 -13.26 -4.95
C GLN D 302 -0.39 -14.69 -4.79
N ALA D 303 0.15 -14.98 -3.61
CA ALA D 303 0.65 -16.31 -3.27
C ALA D 303 -0.46 -17.36 -3.33
N LEU D 304 -1.59 -17.05 -2.71
CA LEU D 304 -2.77 -17.93 -2.72
C LEU D 304 -3.17 -18.26 -4.15
N ALA D 305 -2.96 -17.31 -5.06
CA ALA D 305 -3.29 -17.48 -6.46
C ALA D 305 -2.20 -18.18 -7.27
N HIS D 306 -1.16 -18.65 -6.60
CA HIS D 306 -0.05 -19.36 -7.25
C HIS D 306 -0.48 -20.75 -7.68
N PRO D 307 0.00 -21.22 -8.86
CA PRO D 307 -0.31 -22.53 -9.42
C PRO D 307 -0.08 -23.75 -8.49
N TYR D 308 0.80 -23.62 -7.50
CA TYR D 308 1.07 -24.70 -6.55
C TYR D 308 -0.12 -24.97 -5.63
N LEU D 309 -0.86 -23.91 -5.30
CA LEU D 309 -2.07 -24.02 -4.46
C LEU D 309 -3.35 -24.06 -5.31
N GLU D 310 -3.19 -24.48 -6.56
CA GLU D 310 -4.26 -24.52 -7.55
C GLU D 310 -5.56 -25.16 -7.06
N GLN D 311 -5.43 -26.25 -6.30
CA GLN D 311 -6.58 -27.06 -5.92
C GLN D 311 -7.29 -26.60 -4.64
N TYR D 312 -6.70 -25.62 -3.96
CA TYR D 312 -7.29 -25.10 -2.72
C TYR D 312 -7.76 -23.66 -2.86
N TYR D 313 -7.23 -22.96 -3.85
CA TYR D 313 -7.50 -21.54 -4.03
C TYR D 313 -8.97 -21.27 -4.34
N ASP D 314 -9.62 -20.55 -3.44
CA ASP D 314 -11.02 -20.16 -3.58
C ASP D 314 -11.23 -18.82 -2.87
N PRO D 315 -11.15 -17.70 -3.64
CA PRO D 315 -11.27 -16.35 -3.10
C PRO D 315 -12.56 -16.06 -2.32
N SER D 316 -13.63 -16.78 -2.63
CA SER D 316 -14.90 -16.62 -1.92
C SER D 316 -14.90 -17.26 -0.51
N ASP D 317 -13.98 -18.20 -0.29
CA ASP D 317 -13.81 -18.83 1.02
C ASP D 317 -12.50 -18.37 1.69
N GLU D 318 -12.02 -17.21 1.26
CA GLU D 318 -10.84 -16.58 1.85
C GLU D 318 -11.23 -15.22 2.40
N PRO D 319 -11.83 -15.19 3.61
CA PRO D 319 -12.44 -13.97 4.14
C PRO D 319 -11.43 -12.93 4.61
N ILE D 320 -11.80 -11.68 4.45
CA ILE D 320 -11.01 -10.55 4.92
C ILE D 320 -11.56 -10.02 6.23
N ALA D 321 -10.77 -9.21 6.93
CA ALA D 321 -11.18 -8.65 8.22
C ALA D 321 -12.27 -7.60 8.07
N GLU D 322 -13.22 -7.66 9.00
CA GLU D 322 -14.29 -6.69 9.07
C GLU D 322 -13.94 -5.57 10.05
N ALA D 323 -13.14 -5.90 11.07
CA ALA D 323 -12.72 -4.95 12.10
C ALA D 323 -11.21 -4.66 12.01
N PRO D 324 -10.77 -3.98 10.93
CA PRO D 324 -9.34 -3.81 10.70
C PRO D 324 -8.74 -2.76 11.62
N PHE D 325 -7.44 -2.91 11.91
CA PHE D 325 -6.73 -1.93 12.71
C PHE D 325 -6.34 -0.70 11.90
N LYS D 326 -7.35 0.05 11.49
CA LYS D 326 -7.17 1.42 11.03
C LYS D 326 -7.43 2.24 12.27
N PHE D 327 -8.60 1.98 12.88
CA PHE D 327 -8.87 2.31 14.28
C PHE D 327 -7.71 1.75 15.08
N ASP D 328 -7.12 2.58 15.93
CA ASP D 328 -5.86 2.27 16.61
C ASP D 328 -4.67 2.08 15.66
N MET D 329 -3.91 3.16 15.48
CA MET D 329 -2.50 3.07 15.11
C MET D 329 -1.84 2.33 16.28
N GLU D 330 -2.61 2.26 17.38
CA GLU D 330 -2.35 1.47 18.60
C GLU D 330 -1.35 2.06 19.59
N LEU D 331 -0.34 2.77 19.06
CA LEU D 331 0.59 3.58 19.85
C LEU D 331 0.74 3.15 21.31
N ASP D 332 1.27 1.95 21.53
CA ASP D 332 1.62 1.50 22.89
C ASP D 332 2.90 2.21 23.35
N ASP D 333 3.79 1.52 24.05
CA ASP D 333 5.04 2.13 24.54
C ASP D 333 4.70 3.39 25.40
N LEU D 334 3.99 3.14 26.51
CA LEU D 334 3.49 4.18 27.42
C LEU D 334 3.40 3.59 28.84
N PRO D 335 3.00 4.38 29.87
CA PRO D 335 2.98 3.89 31.25
C PRO D 335 2.43 2.46 31.42
N LYS D 336 3.10 1.65 32.22
CA LYS D 336 2.74 0.23 32.39
C LYS D 336 1.44 0.04 33.16
N GLU D 337 1.16 0.98 34.07
CA GLU D 337 -0.05 0.99 34.88
C GLU D 337 -1.29 1.21 34.02
N LYS D 338 -1.10 1.97 32.94
CA LYS D 338 -2.15 2.24 31.97
C LYS D 338 -2.45 1.03 31.09
N LEU D 339 -1.41 0.27 30.76
CA LEU D 339 -1.55 -0.98 29.99
C LEU D 339 -2.35 -2.01 30.75
N LYS D 340 -2.03 -2.16 32.05
CA LYS D 340 -2.73 -3.06 32.96
C LYS D 340 -4.25 -2.79 33.00
N GLU D 341 -4.59 -1.50 33.03
CA GLU D 341 -5.97 -1.04 32.96
C GLU D 341 -6.65 -1.46 31.66
N LEU D 342 -5.97 -1.24 30.54
CA LEU D 342 -6.44 -1.65 29.23
C LEU D 342 -6.64 -3.16 29.13
N ILE D 343 -5.76 -3.92 29.80
CA ILE D 343 -5.89 -5.37 29.90
C ILE D 343 -7.13 -5.75 30.71
N PHE D 344 -7.33 -5.06 31.83
CA PHE D 344 -8.50 -5.25 32.69
C PHE D 344 -9.78 -4.95 31.90
N GLU D 345 -9.71 -3.93 31.07
CA GLU D 345 -10.81 -3.48 30.22
C GLU D 345 -11.17 -4.52 29.15
N GLU D 346 -10.17 -4.93 28.37
CA GLU D 346 -10.35 -5.91 27.30
C GLU D 346 -10.92 -7.24 27.79
N THR D 347 -10.54 -7.64 29.00
CA THR D 347 -10.89 -8.94 29.56
C THR D 347 -12.21 -8.91 30.33
N ALA D 348 -12.80 -7.72 30.45
CA ALA D 348 -14.01 -7.51 31.25
C ALA D 348 -15.26 -8.22 30.70
N ARG D 349 -15.25 -8.54 29.41
CA ARG D 349 -16.41 -9.16 28.77
C ARG D 349 -16.51 -10.67 29.00
N PHE D 350 -15.83 -11.16 30.04
CA PHE D 350 -15.83 -12.57 30.40
C PHE D 350 -16.14 -12.78 31.87
N GLN D 351 -16.39 -11.68 32.58
CA GLN D 351 -16.77 -11.71 33.99
C GLN D 351 -18.26 -12.07 34.15
N PRO D 352 -18.67 -12.50 35.38
CA PRO D 352 -20.05 -12.79 35.75
C PRO D 352 -21.13 -11.86 35.14
N GLY D 353 -20.76 -10.62 34.85
CA GLY D 353 -21.69 -9.63 34.28
C GLY D 353 -22.08 -9.92 32.84
N MET E 4 43.85 -7.04 28.74
CA MET E 4 43.63 -5.85 29.62
C MET E 4 43.75 -4.55 28.84
N ALA E 5 44.85 -4.40 28.11
CA ALA E 5 45.16 -3.19 27.36
C ALA E 5 44.68 -3.26 25.91
N GLU E 6 44.37 -4.47 25.44
CA GLU E 6 43.88 -4.69 24.08
C GLU E 6 42.38 -4.44 23.99
N TYR E 7 41.70 -4.52 25.13
CA TYR E 7 40.29 -4.16 25.25
C TYR E 7 40.14 -2.64 25.08
N GLY E 8 41.13 -1.89 25.58
CA GLY E 8 41.18 -0.46 25.40
C GLY E 8 41.42 -0.07 23.94
N THR E 9 42.21 -0.87 23.25
CA THR E 9 42.52 -0.66 21.83
C THR E 9 41.25 -0.72 20.97
N LEU E 10 40.35 -1.64 21.33
CA LEU E 10 39.10 -1.76 20.58
C LEU E 10 37.90 -1.11 21.26
N LEU E 11 38.15 -0.42 22.37
CA LEU E 11 37.19 0.55 22.90
C LEU E 11 37.33 1.83 22.08
N GLN E 12 38.58 2.16 21.76
CA GLN E 12 38.91 3.31 20.93
C GLN E 12 38.33 3.11 19.52
N ASP E 13 38.58 1.93 18.95
CA ASP E 13 38.04 1.54 17.64
C ASP E 13 36.53 1.77 17.54
N LEU E 14 35.82 1.43 18.60
CA LEU E 14 34.37 1.67 18.66
C LEU E 14 34.05 3.16 18.77
N THR E 15 34.82 3.88 19.59
CA THR E 15 34.57 5.31 19.83
C THR E 15 34.85 6.18 18.59
N ASN E 16 35.81 5.74 17.77
CA ASN E 16 36.13 6.42 16.51
C ASN E 16 35.01 6.26 15.47
N ASN E 17 34.15 5.27 15.69
CA ASN E 17 33.08 4.95 14.76
C ASN E 17 31.69 5.31 15.26
N ILE E 18 31.63 6.03 16.38
CA ILE E 18 30.36 6.52 16.90
C ILE E 18 30.34 8.04 16.79
N THR E 19 29.62 8.53 15.79
CA THR E 19 29.36 9.94 15.63
C THR E 19 28.37 10.38 16.70
N LEU E 20 28.24 11.69 16.93
CA LEU E 20 27.34 12.21 17.96
C LEU E 20 25.88 11.82 17.71
N GLU E 21 25.56 11.56 16.45
CA GLU E 21 24.22 11.17 16.04
C GLU E 21 23.96 9.68 16.24
N ASP E 22 24.98 8.86 16.00
CA ASP E 22 24.93 7.42 16.27
C ASP E 22 24.81 7.16 17.76
N LEU E 23 25.46 8.01 18.54
CA LEU E 23 25.44 7.97 20.00
C LEU E 23 24.00 8.08 20.51
N GLU E 24 23.18 8.88 19.84
CA GLU E 24 21.78 9.08 20.21
C GLU E 24 20.93 7.85 19.93
N GLN E 25 21.21 7.20 18.79
CA GLN E 25 20.55 5.97 18.38
C GLN E 25 20.96 4.79 19.28
N LEU E 26 22.13 4.90 19.89
CA LEU E 26 22.66 3.86 20.78
C LEU E 26 22.11 3.94 22.20
N LYS E 27 21.91 5.15 22.71
CA LYS E 27 21.35 5.32 24.05
C LYS E 27 19.85 5.06 24.10
N SER E 28 19.16 5.27 22.98
CA SER E 28 17.76 4.89 22.84
C SER E 28 17.57 3.39 22.95
N ALA E 29 18.51 2.63 22.40
CA ALA E 29 18.50 1.18 22.45
C ALA E 29 18.73 0.67 23.86
N CYS E 30 19.39 1.49 24.69
CA CYS E 30 19.56 1.22 26.13
C CYS E 30 18.38 1.80 26.91
N LYS E 31 17.17 1.60 26.38
CA LYS E 31 15.98 2.30 26.83
C LYS E 31 15.79 2.35 28.35
N GLU E 32 15.25 1.28 28.94
CA GLU E 32 14.88 1.29 30.37
C GLU E 32 16.08 1.54 31.31
N ASP E 33 17.25 1.06 30.90
CA ASP E 33 18.48 1.24 31.68
C ASP E 33 18.96 2.69 31.61
N GLU E 40 19.43 8.99 32.89
CA GLU E 40 20.05 10.28 32.62
C GLU E 40 20.51 10.41 31.17
N GLU E 41 20.29 11.59 30.60
CA GLU E 41 20.63 11.84 29.19
C GLU E 41 22.10 12.21 28.98
N ILE E 42 22.56 13.22 29.71
CA ILE E 42 23.86 13.87 29.48
C ILE E 42 25.11 12.95 29.40
N THR E 43 25.32 12.37 28.21
CA THR E 43 26.52 11.55 27.90
C THR E 43 26.94 11.84 26.46
N THR E 44 28.24 11.73 26.17
CA THR E 44 28.75 11.98 24.81
C THR E 44 29.94 11.09 24.36
N GLY E 45 29.62 9.93 23.77
CA GLY E 45 30.59 9.10 23.05
C GLY E 45 31.33 8.03 23.86
N SER E 46 32.47 8.41 24.40
CA SER E 46 33.28 7.53 25.25
C SER E 46 32.75 7.54 26.69
N ALA E 47 31.98 8.58 27.02
CA ALA E 47 31.28 8.68 28.29
C ALA E 47 30.23 7.58 28.44
N TRP E 48 29.69 7.15 27.30
CA TRP E 48 28.76 6.03 27.25
C TRP E 48 29.40 4.75 27.70
N PHE E 49 30.60 4.45 27.19
CA PHE E 49 31.30 3.22 27.58
C PHE E 49 31.62 3.20 29.07
N SER E 50 32.12 4.32 29.59
CA SER E 50 32.49 4.41 31.00
C SER E 50 31.28 4.53 31.93
N PHE E 51 30.11 4.77 31.35
CA PHE E 51 28.86 4.67 32.10
C PHE E 51 28.49 3.20 32.27
N LEU E 52 28.50 2.47 31.16
CA LEU E 52 28.24 1.02 31.14
C LEU E 52 29.22 0.27 32.04
N GLU E 53 30.50 0.62 31.94
CA GLU E 53 31.54 0.03 32.77
C GLU E 53 31.28 0.18 34.26
N SER E 54 30.91 1.40 34.67
CA SER E 54 30.68 1.71 36.08
C SER E 54 29.30 1.26 36.58
N HIS E 55 28.51 0.68 35.69
CA HIS E 55 27.26 0.03 36.08
C HIS E 55 27.31 -1.46 35.82
N ASN E 56 28.53 -1.98 35.70
CA ASN E 56 28.82 -3.41 35.50
C ASN E 56 28.22 -4.05 34.26
N LYS E 57 28.10 -3.26 33.19
CA LYS E 57 27.56 -3.74 31.92
C LYS E 57 28.66 -3.93 30.88
N LEU E 58 29.91 -3.59 31.24
CA LEU E 58 31.05 -3.69 30.33
C LEU E 58 32.37 -3.98 31.04
N ASP E 59 33.04 -5.04 30.60
CA ASP E 59 34.36 -5.46 31.08
C ASP E 59 35.22 -5.85 29.90
N LYS E 60 36.45 -6.28 30.20
CA LYS E 60 37.29 -6.97 29.22
C LYS E 60 36.66 -8.32 28.86
N ASP E 61 35.85 -8.84 29.77
CA ASP E 61 35.24 -10.17 29.65
C ASP E 61 33.71 -10.11 29.56
N ASN E 62 33.16 -8.92 29.80
CA ASN E 62 31.71 -8.71 29.78
C ASN E 62 31.28 -7.91 28.55
N LEU E 63 30.88 -8.61 27.50
CA LEU E 63 30.60 -8.00 26.20
C LEU E 63 29.15 -8.21 25.78
N SER E 64 28.45 -9.07 26.53
CA SER E 64 27.04 -9.39 26.28
C SER E 64 26.19 -8.17 25.89
N TYR E 65 26.25 -7.11 26.70
CA TYR E 65 25.38 -5.95 26.53
C TYR E 65 25.62 -5.12 25.27
N ILE E 66 26.88 -4.77 24.99
CA ILE E 66 27.21 -4.02 23.77
C ILE E 66 26.93 -4.83 22.50
N GLU E 67 27.21 -6.13 22.55
CA GLU E 67 26.84 -7.03 21.46
C GLU E 67 25.35 -6.93 21.13
N HIS E 68 24.54 -6.85 22.18
CA HIS E 68 23.09 -6.74 22.08
C HIS E 68 22.69 -5.40 21.55
N ILE E 69 23.26 -4.34 22.12
CA ILE E 69 22.89 -2.97 21.73
C ILE E 69 23.27 -2.67 20.27
N PHE E 70 24.39 -3.22 19.82
CA PHE E 70 24.82 -3.05 18.42
C PHE E 70 23.86 -3.73 17.44
N GLU E 71 23.17 -4.77 17.89
CA GLU E 71 22.19 -5.44 17.06
C GLU E 71 20.89 -4.64 17.00
N ILE E 72 20.44 -4.16 18.17
CA ILE E 72 19.22 -3.37 18.26
C ILE E 72 19.37 -2.04 17.53
N SER E 73 20.56 -1.47 17.60
CA SER E 73 20.88 -0.24 16.87
C SER E 73 21.19 -0.49 15.40
N ARG E 74 21.19 -1.76 15.01
CA ARG E 74 21.50 -2.20 13.64
C ARG E 74 22.89 -1.72 13.18
N ARG E 75 23.90 -2.08 13.95
CA ARG E 75 25.28 -1.67 13.69
C ARG E 75 26.19 -2.89 13.58
N PRO E 76 26.13 -3.62 12.44
CA PRO E 76 27.01 -4.77 12.27
C PRO E 76 28.48 -4.36 12.26
N ASP E 77 28.76 -3.18 11.70
CA ASP E 77 30.10 -2.63 11.65
C ASP E 77 30.74 -2.51 13.05
N LEU E 78 29.93 -2.16 14.05
CA LEU E 78 30.39 -2.07 15.42
C LEU E 78 30.58 -3.46 16.02
N LEU E 79 29.52 -4.27 15.93
CA LEU E 79 29.50 -5.63 16.46
C LEU E 79 30.60 -6.51 15.87
N THR E 80 30.92 -6.30 14.59
CA THR E 80 31.96 -7.09 13.91
C THR E 80 33.33 -6.89 14.56
N MET E 81 33.56 -5.70 15.11
CA MET E 81 34.79 -5.37 15.81
C MET E 81 34.83 -6.01 17.20
N VAL E 82 33.68 -6.15 17.83
CA VAL E 82 33.55 -6.83 19.13
C VAL E 82 33.79 -8.32 18.96
N VAL E 83 33.12 -8.93 17.97
CA VAL E 83 33.32 -10.34 17.66
C VAL E 83 34.78 -10.63 17.35
N ASP E 84 35.34 -9.87 16.40
CA ASP E 84 36.72 -10.06 15.97
C ASP E 84 37.75 -9.96 17.09
N TYR E 85 37.58 -8.97 17.97
CA TYR E 85 38.45 -8.88 19.13
C TYR E 85 37.81 -9.39 20.40
N ARG E 86 37.10 -10.50 20.24
CA ARG E 86 36.76 -11.42 21.31
C ARG E 86 37.30 -12.79 20.90
N THR E 87 37.26 -13.06 19.59
CA THR E 87 37.83 -14.29 19.02
C THR E 87 39.34 -14.36 19.18
N ARG E 88 40.00 -13.21 19.07
CA ARG E 88 41.43 -13.10 19.34
C ARG E 88 41.73 -13.26 20.84
N VAL E 89 41.03 -12.49 21.67
CA VAL E 89 41.16 -12.57 23.13
C VAL E 89 40.50 -13.83 23.68
N LYS E 125 0.55 -39.59 12.39
CA LYS E 125 -0.82 -40.10 12.36
C LYS E 125 -1.76 -39.04 11.77
N LEU E 126 -1.49 -38.66 10.53
CA LEU E 126 -2.12 -37.49 9.93
C LEU E 126 -3.07 -37.87 8.79
N ALA E 127 -4.29 -37.34 8.83
CA ALA E 127 -5.31 -37.61 7.80
C ALA E 127 -4.94 -37.01 6.44
N PRO E 128 -5.25 -37.73 5.33
CA PRO E 128 -4.98 -37.27 3.96
C PRO E 128 -5.61 -35.91 3.59
N PRO E 129 -4.99 -35.17 2.65
CA PRO E 129 -5.46 -33.86 2.20
C PRO E 129 -6.68 -33.91 1.28
N PRO E 130 -7.61 -32.95 1.45
CA PRO E 130 -8.82 -32.84 0.62
C PRO E 130 -8.51 -32.28 -0.78
N MET F 4 -24.02 -41.68 27.74
CA MET F 4 -24.65 -41.23 29.03
C MET F 4 -24.85 -42.41 29.98
N ALA F 5 -25.47 -43.47 29.48
CA ALA F 5 -25.80 -44.66 30.27
C ALA F 5 -24.71 -45.74 30.20
N GLU F 6 -23.81 -45.63 29.23
CA GLU F 6 -22.70 -46.57 29.07
C GLU F 6 -21.54 -46.22 29.98
N TYR F 7 -21.50 -44.96 30.42
CA TYR F 7 -20.54 -44.50 31.43
C TYR F 7 -20.89 -45.11 32.78
N GLY F 8 -22.19 -45.27 33.04
CA GLY F 8 -22.66 -45.96 34.23
C GLY F 8 -22.33 -47.44 34.22
N THR F 9 -22.36 -48.04 33.03
CA THR F 9 -22.03 -49.46 32.85
C THR F 9 -20.60 -49.74 33.27
N LEU F 10 -19.69 -48.83 32.96
CA LEU F 10 -18.29 -49.01 33.34
C LEU F 10 -17.86 -48.20 34.56
N LEU F 11 -18.84 -47.57 35.22
CA LEU F 11 -18.66 -47.12 36.60
C LEU F 11 -18.87 -48.32 37.52
N GLN F 12 -19.84 -49.16 37.15
CA GLN F 12 -20.15 -50.40 37.86
C GLN F 12 -18.96 -51.35 37.74
N ASP F 13 -18.47 -51.53 36.52
CA ASP F 13 -17.29 -52.36 36.25
C ASP F 13 -16.11 -52.02 37.15
N LEU F 14 -15.89 -50.71 37.36
CA LEU F 14 -14.83 -50.25 38.26
C LEU F 14 -15.15 -50.55 39.72
N THR F 15 -16.41 -50.36 40.11
CA THR F 15 -16.85 -50.56 41.50
C THR F 15 -16.81 -52.04 41.92
N ASN F 16 -17.07 -52.94 40.96
CA ASN F 16 -16.99 -54.38 41.21
C ASN F 16 -15.56 -54.86 41.42
N ASN F 17 -14.59 -54.03 41.01
CA ASN F 17 -13.18 -54.35 41.11
C ASN F 17 -12.42 -53.54 42.16
N ILE F 18 -13.16 -52.81 42.99
CA ILE F 18 -12.57 -52.08 44.10
C ILE F 18 -13.05 -52.70 45.41
N THR F 19 -12.18 -53.49 46.01
CA THR F 19 -12.40 -54.03 47.33
C THR F 19 -12.26 -52.89 48.35
N LEU F 20 -12.71 -53.12 49.59
CA LEU F 20 -12.65 -52.10 50.63
C LEU F 20 -11.21 -51.69 50.96
N GLU F 21 -10.29 -52.59 50.70
CA GLU F 21 -8.87 -52.36 50.94
C GLU F 21 -8.23 -51.56 49.79
N ASP F 22 -8.65 -51.84 48.55
CA ASP F 22 -8.18 -51.10 47.38
C ASP F 22 -8.68 -49.67 47.43
N LEU F 23 -9.87 -49.51 48.01
CA LEU F 23 -10.52 -48.22 48.20
C LEU F 23 -9.63 -47.30 49.05
N GLU F 24 -8.93 -47.89 50.02
CA GLU F 24 -8.06 -47.16 50.93
C GLU F 24 -6.78 -46.68 50.24
N GLN F 25 -6.25 -47.54 49.37
CA GLN F 25 -5.08 -47.25 48.56
C GLN F 25 -5.38 -46.19 47.48
N LEU F 26 -6.66 -46.11 47.09
CA LEU F 26 -7.12 -45.14 46.09
C LEU F 26 -7.36 -43.75 46.64
N LYS F 27 -7.87 -43.65 47.87
CA LYS F 27 -8.11 -42.36 48.49
C LYS F 27 -6.83 -41.71 49.00
N SER F 28 -5.82 -42.53 49.31
CA SER F 28 -4.49 -42.04 49.65
C SER F 28 -3.84 -41.36 48.45
N ALA F 29 -4.10 -41.90 47.27
CA ALA F 29 -3.59 -41.37 46.00
C ALA F 29 -4.23 -40.01 45.68
N CYS F 30 -5.43 -39.79 46.21
CA CYS F 30 -6.13 -38.51 46.13
C CYS F 30 -5.76 -37.62 47.31
N LYS F 31 -4.46 -37.58 47.62
CA LYS F 31 -3.95 -37.04 48.87
C LYS F 31 -4.52 -35.66 49.23
N GLU F 32 -3.98 -34.59 48.66
CA GLU F 32 -4.33 -33.22 49.07
C GLU F 32 -5.82 -32.90 48.87
N ASP F 33 -6.41 -33.47 47.83
CA ASP F 33 -7.82 -33.29 47.51
C ASP F 33 -8.71 -34.01 48.53
N GLU F 40 -11.99 -35.25 53.95
CA GLU F 40 -12.83 -36.14 54.74
C GLU F 40 -12.58 -37.61 54.40
N GLU F 41 -12.57 -38.45 55.42
CA GLU F 41 -12.28 -39.87 55.26
C GLU F 41 -13.49 -40.70 54.84
N ILE F 42 -14.58 -40.58 55.61
CA ILE F 42 -15.76 -41.44 55.51
C ILE F 42 -16.40 -41.61 54.09
N THR F 43 -15.81 -42.50 53.30
CA THR F 43 -16.33 -42.91 51.99
C THR F 43 -16.12 -44.41 51.80
N THR F 44 -16.99 -45.07 51.03
CA THR F 44 -16.86 -46.52 50.79
C THR F 44 -17.29 -47.00 49.39
N GLY F 45 -16.35 -47.02 48.45
CA GLY F 45 -16.52 -47.70 47.16
C GLY F 45 -17.09 -46.88 46.02
N SER F 46 -18.41 -46.92 45.88
CA SER F 46 -19.13 -46.15 44.87
C SER F 46 -19.37 -44.72 45.36
N ALA F 47 -19.27 -44.53 46.67
CA ALA F 47 -19.34 -43.21 47.30
C ALA F 47 -18.16 -42.35 46.86
N TRP F 48 -17.05 -43.01 46.54
CA TRP F 48 -15.86 -42.34 46.04
C TRP F 48 -16.09 -41.71 44.69
N PHE F 49 -16.72 -42.46 43.77
CA PHE F 49 -17.03 -41.93 42.43
C PHE F 49 -17.98 -40.75 42.49
N SER F 50 -19.03 -40.86 43.31
CA SER F 50 -20.02 -39.78 43.44
C SER F 50 -19.50 -38.58 44.25
N PHE F 51 -18.38 -38.77 44.94
CA PHE F 51 -17.67 -37.66 45.57
C PHE F 51 -16.92 -36.86 44.50
N LEU F 52 -16.14 -37.58 43.69
CA LEU F 52 -15.39 -37.00 42.57
C LEU F 52 -16.31 -36.31 41.58
N GLU F 53 -17.44 -36.95 41.28
CA GLU F 53 -18.45 -36.39 40.40
C GLU F 53 -18.98 -35.05 40.90
N SER F 54 -19.34 -34.99 42.18
CA SER F 54 -19.91 -33.78 42.78
C SER F 54 -18.87 -32.72 43.14
N HIS F 55 -17.60 -33.03 42.85
CA HIS F 55 -16.53 -32.04 42.95
C HIS F 55 -15.90 -31.78 41.61
N ASN F 56 -16.65 -32.10 40.54
CA ASN F 56 -16.27 -31.87 39.14
C ASN F 56 -14.96 -32.52 38.69
N LYS F 57 -14.68 -33.70 39.25
CA LYS F 57 -13.48 -34.46 38.90
C LYS F 57 -13.81 -35.68 38.04
N LEU F 58 -15.11 -35.90 37.78
CA LEU F 58 -15.58 -37.06 37.03
C LEU F 58 -16.89 -36.80 36.27
N ASP F 59 -16.83 -37.05 34.96
CA ASP F 59 -17.97 -36.93 34.04
C ASP F 59 -17.96 -38.11 33.09
N LYS F 60 -18.94 -38.13 32.18
CA LYS F 60 -18.93 -39.03 31.03
C LYS F 60 -17.75 -38.67 30.12
N ASP F 61 -17.34 -37.40 30.18
CA ASP F 61 -16.29 -36.85 29.32
C ASP F 61 -15.05 -36.42 30.08
N ASN F 62 -15.13 -36.44 31.41
CA ASN F 62 -14.03 -36.03 32.28
C ASN F 62 -13.40 -37.22 33.00
N LEU F 63 -12.33 -37.74 32.41
CA LEU F 63 -11.72 -39.00 32.87
C LEU F 63 -10.27 -38.80 33.30
N SER F 64 -9.73 -37.62 33.02
CA SER F 64 -8.39 -37.23 33.40
C SER F 64 -7.98 -37.69 34.79
N TYR F 65 -8.81 -37.39 35.80
CA TYR F 65 -8.43 -37.64 37.20
C TYR F 65 -8.33 -39.12 37.59
N ILE F 66 -9.35 -39.91 37.25
CA ILE F 66 -9.32 -41.35 37.56
C ILE F 66 -8.21 -42.07 36.81
N GLU F 67 -7.97 -41.66 35.55
CA GLU F 67 -6.85 -42.18 34.76
C GLU F 67 -5.53 -41.99 35.50
N HIS F 68 -5.39 -40.84 36.14
CA HIS F 68 -4.22 -40.48 36.92
C HIS F 68 -4.12 -41.26 38.20
N ILE F 69 -5.23 -41.33 38.94
CA ILE F 69 -5.27 -42.03 40.22
C ILE F 69 -5.01 -43.53 40.08
N PHE F 70 -5.51 -44.13 39.00
CA PHE F 70 -5.27 -45.55 38.71
C PHE F 70 -3.80 -45.84 38.41
N GLU F 71 -3.08 -44.86 37.90
CA GLU F 71 -1.65 -44.99 37.69
C GLU F 71 -0.86 -44.87 38.99
N ILE F 72 -1.20 -43.88 39.80
CA ILE F 72 -0.54 -43.65 41.08
C ILE F 72 -0.82 -44.81 42.04
N SER F 73 -2.03 -45.34 41.98
CA SER F 73 -2.40 -46.52 42.76
C SER F 73 -1.88 -47.83 42.16
N ARG F 74 -1.23 -47.73 41.01
CA ARG F 74 -0.68 -48.87 40.28
C ARG F 74 -1.76 -49.91 39.96
N ARG F 75 -2.81 -49.45 39.29
CA ARG F 75 -3.95 -50.29 38.95
C ARG F 75 -4.21 -50.28 37.43
N PRO F 76 -3.36 -51.00 36.66
CA PRO F 76 -3.57 -51.06 35.22
C PRO F 76 -4.91 -51.71 34.86
N ASP F 77 -5.31 -52.69 35.65
CA ASP F 77 -6.57 -53.40 35.48
C ASP F 77 -7.76 -52.44 35.50
N LEU F 78 -7.69 -51.42 36.35
CA LEU F 78 -8.73 -50.40 36.41
C LEU F 78 -8.65 -49.44 35.23
N LEU F 79 -7.46 -48.89 35.02
CA LEU F 79 -7.22 -47.95 33.93
C LEU F 79 -7.54 -48.54 32.57
N THR F 80 -7.25 -49.83 32.38
CA THR F 80 -7.49 -50.50 31.10
C THR F 80 -8.98 -50.47 30.69
N MET F 81 -9.85 -50.49 31.71
CA MET F 81 -11.29 -50.42 31.51
C MET F 81 -11.73 -49.00 31.15
N VAL F 82 -11.02 -48.01 31.68
CA VAL F 82 -11.28 -46.61 31.38
C VAL F 82 -10.87 -46.31 29.96
N VAL F 83 -9.64 -46.72 29.60
CA VAL F 83 -9.14 -46.58 28.23
C VAL F 83 -10.09 -47.27 27.23
N ASP F 84 -10.36 -48.55 27.46
CA ASP F 84 -11.22 -49.34 26.56
C ASP F 84 -12.59 -48.74 26.34
N TYR F 85 -13.22 -48.25 27.41
CA TYR F 85 -14.51 -47.57 27.26
C TYR F 85 -14.40 -46.05 27.33
N ARG F 86 -13.35 -45.56 26.67
CA ARG F 86 -13.21 -44.19 26.21
C ARG F 86 -12.95 -44.26 24.72
N THR F 87 -12.23 -45.30 24.30
CA THR F 87 -11.97 -45.56 22.89
C THR F 87 -13.26 -45.90 22.13
N ARG F 88 -14.16 -46.61 22.80
CA ARG F 88 -15.47 -46.92 22.23
C ARG F 88 -16.32 -45.65 22.18
N VAL F 89 -16.42 -44.95 23.32
CA VAL F 89 -17.18 -43.70 23.42
C VAL F 89 -16.45 -42.55 22.73
N LYS F 125 30.01 -29.79 16.79
CA LYS F 125 31.25 -29.06 17.08
C LYS F 125 31.96 -29.68 18.29
N LEU F 126 32.06 -31.00 18.30
CA LEU F 126 32.46 -31.73 19.49
C LEU F 126 33.86 -32.32 19.44
N ALA F 127 34.72 -31.89 20.38
CA ALA F 127 36.10 -32.36 20.48
C ALA F 127 36.17 -33.84 20.89
N PRO F 128 37.12 -34.60 20.30
CA PRO F 128 37.31 -36.03 20.62
C PRO F 128 37.62 -36.31 22.09
N PRO F 129 37.22 -37.51 22.58
CA PRO F 129 37.43 -37.92 23.99
C PRO F 129 38.91 -38.20 24.30
N PRO F 130 39.26 -38.33 25.60
CA PRO F 130 40.60 -38.77 25.96
C PRO F 130 40.69 -40.30 26.04
N MET G 4 -14.98 40.37 -62.44
CA MET G 4 -13.83 39.83 -63.21
C MET G 4 -12.86 40.96 -63.60
N ALA G 5 -13.41 42.01 -64.20
CA ALA G 5 -12.63 43.14 -64.70
C ALA G 5 -12.51 44.26 -63.68
N GLU G 6 -13.37 44.23 -62.66
CA GLU G 6 -13.34 45.25 -61.60
C GLU G 6 -12.30 44.92 -60.54
N TYR G 7 -11.89 43.65 -60.49
CA TYR G 7 -10.78 43.21 -59.65
C TYR G 7 -9.47 43.77 -60.21
N GLY G 8 -9.38 43.84 -61.55
CA GLY G 8 -8.25 44.45 -62.22
C GLY G 8 -8.16 45.94 -61.97
N THR G 9 -9.33 46.59 -61.87
CA THR G 9 -9.42 48.03 -61.60
C THR G 9 -8.79 48.38 -60.26
N LEU G 10 -9.01 47.52 -59.26
CA LEU G 10 -8.44 47.77 -57.94
C LEU G 10 -7.19 46.93 -57.64
N LEU G 11 -6.70 46.21 -58.65
CA LEU G 11 -5.32 45.72 -58.64
C LEU G 11 -4.40 46.87 -59.05
N GLN G 12 -4.86 47.66 -60.01
CA GLN G 12 -4.16 48.86 -60.47
C GLN G 12 -4.07 49.88 -59.33
N ASP G 13 -5.21 50.13 -58.69
CA ASP G 13 -5.31 51.03 -57.53
C ASP G 13 -4.27 50.71 -56.47
N LEU G 14 -4.06 49.41 -56.20
CA LEU G 14 -3.05 48.97 -55.24
C LEU G 14 -1.64 49.19 -55.77
N THR G 15 -1.43 48.91 -57.05
CA THR G 15 -0.10 49.04 -57.69
C THR G 15 0.35 50.50 -57.80
N ASN G 16 -0.60 51.42 -57.96
CA ASN G 16 -0.32 52.86 -58.00
C ASN G 16 0.12 53.40 -56.64
N ASN G 17 -0.18 52.64 -55.58
CA ASN G 17 0.12 53.03 -54.21
C ASN G 17 1.23 52.22 -53.55
N ILE G 18 1.93 51.42 -54.35
CA ILE G 18 3.09 50.70 -53.87
C ILE G 18 4.35 51.24 -54.55
N THR G 19 5.07 52.06 -53.81
CA THR G 19 6.39 52.53 -54.24
C THR G 19 7.37 51.37 -54.16
N LEU G 20 8.53 51.50 -54.81
CA LEU G 20 9.54 50.44 -54.84
C LEU G 20 10.04 50.07 -53.44
N GLU G 21 9.93 51.05 -52.52
CA GLU G 21 10.36 50.88 -51.13
C GLU G 21 9.29 50.17 -50.29
N ASP G 22 8.02 50.47 -50.57
CA ASP G 22 6.90 49.80 -49.92
C ASP G 22 6.86 48.34 -50.34
N LEU G 23 7.22 48.10 -51.59
CA LEU G 23 7.30 46.77 -52.17
C LEU G 23 8.22 45.86 -51.35
N GLU G 24 9.30 46.45 -50.84
CA GLU G 24 10.29 45.72 -50.04
C GLU G 24 9.76 45.34 -48.67
N GLN G 25 8.98 46.26 -48.08
CA GLN G 25 8.34 46.06 -46.78
C GLN G 25 7.21 45.04 -46.89
N LEU G 26 6.65 44.89 -48.10
CA LEU G 26 5.56 43.97 -48.37
C LEU G 26 6.03 42.54 -48.60
N LYS G 27 7.17 42.36 -49.27
CA LYS G 27 7.71 41.03 -49.50
C LYS G 27 8.38 40.43 -48.26
N SER G 28 8.84 41.30 -47.35
CA SER G 28 9.34 40.87 -46.05
C SER G 28 8.24 40.27 -45.20
N ALA G 29 7.04 40.84 -45.33
CA ALA G 29 5.85 40.38 -44.63
C ALA G 29 5.38 39.01 -45.16
N CYS G 30 5.74 38.70 -46.41
CA CYS G 30 5.51 37.39 -47.02
C CYS G 30 6.70 36.47 -46.74
N LYS G 31 7.19 36.49 -45.50
CA LYS G 31 8.48 35.92 -45.13
C LYS G 31 8.73 34.50 -45.67
N GLU G 32 8.20 33.48 -45.00
CA GLU G 32 8.51 32.08 -45.33
C GLU G 32 8.08 31.69 -46.75
N ASP G 33 7.00 32.30 -47.24
CA ASP G 33 6.49 32.05 -48.58
C ASP G 33 7.40 32.68 -49.63
N GLU G 40 12.37 33.52 -53.64
CA GLU G 40 13.06 34.34 -54.63
C GLU G 40 12.81 35.83 -54.43
N GLU G 41 13.86 36.63 -54.60
CA GLU G 41 13.78 38.07 -54.38
C GLU G 41 13.23 38.85 -55.57
N ILE G 42 13.83 38.63 -56.74
CA ILE G 42 13.62 39.44 -57.96
C ILE G 42 12.14 39.63 -58.41
N THR G 43 11.46 40.59 -57.76
CA THR G 43 10.11 41.01 -58.14
C THR G 43 10.01 42.54 -57.99
N THR G 44 9.14 43.19 -58.79
CA THR G 44 8.98 44.65 -58.72
C THR G 44 7.55 45.19 -58.98
N GLY G 45 6.75 45.28 -57.91
CA GLY G 45 5.47 45.99 -57.94
C GLY G 45 4.24 45.18 -58.31
N SER G 46 3.91 45.17 -59.61
CA SER G 46 2.79 44.40 -60.14
C SER G 46 3.19 42.94 -60.35
N ALA G 47 4.50 42.70 -60.42
CA ALA G 47 5.07 41.35 -60.50
C ALA G 47 4.78 40.57 -59.22
N TRP G 48 4.63 41.30 -58.11
CA TRP G 48 4.25 40.71 -56.84
C TRP G 48 2.87 40.12 -56.87
N PHE G 49 1.92 40.87 -57.43
CA PHE G 49 0.53 40.40 -57.51
C PHE G 49 0.41 39.16 -58.38
N SER G 50 1.07 39.18 -59.54
CA SER G 50 1.05 38.05 -60.48
C SER G 50 1.89 36.86 -60.02
N PHE G 51 2.73 37.06 -58.99
CA PHE G 51 3.40 35.96 -58.31
C PHE G 51 2.41 35.26 -57.37
N LEU G 52 1.74 36.06 -56.55
CA LEU G 52 0.71 35.57 -55.62
C LEU G 52 -0.40 34.85 -56.37
N GLU G 53 -0.84 35.44 -57.48
CA GLU G 53 -1.89 34.88 -58.31
C GLU G 53 -1.51 33.49 -58.83
N SER G 54 -0.28 33.36 -59.33
CA SER G 54 0.19 32.10 -59.91
C SER G 54 0.65 31.08 -58.87
N HIS G 55 0.55 31.45 -57.60
CA HIS G 55 0.78 30.51 -56.49
C HIS G 55 -0.49 30.31 -55.69
N ASN G 56 -1.63 30.65 -56.31
CA ASN G 56 -2.96 30.51 -55.72
C ASN G 56 -3.22 31.26 -54.42
N LYS G 57 -2.61 32.43 -54.28
CA LYS G 57 -2.75 33.26 -53.09
C LYS G 57 -3.62 34.50 -53.37
N LEU G 58 -4.01 34.67 -54.63
CA LEU G 58 -4.80 35.83 -55.07
C LEU G 58 -5.74 35.53 -56.24
N ASP G 59 -7.03 35.82 -56.03
CA ASP G 59 -8.09 35.69 -57.03
C ASP G 59 -8.99 36.91 -56.97
N LYS G 60 -10.03 36.91 -57.80
CA LYS G 60 -11.13 37.85 -57.69
C LYS G 60 -11.88 37.59 -56.38
N ASP G 61 -11.79 36.34 -55.90
CA ASP G 61 -12.54 35.88 -54.74
C ASP G 61 -11.62 35.50 -53.58
N ASN G 62 -10.32 35.45 -53.85
CA ASN G 62 -9.31 35.07 -52.85
C ASN G 62 -8.49 36.27 -52.41
N LEU G 63 -8.90 36.89 -51.30
CA LEU G 63 -8.31 38.14 -50.83
C LEU G 63 -7.70 37.99 -49.45
N SER G 64 -7.96 36.85 -48.81
CA SER G 64 -7.42 36.52 -47.49
C SER G 64 -5.97 36.96 -47.28
N TYR G 65 -5.09 36.58 -48.21
CA TYR G 65 -3.66 36.79 -48.03
C TYR G 65 -3.21 38.25 -48.08
N ILE G 66 -3.66 38.99 -49.09
CA ILE G 66 -3.28 40.41 -49.19
C ILE G 66 -3.86 41.21 -48.02
N GLU G 67 -5.08 40.88 -47.61
CA GLU G 67 -5.70 41.49 -46.44
C GLU G 67 -4.80 41.34 -45.22
N HIS G 68 -4.20 40.15 -45.10
CA HIS G 68 -3.29 39.82 -44.01
C HIS G 68 -1.98 40.55 -44.12
N ILE G 69 -1.38 40.54 -45.31
CA ILE G 69 -0.08 41.18 -45.56
C ILE G 69 -0.17 42.70 -45.38
N PHE G 70 -1.28 43.31 -45.77
CA PHE G 70 -1.49 44.74 -45.57
C PHE G 70 -1.57 45.11 -44.10
N GLU G 71 -2.01 44.18 -43.26
CA GLU G 71 -2.03 44.41 -41.84
C GLU G 71 -0.64 44.30 -41.20
N ILE G 72 0.10 43.26 -41.59
CA ILE G 72 1.45 43.02 -41.09
C ILE G 72 2.40 44.13 -41.56
N SER G 73 2.22 44.59 -42.79
CA SER G 73 2.98 45.72 -43.34
C SER G 73 2.48 47.09 -42.84
N ARG G 74 1.42 47.06 -42.03
CA ARG G 74 0.81 48.26 -41.44
C ARG G 74 0.39 49.24 -42.52
N ARG G 75 -0.44 48.76 -43.45
CA ARG G 75 -0.93 49.55 -44.57
C ARG G 75 -2.46 49.58 -44.61
N PRO G 76 -3.09 50.37 -43.71
CA PRO G 76 -4.55 50.48 -43.73
C PRO G 76 -5.06 51.10 -45.03
N ASP G 77 -4.27 52.00 -45.61
CA ASP G 77 -4.59 52.65 -46.88
C ASP G 77 -4.77 51.63 -48.01
N LEU G 78 -3.96 50.58 -47.99
CA LEU G 78 -4.06 49.52 -48.98
C LEU G 78 -5.25 48.64 -48.68
N LEU G 79 -5.30 48.14 -47.45
CA LEU G 79 -6.38 47.25 -47.00
C LEU G 79 -7.77 47.87 -47.14
N THR G 80 -7.87 49.19 -46.92
CA THR G 80 -9.16 49.89 -47.03
C THR G 80 -9.74 49.81 -48.45
N MET G 81 -8.85 49.75 -49.45
CA MET G 81 -9.24 49.60 -50.85
C MET G 81 -9.72 48.18 -51.17
N VAL G 82 -9.11 47.20 -50.51
CA VAL G 82 -9.51 45.80 -50.63
C VAL G 82 -10.89 45.60 -50.00
N VAL G 83 -11.06 46.08 -48.77
CA VAL G 83 -12.35 46.01 -48.07
C VAL G 83 -13.44 46.67 -48.91
N ASP G 84 -13.21 47.92 -49.30
CA ASP G 84 -14.18 48.71 -50.06
C ASP G 84 -14.61 48.06 -51.36
N TYR G 85 -13.65 47.51 -52.11
CA TYR G 85 -14.00 46.76 -53.32
C TYR G 85 -13.98 45.24 -53.12
N ARG G 86 -14.50 44.84 -51.97
CA ARG G 86 -14.97 43.50 -51.71
C ARG G 86 -16.42 43.65 -51.27
N THR G 87 -16.70 44.73 -50.55
CA THR G 87 -18.07 45.06 -50.11
C THR G 87 -18.97 45.37 -51.30
N ARG G 88 -18.40 46.01 -52.33
CA ARG G 88 -19.12 46.26 -53.57
C ARG G 88 -19.34 44.97 -54.36
N VAL G 89 -18.25 44.22 -54.57
CA VAL G 89 -18.29 42.92 -55.25
C VAL G 89 -18.92 41.84 -54.36
N LYS G 125 -16.72 31.15 -5.82
CA LYS G 125 -16.37 30.84 -4.44
C LYS G 125 -15.03 31.48 -4.07
N LEU G 126 -15.02 32.80 -3.96
CA LEU G 126 -13.76 33.54 -3.81
C LEU G 126 -13.52 34.05 -2.39
N ALA G 127 -12.29 33.85 -1.89
CA ALA G 127 -11.91 34.27 -0.54
C ALA G 127 -11.42 35.72 -0.54
N PRO G 128 -11.85 36.51 0.47
CA PRO G 128 -11.49 37.93 0.62
C PRO G 128 -9.98 38.25 0.64
N PRO G 129 -9.58 39.34 -0.04
CA PRO G 129 -8.21 39.86 -0.04
C PRO G 129 -7.75 40.40 1.33
N PRO G 130 -6.44 40.63 1.50
CA PRO G 130 -5.95 41.21 2.75
C PRO G 130 -5.90 42.74 2.69
N MET H 4 -4.01 8.99 6.67
CA MET H 4 -3.12 7.82 6.35
C MET H 4 -3.85 6.50 6.61
N ALA H 5 -4.43 6.39 7.82
CA ALA H 5 -5.10 5.18 8.27
C ALA H 5 -6.60 5.21 7.98
N GLU H 6 -7.13 6.40 7.70
CA GLU H 6 -8.55 6.55 7.38
C GLU H 6 -8.85 6.23 5.93
N TYR H 7 -7.80 6.29 5.09
CA TYR H 7 -7.88 5.87 3.69
C TYR H 7 -8.03 4.36 3.63
N GLY H 8 -7.39 3.67 4.57
CA GLY H 8 -7.52 2.23 4.71
C GLY H 8 -8.91 1.84 5.17
N THR H 9 -9.52 2.66 6.01
CA THR H 9 -10.87 2.44 6.51
C THR H 9 -11.87 2.43 5.37
N LEU H 10 -11.68 3.30 4.39
CA LEU H 10 -12.58 3.35 3.25
C LEU H 10 -12.06 2.65 2.00
N LEU H 11 -10.91 1.98 2.15
CA LEU H 11 -10.48 0.97 1.17
C LEU H 11 -11.24 -0.30 1.48
N GLN H 12 -11.39 -0.58 2.77
CA GLN H 12 -12.15 -1.73 3.26
C GLN H 12 -13.62 -1.59 2.87
N ASP H 13 -14.19 -0.42 3.14
CA ASP H 13 -15.56 -0.08 2.75
C ASP H 13 -15.86 -0.38 1.28
N LEU H 14 -14.90 -0.06 0.41
CA LEU H 14 -15.03 -0.36 -1.01
C LEU H 14 -14.93 -1.85 -1.28
N THR H 15 -14.00 -2.53 -0.59
CA THR H 15 -13.75 -3.96 -0.81
C THR H 15 -14.92 -4.82 -0.32
N ASN H 16 -15.60 -4.36 0.71
CA ASN H 16 -16.79 -5.05 1.22
C ASN H 16 -17.96 -4.97 0.26
N ASN H 17 -17.88 -4.03 -0.68
CA ASN H 17 -18.95 -3.75 -1.64
C ASN H 17 -18.62 -4.15 -3.07
N ILE H 18 -17.52 -4.86 -3.24
CA ILE H 18 -17.16 -5.41 -4.54
C ILE H 18 -17.23 -6.93 -4.49
N THR H 19 -18.31 -7.46 -5.05
CA THR H 19 -18.47 -8.90 -5.21
C THR H 19 -17.52 -9.37 -6.32
N LEU H 20 -17.31 -10.68 -6.41
CA LEU H 20 -16.37 -11.22 -7.42
C LEU H 20 -16.84 -10.90 -8.85
N GLU H 21 -18.14 -10.69 -9.01
CA GLU H 21 -18.74 -10.38 -10.30
C GLU H 21 -18.59 -8.90 -10.65
N ASP H 22 -18.72 -8.04 -9.63
CA ASP H 22 -18.51 -6.60 -9.81
C ASP H 22 -17.05 -6.33 -10.13
N LEU H 23 -16.17 -7.14 -9.56
CA LEU H 23 -14.75 -7.04 -9.77
C LEU H 23 -14.42 -7.19 -11.25
N GLU H 24 -15.19 -8.04 -11.94
CA GLU H 24 -15.00 -8.32 -13.36
C GLU H 24 -15.42 -7.13 -14.23
N GLN H 25 -16.52 -6.51 -13.84
CA GLN H 25 -17.04 -5.29 -14.48
C GLN H 25 -16.14 -4.09 -14.24
N LEU H 26 -15.38 -4.13 -13.14
CA LEU H 26 -14.45 -3.06 -12.80
C LEU H 26 -13.12 -3.14 -13.54
N LYS H 27 -12.60 -4.35 -13.75
CA LYS H 27 -11.34 -4.51 -14.48
C LYS H 27 -11.50 -4.32 -15.99
N SER H 28 -12.71 -4.56 -16.50
CA SER H 28 -13.04 -4.28 -17.89
C SER H 28 -13.00 -2.79 -18.15
N ALA H 29 -13.44 -2.01 -17.18
CA ALA H 29 -13.43 -0.54 -17.23
C ALA H 29 -12.00 0.01 -17.23
N CYS H 30 -11.07 -0.76 -16.66
CA CYS H 30 -9.64 -0.45 -16.70
C CYS H 30 -9.00 -1.05 -17.94
N LYS H 31 -9.69 -0.91 -19.08
CA LYS H 31 -9.39 -1.66 -20.30
C LYS H 31 -7.90 -1.70 -20.70
N GLU H 32 -7.41 -0.65 -21.35
CA GLU H 32 -6.04 -0.65 -21.91
C GLU H 32 -4.95 -0.83 -20.85
N ASP H 33 -5.19 -0.28 -19.66
CA ASP H 33 -4.27 -0.41 -18.53
C ASP H 33 -4.25 -1.84 -17.98
N GLU H 40 -2.74 -8.09 -17.40
CA GLU H 40 -2.89 -9.36 -16.70
C GLU H 40 -4.27 -9.49 -16.04
N GLU H 41 -4.84 -10.68 -16.13
CA GLU H 41 -6.18 -10.94 -15.60
C GLU H 41 -6.19 -11.23 -14.09
N ILE H 42 -5.39 -12.21 -13.69
CA ILE H 42 -5.42 -12.81 -12.34
C ILE H 42 -5.35 -11.83 -11.15
N THR H 43 -6.51 -11.25 -10.81
CA THR H 43 -6.69 -10.40 -9.62
C THR H 43 -8.06 -10.70 -8.98
N THR H 44 -8.16 -10.54 -7.67
CA THR H 44 -9.44 -10.78 -6.98
C THR H 44 -9.74 -9.86 -5.78
N GLY H 45 -10.37 -8.71 -6.08
CA GLY H 45 -10.99 -7.85 -5.05
C GLY H 45 -10.14 -6.75 -4.46
N SER H 46 -9.44 -7.07 -3.37
CA SER H 46 -8.51 -6.13 -2.75
C SER H 46 -7.16 -6.13 -3.48
N ALA H 47 -6.91 -7.20 -4.23
CA ALA H 47 -5.72 -7.31 -5.07
C ALA H 47 -5.75 -6.26 -6.17
N TRP H 48 -6.96 -5.86 -6.56
CA TRP H 48 -7.16 -4.80 -7.54
C TRP H 48 -6.66 -3.48 -7.02
N PHE H 49 -7.00 -3.15 -5.77
CA PHE H 49 -6.56 -1.87 -5.20
C PHE H 49 -5.04 -1.83 -5.07
N SER H 50 -4.44 -2.90 -4.59
CA SER H 50 -3.00 -2.93 -4.40
C SER H 50 -2.23 -3.06 -5.72
N PHE H 51 -2.95 -3.38 -6.80
CA PHE H 51 -2.38 -3.32 -8.16
C PHE H 51 -2.30 -1.87 -8.60
N LEU H 52 -3.41 -1.16 -8.46
CA LEU H 52 -3.51 0.26 -8.79
C LEU H 52 -2.52 1.08 -7.98
N GLU H 53 -2.41 0.76 -6.69
CA GLU H 53 -1.49 1.43 -5.79
C GLU H 53 -0.04 1.30 -6.26
N SER H 54 0.36 0.08 -6.61
CA SER H 54 1.73 -0.22 -7.01
C SER H 54 2.03 0.17 -8.45
N HIS H 55 1.03 0.69 -9.15
CA HIS H 55 1.23 1.29 -10.48
C HIS H 55 0.92 2.78 -10.46
N ASN H 56 0.95 3.35 -9.25
CA ASN H 56 0.78 4.79 -9.01
C ASN H 56 -0.55 5.38 -9.48
N LYS H 57 -1.60 4.56 -9.39
CA LYS H 57 -2.94 4.98 -9.77
C LYS H 57 -3.84 5.21 -8.56
N LEU H 58 -3.31 4.93 -7.36
CA LEU H 58 -4.06 5.07 -6.11
C LEU H 58 -3.19 5.43 -4.91
N ASP H 59 -3.56 6.52 -4.24
CA ASP H 59 -2.92 7.01 -3.01
C ASP H 59 -3.98 7.42 -2.01
N LYS H 60 -3.54 7.91 -0.85
CA LYS H 60 -4.39 8.63 0.08
C LYS H 60 -4.89 9.92 -0.56
N ASP H 61 -4.10 10.42 -1.52
CA ASP H 61 -4.34 11.72 -2.16
C ASP H 61 -4.62 11.58 -3.65
N ASN H 62 -4.45 10.37 -4.18
CA ASN H 62 -4.64 10.10 -5.60
C ASN H 62 -5.88 9.25 -5.82
N LEU H 63 -6.99 9.91 -6.14
CA LEU H 63 -8.29 9.26 -6.21
C LEU H 63 -8.90 9.40 -7.60
N SER H 64 -8.29 10.25 -8.42
CA SER H 64 -8.72 10.50 -9.79
C SER H 64 -9.20 9.24 -10.53
N TYR H 65 -8.37 8.19 -10.52
CA TYR H 65 -8.64 6.99 -11.31
C TYR H 65 -9.84 6.14 -10.86
N ILE H 66 -9.92 5.83 -9.57
CA ILE H 66 -11.07 5.08 -9.06
C ILE H 66 -12.39 5.85 -9.19
N GLU H 67 -12.34 7.17 -8.97
CA GLU H 67 -13.48 8.03 -9.23
C GLU H 67 -14.00 7.85 -10.66
N HIS H 68 -13.05 7.75 -11.60
CA HIS H 68 -13.36 7.59 -13.02
C HIS H 68 -13.91 6.21 -13.32
N ILE H 69 -13.24 5.19 -12.78
CA ILE H 69 -13.64 3.80 -13.00
C ILE H 69 -15.04 3.50 -12.42
N PHE H 70 -15.34 4.06 -11.25
CA PHE H 70 -16.67 3.90 -10.65
C PHE H 70 -17.77 4.50 -11.52
N GLU H 71 -17.43 5.53 -12.29
CA GLU H 71 -18.40 6.14 -13.19
C GLU H 71 -18.61 5.30 -14.42
N ILE H 72 -17.52 4.81 -14.99
CA ILE H 72 -17.58 3.96 -16.18
C ILE H 72 -18.26 2.63 -15.88
N SER H 73 -18.01 2.10 -14.68
CA SER H 73 -18.66 0.88 -14.22
C SER H 73 -20.07 1.12 -13.69
N ARG H 74 -20.50 2.38 -13.70
CA ARG H 74 -21.82 2.80 -13.24
C ARG H 74 -22.06 2.37 -11.79
N ARG H 75 -21.17 2.80 -10.90
CA ARG H 75 -21.24 2.47 -9.48
C ARG H 75 -21.28 3.72 -8.60
N PRO H 76 -22.43 4.43 -8.58
CA PRO H 76 -22.51 5.62 -7.73
C PRO H 76 -22.30 5.27 -6.26
N ASP H 77 -22.79 4.09 -5.86
CA ASP H 77 -22.65 3.62 -4.49
C ASP H 77 -21.18 3.56 -4.04
N LEU H 78 -20.28 3.19 -4.95
CA LEU H 78 -18.85 3.14 -4.66
C LEU H 78 -18.27 4.53 -4.62
N LEU H 79 -18.53 5.30 -5.69
CA LEU H 79 -18.03 6.66 -5.84
C LEU H 79 -18.49 7.59 -4.72
N THR H 80 -19.72 7.40 -4.24
CA THR H 80 -20.27 8.20 -3.14
C THR H 80 -19.43 8.09 -1.87
N MET H 81 -18.83 6.92 -1.65
CA MET H 81 -17.96 6.66 -0.52
C MET H 81 -16.59 7.32 -0.68
N VAL H 82 -16.14 7.43 -1.94
CA VAL H 82 -14.88 8.11 -2.26
C VAL H 82 -15.05 9.61 -2.07
N VAL H 83 -16.13 10.16 -2.64
CA VAL H 83 -16.45 11.57 -2.47
C VAL H 83 -16.56 11.91 -0.99
N ASP H 84 -17.42 11.18 -0.27
CA ASP H 84 -17.68 11.42 1.14
C ASP H 84 -16.43 11.40 2.03
N TYR H 85 -15.56 10.43 1.78
CA TYR H 85 -14.28 10.39 2.51
C TYR H 85 -13.12 10.89 1.68
N ARG H 86 -13.40 11.97 0.96
CA ARG H 86 -12.42 12.89 0.42
C ARG H 86 -12.78 14.27 0.95
N THR H 87 -14.09 14.51 1.08
CA THR H 87 -14.61 15.76 1.66
C THR H 87 -14.24 15.90 3.14
N ARG H 88 -14.22 14.77 3.85
CA ARG H 88 -13.77 14.74 5.24
C ARG H 88 -12.25 14.94 5.32
N VAL H 89 -11.51 14.16 4.53
CA VAL H 89 -10.06 14.27 4.46
C VAL H 89 -9.62 15.53 3.71
PB ADP I . -3.76 30.11 -23.71
O1B ADP I . -4.33 29.45 -24.91
O2B ADP I . -4.63 31.49 -23.40
O3B ADP I . -2.19 30.57 -23.98
PA ADP I . -2.70 27.92 -22.51
O1A ADP I . -2.31 27.64 -23.89
O2A ADP I . -1.37 28.47 -21.69
O3A ADP I . -3.87 29.09 -22.41
O5' ADP I . -3.28 26.52 -21.83
C5' ADP I . -4.61 26.29 -22.30
C4' ADP I . -5.54 25.55 -21.31
O4' ADP I . -4.84 25.03 -20.15
C3' ADP I . -6.59 26.51 -20.77
O3' ADP I . -7.82 25.79 -20.54
C2' ADP I . -5.94 26.99 -19.47
O2' ADP I . -6.89 27.57 -18.57
C1' ADP I . -5.30 25.69 -18.96
N9 ADP I . -4.16 25.94 -18.06
C8 ADP I . -3.05 26.66 -18.38
N7 ADP I . -2.21 26.69 -17.33
C5 ADP I . -2.76 25.98 -16.32
C6 ADP I . -2.34 25.70 -15.01
N6 ADP I . -1.15 26.14 -14.57
N1 ADP I . -3.14 24.96 -14.22
C2 ADP I . -4.33 24.51 -14.67
N3 ADP I . -4.76 24.78 -15.93
C4 ADP I . -4.01 25.51 -16.78
S SO4 J . 14.39 39.50 -29.26
O1 SO4 J . 14.98 40.76 -29.78
O2 SO4 J . 14.34 39.52 -27.79
O3 SO4 J . 13.01 39.40 -29.78
O4 SO4 J . 15.19 38.33 -29.70
S SO4 K . 6.88 40.89 -33.83
O1 SO4 K . 8.18 41.58 -33.74
O2 SO4 K . 6.75 39.93 -32.72
O3 SO4 K . 5.82 41.92 -33.72
O4 SO4 K . 6.81 40.17 -35.12
S SO4 L . -6.62 34.31 -30.99
O1 SO4 L . -6.10 35.69 -30.99
O2 SO4 L . -5.76 33.46 -30.13
O3 SO4 L . -8.00 34.33 -30.43
O4 SO4 L . -6.64 33.77 -32.36
S SO4 M . -9.57 38.98 -38.99
O1 SO4 M . -9.37 40.43 -39.24
O2 SO4 M . -9.80 38.78 -37.54
O3 SO4 M . -10.72 38.48 -39.76
O4 SO4 M . -8.36 38.24 -39.41
PB ADP N . -15.41 21.24 -30.50
O1B ADP N . -14.45 22.31 -30.25
O2B ADP N . -16.71 21.45 -29.50
O3B ADP N . -14.72 19.78 -30.12
PA ADP N . -14.87 20.72 -33.20
O1A ADP N . -13.78 19.94 -32.62
O2A ADP N . -15.66 19.70 -34.23
O3A ADP N . -15.95 21.27 -32.07
O5' ADP N . -14.26 22.02 -34.04
C5' ADP N . -13.64 22.93 -33.13
C4' ADP N . -13.67 24.39 -33.63
O4' ADP N . -13.85 24.42 -35.05
C3' ADP N . -14.83 25.18 -33.00
O3' ADP N . -14.43 26.52 -32.72
C2' ADP N . -15.91 25.15 -34.09
O2' ADP N . -16.74 26.30 -34.06
C1' ADP N . -15.07 25.11 -35.36
N9 ADP N . -15.77 24.43 -36.44
C8 ADP N . -16.12 23.12 -36.50
N7 ADP N . -16.74 22.89 -37.68
C5 ADP N . -16.80 24.06 -38.36
C6 ADP N . -17.31 24.43 -39.61
N6 ADP N . -17.92 23.53 -40.41
N1 ADP N . -17.18 25.72 -40.00
C2 ADP N . -16.58 26.63 -39.22
N3 ADP N . -16.08 26.30 -38.02
C4 ADP N . -16.17 25.03 -37.58
S SO4 O . -22.06 0.48 -33.18
O1 SO4 O . -22.94 -0.66 -32.85
O2 SO4 O . -22.71 1.33 -34.19
O3 SO4 O . -21.84 1.23 -31.94
O4 SO4 O . -20.75 0.03 -33.70
S SO4 P . -20.12 3.72 -25.10
O1 SO4 P . -20.40 2.36 -25.59
O2 SO4 P . -19.83 4.61 -26.25
O3 SO4 P . -21.26 4.29 -24.36
O4 SO4 P . -18.91 3.66 -24.24
S SO4 Q . -15.42 17.99 -22.24
O1 SO4 Q . -16.54 17.07 -22.52
O2 SO4 Q . -14.79 18.37 -23.52
O3 SO4 Q . -15.91 19.21 -21.56
O4 SO4 Q . -14.42 17.33 -21.38
S SO4 R . -14.18 14.34 -13.44
O1 SO4 R . -14.64 15.71 -13.15
O2 SO4 R . -13.57 13.76 -12.22
O3 SO4 R . -15.34 13.52 -13.87
O4 SO4 R . -13.18 14.37 -14.52
PB ADP S . 15.05 -29.38 32.10
O1B ADP S . 14.26 -28.44 31.29
O2B ADP S . 15.54 -30.65 31.17
O3B ADP S . 14.11 -29.94 33.36
PA ADP S . 16.03 -27.40 33.73
O1A ADP S . 14.61 -27.42 34.11
O2A ADP S . 16.89 -27.61 35.13
O3A ADP S . 16.41 -28.62 32.68
O5' ADP S . 16.45 -25.94 33.06
C5' ADP S . 15.93 -25.83 31.73
C4' ADP S . 16.90 -25.16 30.72
O4' ADP S . 18.11 -24.67 31.34
C3' ADP S . 17.33 -26.16 29.65
O3' ADP S . 17.42 -25.50 28.39
C2' ADP S . 18.69 -26.64 30.19
O2' ADP S . 19.54 -27.17 29.16
C1' ADP S . 19.24 -25.35 30.77
N9 ADP S . 20.25 -25.57 31.81
C8 ADP S . 20.10 -26.28 32.96
N7 ADP S . 21.23 -26.22 33.67
C5 ADP S . 22.13 -25.48 32.98
C6 ADP S . 23.45 -25.08 33.22
N6 ADP S . 24.09 -25.46 34.34
N1 ADP S . 24.09 -24.31 32.30
C2 ADP S . 23.46 -23.91 31.18
N3 ADP S . 22.19 -24.28 30.93
C4 ADP S . 21.50 -25.06 31.81
S SO4 T . 13.23 -39.38 51.70
O1 SO4 T . 13.09 -40.74 52.25
O2 SO4 T . 14.67 -39.07 51.48
O3 SO4 T . 12.49 -39.35 50.42
O4 SO4 T . 12.65 -38.37 52.61
S SO4 U . 7.46 -40.93 45.14
O1 SO4 U . 7.34 -41.42 46.54
O2 SO4 U . 8.49 -39.88 45.04
O3 SO4 U . 7.77 -42.09 44.27
O4 SO4 U . 6.15 -40.35 44.78
S SO4 V . 7.59 -34.06 31.56
O1 SO4 V . 7.48 -35.49 31.93
O2 SO4 V . 8.29 -33.34 32.66
O3 SO4 V . 8.34 -33.88 30.30
O4 SO4 V . 6.25 -33.48 31.36
S SO4 W . -0.65 -39.07 30.31
O1 SO4 W . -1.20 -37.98 29.47
O2 SO4 W . -1.61 -40.20 30.32
O3 SO4 W . 0.64 -39.54 29.77
O4 SO4 W . -0.47 -38.56 31.69
PB ADP X . 5.54 -21.56 22.49
O1B ADP X . 6.04 -22.15 23.74
O2B ADP X . 6.23 -22.35 21.22
O3B ADP X . 5.97 -19.96 22.44
PA ADP X . 3.06 -21.17 23.65
O1A ADP X . 3.86 -20.32 24.55
O2A ADP X . 1.82 -20.22 23.12
O3A ADP X . 3.90 -21.71 22.34
O5' ADP X . 2.47 -22.49 24.48
C5' ADP X . 3.55 -23.36 24.84
C4' ADP X . 3.24 -24.84 24.61
O4' ADP X . 1.82 -25.08 24.70
C3' ADP X . 3.70 -25.31 23.23
O3' ADP X . 4.33 -26.59 23.33
C2' ADP X . 2.42 -25.39 22.40
O2' ADP X . 2.46 -26.50 21.51
C1' ADP X . 1.31 -25.57 23.44
N9 ADP X . 0.08 -24.86 23.08
C8 ADP X . -0.04 -23.53 22.83
N7 ADP X . -1.33 -23.23 22.52
C5 ADP X . -2.04 -24.38 22.57
C6 ADP X . -3.39 -24.66 22.35
N6 ADP X . -4.24 -23.69 22.02
N1 ADP X . -3.81 -25.95 22.48
C2 ADP X . -2.94 -26.93 22.82
N3 ADP X . -1.63 -26.67 23.04
C4 ADP X . -1.16 -25.41 22.93
S SO4 Y . 1.68 -0.41 17.07
O1 SO4 Y . 2.00 0.67 16.12
O2 SO4 Y . 0.71 -1.33 16.44
O3 SO4 Y . 2.94 -1.10 17.40
O4 SO4 Y . 1.11 0.14 18.32
S SO4 Z . 10.05 -3.53 17.50
O1 SO4 Z . 10.23 -3.35 16.04
O2 SO4 Z . 9.20 -4.71 17.75
O3 SO4 Z . 11.36 -3.80 18.15
O4 SO4 Z . 9.45 -2.31 18.06
S SO4 AA . 13.46 -17.56 21.59
O1 SO4 AA . 13.99 -16.18 21.58
O2 SO4 AA . 11.98 -17.51 21.47
O3 SO4 AA . 14.03 -18.30 20.45
O4 SO4 AA . 13.84 -18.20 22.87
S SO4 BA . 22.54 -14.30 20.68
O1 SO4 BA . 21.41 -14.92 19.94
O2 SO4 BA . 22.96 -15.22 21.77
O3 SO4 BA . 23.68 -14.07 19.77
O4 SO4 BA . 22.08 -13.02 21.26
#